data_3DVZ
# 
_entry.id   3DVZ 
# 
_audit_conform.dict_name       mmcif_pdbx.dic 
_audit_conform.dict_version    5.377 
_audit_conform.dict_location   http://mmcif.pdb.org/dictionaries/ascii/mmcif_pdbx.dic 
# 
loop_
_database_2.database_id 
_database_2.database_code 
_database_2.pdbx_database_accession 
_database_2.pdbx_DOI 
PDB   3DVZ         pdb_00003dvz 10.2210/pdb3dvz/pdb 
NDB   UR0161       ?            ?                   
RCSB  RCSB048557   ?            ?                   
WWPDB D_1000048557 ?            ?                   
# 
loop_
_pdbx_database_related.db_name 
_pdbx_database_related.db_id 
_pdbx_database_related.details 
_pdbx_database_related.content_type 
PDB 1q9a 'Crystal structure of the sarcin/ricin domain from E.coli 23S rRNA at 1.04 resolution' unspecified 
PDB 3DW4 .                                                                                      unspecified 
PDB 3DW5 .                                                                                      unspecified 
PDB 3DW6 .                                                                                      unspecified 
PDB 3DW7 .                                                                                      unspecified 
PDB 483D .                                                                                      unspecified 
# 
_pdbx_database_status.entry_id                        3DVZ 
_pdbx_database_status.deposit_site                    RCSB 
_pdbx_database_status.process_site                    RCSB 
_pdbx_database_status.recvd_initial_deposition_date   2008-07-21 
_pdbx_database_status.status_code                     REL 
_pdbx_database_status.status_code_sf                  REL 
_pdbx_database_status.status_code_mr                  ? 
_pdbx_database_status.SG_entry                        ? 
_pdbx_database_status.pdb_format_compatible           Y 
_pdbx_database_status.status_code_cs                  ? 
_pdbx_database_status.methods_development_category    ? 
_pdbx_database_status.status_code_nmr_data            ? 
# 
loop_
_audit_author.name 
_audit_author.pdbx_ordinal 
_audit_author.identifier_ORCID 
'Olieric, V.'        1 ? 
'Rieder, U.'         2 ? 
'Lang, K.'           3 ? 
'Serganov, A.'       4 ? 
'Schulze-Briese, C.' 5 ? 
'Micura, R.'         6 ? 
'Dumas, P.'          7 ? 
'Ennifar, E.'        8 ? 
# 
_citation.id                        primary 
_citation.title                     'A fast selenium derivatization strategy for crystallization and phasing of RNA structures.' 
_citation.journal_abbrev            Rna 
_citation.journal_volume            15 
_citation.page_first                707 
_citation.page_last                 715 
_citation.year                      2009 
_citation.journal_id_ASTM           RNARFU 
_citation.country                   UK 
_citation.journal_id_ISSN           1355-8382 
_citation.journal_id_CSD            2122 
_citation.book_publisher            ? 
_citation.pdbx_database_id_PubMed   19228585 
_citation.pdbx_database_id_DOI      10.1261/rna.1499309 
# 
loop_
_citation_author.citation_id 
_citation_author.name 
_citation_author.ordinal 
_citation_author.identifier_ORCID 
primary 'Olieric, V.'        1 ? 
primary 'Rieder, U.'         2 ? 
primary 'Lang, K.'           3 ? 
primary 'Serganov, A.'       4 ? 
primary 'Schulze-Briese, C.' 5 ? 
primary 'Micura, R.'         6 ? 
primary 'Dumas, P.'          7 ? 
primary 'Ennifar, E.'        8 ? 
# 
_cell.length_a           29.540 
_cell.length_b           29.540 
_cell.length_c           76.190 
_cell.angle_alpha        90.000 
_cell.angle_beta         90.000 
_cell.angle_gamma        90.000 
_cell.entry_id           3DVZ 
_cell.pdbx_unique_axis   ? 
_cell.Z_PDB              4 
_cell.length_a_esd       ? 
_cell.length_b_esd       ? 
_cell.length_c_esd       ? 
_cell.angle_alpha_esd    ? 
_cell.angle_beta_esd     ? 
_cell.angle_gamma_esd    ? 
# 
_symmetry.space_group_name_H-M             'P 43' 
_symmetry.entry_id                         3DVZ 
_symmetry.Int_Tables_number                78 
_symmetry.pdbx_full_space_group_name_H-M   ? 
_symmetry.cell_setting                     ? 
_symmetry.space_group_name_Hall            ? 
# 
loop_
_entity.id 
_entity.type 
_entity.src_method 
_entity.pdbx_description 
_entity.formula_weight 
_entity.pdbx_number_of_molecules 
_entity.pdbx_ec 
_entity.pdbx_mutation 
_entity.pdbx_fragment 
_entity.details 
1 polymer     syn 'Sarcin/Ricin Domain from E. Coli 23 S rRNA' 8744.255 1   ? ? ? ? 
2 non-polymer syn GLYCEROL                                     92.094   1   ? ? ? ? 
3 water       nat water                                        18.015   148 ? ? ? ? 
# 
_entity_poly.entity_id                      1 
_entity_poly.type                           polyribonucleotide 
_entity_poly.nstd_linkage                   no 
_entity_poly.nstd_monomer                   no 
_entity_poly.pdbx_seq_one_letter_code       UGCUCCUAGUACGAGAGGACCGGAGUG 
_entity_poly.pdbx_seq_one_letter_code_can   UGCUCCUAGUACGAGAGGACCGGAGUG 
_entity_poly.pdbx_strand_id                 A 
_entity_poly.pdbx_target_identifier         ? 
# 
loop_
_entity_poly_seq.entity_id 
_entity_poly_seq.num 
_entity_poly_seq.mon_id 
_entity_poly_seq.hetero 
1 1  U n 
1 2  G n 
1 3  C n 
1 4  U n 
1 5  C n 
1 6  C n 
1 7  U n 
1 8  A n 
1 9  G n 
1 10 U n 
1 11 A n 
1 12 C n 
1 13 G n 
1 14 A n 
1 15 G n 
1 16 A n 
1 17 G n 
1 18 G n 
1 19 A n 
1 20 C n 
1 21 C n 
1 22 G n 
1 23 G n 
1 24 A n 
1 25 G n 
1 26 U n 
1 27 G n 
# 
_struct_ref.id                         1 
_struct_ref.db_name                    PDB 
_struct_ref.db_code                    3DVZ 
_struct_ref.pdbx_db_accession          3DVZ 
_struct_ref.entity_id                  1 
_struct_ref.pdbx_align_begin           2647 
_struct_ref.pdbx_seq_one_letter_code   UGCUCCUAGUACGAGAGGACCGGAGUG 
_struct_ref.pdbx_db_isoform            ? 
# 
_struct_ref_seq.align_id                      1 
_struct_ref_seq.ref_id                        1 
_struct_ref_seq.pdbx_PDB_id_code              3DVZ 
_struct_ref_seq.pdbx_strand_id                A 
_struct_ref_seq.seq_align_beg                 1 
_struct_ref_seq.pdbx_seq_align_beg_ins_code   ? 
_struct_ref_seq.seq_align_end                 27 
_struct_ref_seq.pdbx_seq_align_end_ins_code   ? 
_struct_ref_seq.pdbx_db_accession             3DVZ 
_struct_ref_seq.db_align_beg                  2647 
_struct_ref_seq.pdbx_db_align_beg_ins_code    ? 
_struct_ref_seq.db_align_end                  2673 
_struct_ref_seq.pdbx_db_align_end_ins_code    ? 
_struct_ref_seq.pdbx_auth_seq_align_beg       2647 
_struct_ref_seq.pdbx_auth_seq_align_end       2673 
# 
loop_
_chem_comp.id 
_chem_comp.type 
_chem_comp.mon_nstd_flag 
_chem_comp.name 
_chem_comp.pdbx_synonyms 
_chem_comp.formula 
_chem_comp.formula_weight 
A   'RNA linking' y "ADENOSINE-5'-MONOPHOSPHATE" ?                               'C10 H14 N5 O7 P' 347.221 
C   'RNA linking' y "CYTIDINE-5'-MONOPHOSPHATE"  ?                               'C9 H14 N3 O8 P'  323.197 
G   'RNA linking' y "GUANOSINE-5'-MONOPHOSPHATE" ?                               'C10 H14 N5 O8 P' 363.221 
GOL non-polymer   . GLYCEROL                     'GLYCERIN; PROPANE-1,2,3-TRIOL' 'C3 H8 O3'        92.094  
HOH non-polymer   . WATER                        ?                               'H2 O'            18.015  
U   'RNA linking' y "URIDINE-5'-MONOPHOSPHATE"   ?                               'C9 H13 N2 O9 P'  324.181 
# 
_exptl.crystals_number   1 
_exptl.entry_id          3DVZ 
_exptl.method            'X-RAY DIFFRACTION' 
# 
_exptl_crystal.id                    1 
_exptl_crystal.density_Matthews      1.90 
_exptl_crystal.density_meas          ? 
_exptl_crystal.density_percent_sol   35.29 
_exptl_crystal.description           ? 
_exptl_crystal.F_000                 ? 
_exptl_crystal.preparation           ? 
# 
_exptl_crystal_grow.crystal_id      1 
_exptl_crystal_grow.method          'VAPOR DIFFUSION, HANGING DROP' 
_exptl_crystal_grow.pH              7.0 
_exptl_crystal_grow.temp            293 
_exptl_crystal_grow.pdbx_details    
'3.2 M (NH4)2SO4, 50 mM K-MOPS pH 7.0, 10 mM MgCl2, 10 mM MnCl2, vapor diffusion, hanging drop, temperature 293K' 
_exptl_crystal_grow.temp_details    ? 
_exptl_crystal_grow.pdbx_pH_range   . 
# 
loop_
_exptl_crystal_grow_comp.crystal_id 
_exptl_crystal_grow_comp.id 
_exptl_crystal_grow_comp.sol_id 
_exptl_crystal_grow_comp.name 
_exptl_crystal_grow_comp.conc 
_exptl_crystal_grow_comp.volume 
_exptl_crystal_grow_comp.details 
1 1  1 '(NH4)2SO4' ? ? ? 
1 2  1 K-MOPS      ? ? ? 
1 3  1 MgCl2       ? ? ? 
1 4  1 MnCl2       ? ? ? 
1 5  1 H2O         ? ? ? 
1 6  2 '(NH4)2SO4' ? ? ? 
1 7  2 K-MOPS      ? ? ? 
1 8  2 MgCl2       ? ? ? 
1 9  2 MnCl2       ? ? ? 
1 10 2 H2O         ? ? ? 
# 
_diffrn.id                     1 
_diffrn.ambient_temp           90 
_diffrn.ambient_temp_details   ? 
_diffrn.crystal_id             1 
# 
_diffrn_detector.diffrn_id              1 
_diffrn_detector.detector               PIXEL 
_diffrn_detector.type                   'PSI PILATUS 6M' 
_diffrn_detector.pdbx_collection_date   2008-04-22 
_diffrn_detector.details                ? 
# 
_diffrn_radiation.diffrn_id                        1 
_diffrn_radiation.pdbx_diffrn_protocol             'SINGLE WAVELENGTH' 
_diffrn_radiation.monochromator                    ? 
_diffrn_radiation.wavelength_id                    1 
_diffrn_radiation.pdbx_monochromatic_or_laue_m_l   M 
_diffrn_radiation.pdbx_scattering_type             x-ray 
# 
_diffrn_radiation_wavelength.id           1 
_diffrn_radiation_wavelength.wavelength   0.85 
_diffrn_radiation_wavelength.wt           1.0 
# 
_diffrn_source.diffrn_id                   1 
_diffrn_source.source                      SYNCHROTRON 
_diffrn_source.type                        'SLS BEAMLINE X06SA' 
_diffrn_source.pdbx_wavelength_list        0.85 
_diffrn_source.pdbx_wavelength             ? 
_diffrn_source.pdbx_synchrotron_site       SLS 
_diffrn_source.pdbx_synchrotron_beamline   X06SA 
# 
_reflns.entry_id                     3DVZ 
_reflns.d_resolution_high            1.000 
_reflns.number_obs                   33970 
_reflns.pdbx_Rmerge_I_obs            ? 
_reflns.pdbx_netI_over_sigmaI        28.370 
_reflns.percent_possible_obs         96.600 
_reflns.B_iso_Wilson_estimate        13.872 
_reflns.observed_criterion_sigma_I   ? 
_reflns.observed_criterion_sigma_F   ? 
_reflns.d_resolution_low             ? 
_reflns.number_all                   ? 
_reflns.pdbx_Rsym_value              0.040 
_reflns.pdbx_redundancy              11.8 
_reflns.R_free_details               ? 
_reflns.limit_h_max                  ? 
_reflns.limit_h_min                  ? 
_reflns.limit_k_max                  ? 
_reflns.limit_k_min                  ? 
_reflns.limit_l_max                  ? 
_reflns.limit_l_min                  ? 
_reflns.observed_criterion_F_max     ? 
_reflns.observed_criterion_F_min     ? 
_reflns.pdbx_chi_squared             ? 
_reflns.pdbx_scaling_rejects         ? 
_reflns.pdbx_ordinal                 1 
_reflns.pdbx_diffrn_id               1 
# 
_reflns_shell.d_res_high             1.00 
_reflns_shell.d_res_low              1.10 
_reflns_shell.number_measured_obs    59134 
_reflns_shell.number_measured_all    ? 
_reflns_shell.number_unique_obs      7559 
_reflns_shell.Rmerge_I_obs           ? 
_reflns_shell.meanI_over_sigI_obs    3.9 
_reflns_shell.pdbx_Rsym_value        0.506 
_reflns_shell.pdbx_chi_squared       ? 
_reflns_shell.pdbx_redundancy        ? 
_reflns_shell.percent_possible_obs   ? 
_reflns_shell.number_unique_all      ? 
_reflns_shell.percent_possible_all   86.40 
_reflns_shell.pdbx_ordinal           1 
_reflns_shell.pdbx_diffrn_id         1 
# 
_refine.entry_id                                 3DVZ 
_refine.ls_d_res_high                            1.000 
_refine.ls_d_res_low                             27.542 
_refine.pdbx_ls_sigma_F                          2.01 
_refine.ls_percent_reflns_obs                    96.620 
_refine.ls_number_reflns_obs                     33970 
_refine.ls_R_factor_obs                          0.150 
_refine.ls_R_factor_R_work                       0.149 
_refine.ls_R_factor_R_free                       0.165 
_refine.ls_percent_reflns_R_free                 5.070 
_refine.ls_number_reflns_R_free                  1723 
_refine.B_iso_mean                               15.434 
_refine.solvent_model_param_bsol                 49.988 
_refine.solvent_model_param_ksol                 0.456 
_refine.aniso_B[1][1]                            -0.594 
_refine.aniso_B[2][2]                            -0.594 
_refine.aniso_B[3][3]                            1.188 
_refine.aniso_B[1][2]                            -0.000 
_refine.aniso_B[1][3]                            0.000 
_refine.aniso_B[2][3]                            -0.000 
_refine.overall_SU_ML                            0.120 
_refine.solvent_model_details                    'FLAT BULK SOLVENT MODEL' 
_refine.pdbx_solvent_vdw_probe_radii             1.110 
_refine.pdbx_solvent_shrinkage_radii             0.900 
_refine.pdbx_method_to_determine_struct          ? 
_refine.pdbx_stereochemistry_target_values       ML 
_refine.B_iso_max                                39.14 
_refine.B_iso_min                                7.72 
_refine.occupancy_max                            1.00 
_refine.occupancy_min                            0.00 
_refine.pdbx_ls_sigma_I                          ? 
_refine.ls_number_reflns_all                     ? 
_refine.ls_R_factor_all                          ? 
_refine.ls_redundancy_reflns_obs                 ? 
_refine.pdbx_data_cutoff_high_absF               ? 
_refine.pdbx_data_cutoff_low_absF                ? 
_refine.ls_number_parameters                     ? 
_refine.ls_number_restraints                     ? 
_refine.ls_R_factor_R_free_error                 ? 
_refine.ls_R_factor_R_free_error_details         ? 
_refine.pdbx_starting_model                      1q9a 
_refine.pdbx_ls_cross_valid_method               ? 
_refine.pdbx_R_Free_selection_details            RANDOM 
_refine.pdbx_stereochem_target_val_spec_case     ? 
_refine.pdbx_isotropic_thermal_model             ? 
_refine.details                                  ? 
_refine.correlation_coeff_Fo_to_Fc               ? 
_refine.correlation_coeff_Fo_to_Fc_free          ? 
_refine.pdbx_solvent_ion_probe_radii             ? 
_refine.overall_SU_R_Cruickshank_DPI             ? 
_refine.overall_SU_R_free                        ? 
_refine.overall_SU_B                             ? 
_refine.pdbx_overall_ESU_R_Free                  ? 
_refine.pdbx_data_cutoff_high_rms_absF           ? 
_refine.pdbx_overall_ESU_R                       ? 
_refine.ls_wR_factor_R_free                      ? 
_refine.ls_wR_factor_R_work                      ? 
_refine.overall_FOM_free_R_set                   ? 
_refine.overall_FOM_work_R_set                   ? 
_refine.pdbx_overall_phase_error                 ? 
_refine.pdbx_refine_id                           'X-RAY DIFFRACTION' 
_refine.pdbx_diffrn_id                           1 
_refine.pdbx_TLS_residual_ADP_flag               ? 
_refine.pdbx_overall_SU_R_free_Cruickshank_DPI   ? 
_refine.pdbx_overall_SU_R_Blow_DPI               ? 
_refine.pdbx_overall_SU_R_free_Blow_DPI          ? 
# 
_refine_hist.pdbx_refine_id                   'X-RAY DIFFRACTION' 
_refine_hist.cycle_id                         LAST 
_refine_hist.pdbx_number_atoms_protein        0 
_refine_hist.pdbx_number_atoms_nucleic_acid   579 
_refine_hist.pdbx_number_atoms_ligand         6 
_refine_hist.number_atoms_solvent             148 
_refine_hist.number_atoms_total               733 
_refine_hist.d_res_high                       1.000 
_refine_hist.d_res_low                        27.542 
# 
loop_
_refine_ls_restr.type 
_refine_ls_restr.number 
_refine_ls_restr.dev_ideal 
_refine_ls_restr.dev_ideal_target 
_refine_ls_restr.weight 
_refine_ls_restr.pdbx_refine_id 
_refine_ls_restr.pdbx_restraint_function 
f_bond_d           718  0.003  ? ? 'X-RAY DIFFRACTION' ? 
f_angle_d          1125 0.941  ? ? 'X-RAY DIFFRACTION' ? 
f_chiral_restr     148  0.044  ? ? 'X-RAY DIFFRACTION' ? 
f_plane_restr      29   0.004  ? ? 'X-RAY DIFFRACTION' ? 
f_dihedral_angle_d 302  19.728 ? ? 'X-RAY DIFFRACTION' ? 
# 
loop_
_refine_ls_shell.d_res_high 
_refine_ls_shell.d_res_low 
_refine_ls_shell.pdbx_total_number_of_bins_used 
_refine_ls_shell.percent_reflns_obs 
_refine_ls_shell.number_reflns_R_work 
_refine_ls_shell.R_factor_all 
_refine_ls_shell.R_factor_R_work 
_refine_ls_shell.R_factor_R_free 
_refine_ls_shell.percent_reflns_R_free 
_refine_ls_shell.number_reflns_R_free 
_refine_ls_shell.R_factor_R_free_error 
_refine_ls_shell.number_reflns_all 
_refine_ls_shell.number_reflns_obs 
_refine_ls_shell.redundancy_reflns_obs 
_refine_ls_shell.pdbx_refine_id 
1.000 1.029  12 75.000  2091 . 0.234 0.249 . 100 . 2191 . . 'X-RAY DIFFRACTION' 
1.029 1.063  12 88.000  2458 . 0.216 0.235 . 115 . 2573 . . 'X-RAY DIFFRACTION' 
1.063 1.101  12 97.000  2685 . 0.170 0.191 . 144 . 2829 . . 'X-RAY DIFFRACTION' 
1.101 1.145  12 100.000 2758 . 0.143 0.168 . 149 . 2907 . . 'X-RAY DIFFRACTION' 
1.145 1.197  12 100.000 2771 . 0.141 0.161 . 158 . 2929 . . 'X-RAY DIFFRACTION' 
1.197 1.260  12 100.000 2771 . 0.140 0.163 . 152 . 2923 . . 'X-RAY DIFFRACTION' 
1.260 1.339  12 100.000 2807 . 0.144 0.174 . 131 . 2938 . . 'X-RAY DIFFRACTION' 
1.339 1.442  12 100.000 2753 . 0.146 0.170 . 151 . 2904 . . 'X-RAY DIFFRACTION' 
1.442 1.587  12 100.000 2770 . 0.147 0.159 . 168 . 2938 . . 'X-RAY DIFFRACTION' 
1.587 1.817  12 100.000 2801 . 0.127 0.140 . 141 . 2942 . . 'X-RAY DIFFRACTION' 
1.817 2.289  12 100.000 2780 . 0.147 0.142 . 163 . 2943 . . 'X-RAY DIFFRACTION' 
2.289 27.553 12 100.000 2802 . 0.147 0.166 . 151 . 2953 . . 'X-RAY DIFFRACTION' 
# 
_struct.entry_id                  3DVZ 
_struct.title                     'Crystal Structure of the Sarcin/Ricin Domain from E. coli 23 S rRNA' 
_struct.pdbx_model_details        ? 
_struct.pdbx_CASP_flag            ? 
_struct.pdbx_model_type_details   ? 
# 
_struct_keywords.entry_id        3DVZ 
_struct_keywords.text            'RNA, Sarcin Ricin Loop' 
_struct_keywords.pdbx_keywords   RNA 
# 
loop_
_struct_asym.id 
_struct_asym.pdbx_blank_PDB_chainid_flag 
_struct_asym.pdbx_modified 
_struct_asym.entity_id 
_struct_asym.details 
A N N 1 ? 
B N N 2 ? 
C N N 3 ? 
# 
loop_
_struct_conn.id 
_struct_conn.conn_type_id 
_struct_conn.pdbx_leaving_atom_flag 
_struct_conn.pdbx_PDB_id 
_struct_conn.ptnr1_label_asym_id 
_struct_conn.ptnr1_label_comp_id 
_struct_conn.ptnr1_label_seq_id 
_struct_conn.ptnr1_label_atom_id 
_struct_conn.pdbx_ptnr1_label_alt_id 
_struct_conn.pdbx_ptnr1_PDB_ins_code 
_struct_conn.pdbx_ptnr1_standard_comp_id 
_struct_conn.ptnr1_symmetry 
_struct_conn.ptnr2_label_asym_id 
_struct_conn.ptnr2_label_comp_id 
_struct_conn.ptnr2_label_seq_id 
_struct_conn.ptnr2_label_atom_id 
_struct_conn.pdbx_ptnr2_label_alt_id 
_struct_conn.pdbx_ptnr2_PDB_ins_code 
_struct_conn.ptnr1_auth_asym_id 
_struct_conn.ptnr1_auth_comp_id 
_struct_conn.ptnr1_auth_seq_id 
_struct_conn.ptnr2_auth_asym_id 
_struct_conn.ptnr2_auth_comp_id 
_struct_conn.ptnr2_auth_seq_id 
_struct_conn.ptnr2_symmetry 
_struct_conn.pdbx_ptnr3_label_atom_id 
_struct_conn.pdbx_ptnr3_label_seq_id 
_struct_conn.pdbx_ptnr3_label_comp_id 
_struct_conn.pdbx_ptnr3_label_asym_id 
_struct_conn.pdbx_ptnr3_label_alt_id 
_struct_conn.pdbx_ptnr3_PDB_ins_code 
_struct_conn.details 
_struct_conn.pdbx_dist_value 
_struct_conn.pdbx_value_order 
_struct_conn.pdbx_role 
hydrog1  hydrog ? ? A G 2  N1 A ? ? 1_555 A U 26 O2 ? ? A G 2648 A U 2672 1_555 ? ? ? ? ? ? TYPE_28_PAIR         ? ? ? 
hydrog2  hydrog ? ? A G 2  O6 A ? ? 1_555 A U 26 N3 ? ? A G 2648 A U 2672 1_555 ? ? ? ? ? ? TYPE_28_PAIR         ? ? ? 
hydrog3  hydrog ? ? A C 3  N3 A ? ? 1_555 A G 25 N1 ? ? A C 2649 A G 2671 1_555 ? ? ? ? ? ? WATSON-CRICK         ? ? ? 
hydrog4  hydrog ? ? A C 3  N4 A ? ? 1_555 A G 25 O6 ? ? A C 2649 A G 2671 1_555 ? ? ? ? ? ? WATSON-CRICK         ? ? ? 
hydrog5  hydrog ? ? A C 3  O2 A ? ? 1_555 A G 25 N2 ? ? A C 2649 A G 2671 1_555 ? ? ? ? ? ? WATSON-CRICK         ? ? ? 
hydrog6  hydrog ? ? A U 4  N3 ? ? ? 1_555 A A 24 N1 ? ? A U 2650 A A 2670 1_555 ? ? ? ? ? ? WATSON-CRICK         ? ? ? 
hydrog7  hydrog ? ? A U 4  O4 ? ? ? 1_555 A A 24 N6 ? ? A U 2650 A A 2670 1_555 ? ? ? ? ? ? WATSON-CRICK         ? ? ? 
hydrog8  hydrog ? ? A C 5  N3 ? ? ? 1_555 A G 23 N1 ? ? A C 2651 A G 2669 1_555 ? ? ? ? ? ? WATSON-CRICK         ? ? ? 
hydrog9  hydrog ? ? A C 5  N4 ? ? ? 1_555 A G 23 O6 ? ? A C 2651 A G 2669 1_555 ? ? ? ? ? ? WATSON-CRICK         ? ? ? 
hydrog10 hydrog ? ? A C 5  O2 ? ? ? 1_555 A G 23 N2 ? ? A C 2651 A G 2669 1_555 ? ? ? ? ? ? WATSON-CRICK         ? ? ? 
hydrog11 hydrog ? ? A C 6  N3 ? ? ? 1_555 A G 22 N1 ? ? A C 2652 A G 2668 1_555 ? ? ? ? ? ? WATSON-CRICK         ? ? ? 
hydrog12 hydrog ? ? A C 6  N4 ? ? ? 1_555 A G 22 O6 ? ? A C 2652 A G 2668 1_555 ? ? ? ? ? ? WATSON-CRICK         ? ? ? 
hydrog13 hydrog ? ? A C 6  O2 ? ? ? 1_555 A G 22 N2 ? ? A C 2652 A G 2668 1_555 ? ? ? ? ? ? WATSON-CRICK         ? ? ? 
hydrog14 hydrog ? ? A U 7  O2 ? ? ? 1_555 A C 21 N4 ? ? A U 2653 A C 2667 1_555 ? ? ? ? ? ? 'U-C MISPAIR'        ? ? ? 
hydrog15 hydrog ? ? A G 9  N2 ? ? ? 1_555 A U 10 O4 ? ? A G 2655 A U 2656 1_555 ? ? ? ? ? ? 'G-U MISPAIR'        ? ? ? 
hydrog16 hydrog ? ? A U 10 N3 ? ? ? 1_555 A A 19 N7 ? ? A U 2656 A A 2665 1_555 ? ? ? ? ? ? 'REVERSED HOOGSTEEN' ? ? ? 
hydrog17 hydrog ? ? A U 10 O2 ? ? ? 1_555 A A 19 N6 ? ? A U 2656 A A 2665 1_555 ? ? ? ? ? ? 'REVERSED HOOGSTEEN' ? ? ? 
hydrog18 hydrog ? ? A A 11 N6 ? ? ? 1_555 A G 18 N3 ? ? A A 2657 A G 2664 1_555 ? ? ? ? ? ? TYPE_11_PAIR         ? ? ? 
hydrog19 hydrog ? ? A A 11 N7 ? ? ? 1_555 A G 18 N2 ? ? A A 2657 A G 2664 1_555 ? ? ? ? ? ? TYPE_11_PAIR         ? ? ? 
hydrog20 hydrog ? ? A C 12 N3 ? ? ? 1_555 A G 17 N1 ? ? A C 2658 A G 2663 1_555 ? ? ? ? ? ? WATSON-CRICK         ? ? ? 
hydrog21 hydrog ? ? A C 12 N4 ? ? ? 1_555 A G 17 O6 ? ? A C 2658 A G 2663 1_555 ? ? ? ? ? ? WATSON-CRICK         ? ? ? 
hydrog22 hydrog ? ? A C 12 O2 ? ? ? 1_555 A G 17 N2 ? ? A C 2658 A G 2663 1_555 ? ? ? ? ? ? WATSON-CRICK         ? ? ? 
hydrog23 hydrog ? ? A G 13 N2 ? ? ? 1_555 A A 16 N7 ? ? A G 2659 A A 2662 1_555 ? ? ? ? ? ? 'G-A MISPAIR'        ? ? ? 
# 
_struct_conn_type.id          hydrog 
_struct_conn_type.criteria    ? 
_struct_conn_type.reference   ? 
# 
_struct_site.id                   AC1 
_struct_site.pdbx_evidence_code   Software 
_struct_site.pdbx_auth_asym_id    A 
_struct_site.pdbx_auth_comp_id    GOL 
_struct_site.pdbx_auth_seq_id     1 
_struct_site.pdbx_auth_ins_code   ? 
_struct_site.pdbx_num_residues    9 
_struct_site.details              'BINDING SITE FOR RESIDUE GOL A 1' 
# 
loop_
_struct_site_gen.id 
_struct_site_gen.site_id 
_struct_site_gen.pdbx_num_res 
_struct_site_gen.label_comp_id 
_struct_site_gen.label_asym_id 
_struct_site_gen.label_seq_id 
_struct_site_gen.pdbx_auth_ins_code 
_struct_site_gen.auth_comp_id 
_struct_site_gen.auth_asym_id 
_struct_site_gen.auth_seq_id 
_struct_site_gen.label_atom_id 
_struct_site_gen.label_alt_id 
_struct_site_gen.symmetry 
_struct_site_gen.details 
1 AC1 9 U   A 1  ? U   A 2647 . ? 1_655 ? 
2 AC1 9 U   A 7  ? U   A 2653 . ? 1_555 ? 
3 AC1 9 A   A 8  ? A   A 2654 . ? 1_555 ? 
4 AC1 9 U   A 10 ? U   A 2656 . ? 1_555 ? 
5 AC1 9 A   A 14 ? A   A 2660 . ? 1_565 ? 
6 AC1 9 C   A 20 ? C   A 2666 . ? 1_555 ? 
7 AC1 9 HOH C .  ? HOH A 2720 . ? 1_555 ? 
8 AC1 9 HOH C .  ? HOH A 2759 . ? 1_655 ? 
9 AC1 9 HOH C .  ? HOH A 2804 . ? 1_555 ? 
# 
_atom_sites.entry_id                    3DVZ 
_atom_sites.fract_transf_matrix[1][1]   -0.01978408 
_atom_sites.fract_transf_matrix[1][2]   -0.00476683 
_atom_sites.fract_transf_matrix[1][3]   -0.02705227 
_atom_sites.fract_transf_matrix[2][1]   0.02646427 
_atom_sites.fract_transf_matrix[2][2]   0.00562671 
_atom_sites.fract_transf_matrix[2][3]   -0.02034552 
_atom_sites.fract_transf_matrix[3][1]   0.00285415 
_atom_sites.fract_transf_matrix[3][2]   -0.01280978 
_atom_sites.fract_transf_matrix[3][3]   0.00016987 
_atom_sites.fract_transf_vector[1]      -0.357994 
_atom_sites.fract_transf_vector[2]      1.663675 
_atom_sites.fract_transf_vector[3]      -0.173584 
# 
loop_
_atom_type.symbol 
C 
H 
N 
O 
P 
# 
loop_
_atom_site.group_PDB 
_atom_site.id 
_atom_site.type_symbol 
_atom_site.label_atom_id 
_atom_site.label_alt_id 
_atom_site.label_comp_id 
_atom_site.label_asym_id 
_atom_site.label_entity_id 
_atom_site.label_seq_id 
_atom_site.pdbx_PDB_ins_code 
_atom_site.Cartn_x 
_atom_site.Cartn_y 
_atom_site.Cartn_z 
_atom_site.occupancy 
_atom_site.B_iso_or_equiv 
_atom_site.pdbx_formal_charge 
_atom_site.auth_seq_id 
_atom_site.auth_comp_id 
_atom_site.auth_asym_id 
_atom_site.auth_atom_id 
_atom_site.pdbx_PDB_model_num 
ATOM   1   O "O5'" . U   A 1 1  ? 14.255  -3.772  12.670  1.00 32.33 ? 2647 U   A "O5'" 1 
ATOM   2   C "C5'" . U   A 1 1  ? 14.008  -2.375  12.772  1.00 26.59 ? 2647 U   A "C5'" 1 
ATOM   3   C "C4'" . U   A 1 1  ? 13.876  -1.746  11.396  1.00 27.29 ? 2647 U   A "C4'" 1 
ATOM   4   O "O4'" . U   A 1 1  ? 15.198  -1.543  10.833  1.00 30.85 ? 2647 U   A "O4'" 1 
ATOM   5   C "C3'" . U   A 1 1  ? 13.129  -2.590  10.373  1.00 25.39 ? 2647 U   A "C3'" 1 
ATOM   6   O "O3'" A U   A 1 1  ? 12.566  -1.708  9.405   0.50 29.50 ? 2647 U   A "O3'" 1 
ATOM   7   O "O3'" B U   A 1 1  ? 12.532  -1.797  9.369   0.50 26.15 ? 2647 U   A "O3'" 1 
ATOM   8   C "C2'" . U   A 1 1  ? 14.263  -3.418  9.787   1.00 22.81 ? 2647 U   A "C2'" 1 
ATOM   9   O "O2'" . U   A 1 1  ? 13.964  -3.929  8.503   1.00 21.84 ? 2647 U   A "O2'" 1 
ATOM   10  C "C1'" . U   A 1 1  ? 15.354  -2.359  9.688   1.00 23.49 ? 2647 U   A "C1'" 1 
ATOM   11  N N1    . U   A 1 1  ? 16.720  -2.941  9.690   1.00 22.14 ? 2647 U   A N1    1 
ATOM   12  C C2    . U   A 1 1  ? 17.392  -3.090  8.495   1.00 21.79 ? 2647 U   A C2    1 
ATOM   13  O O2    . U   A 1 1  ? 16.925  -2.757  7.420   1.00 23.70 ? 2647 U   A O2    1 
ATOM   14  N N3    . U   A 1 1  ? 18.643  -3.642  8.603   1.00 21.78 ? 2647 U   A N3    1 
ATOM   15  C C4    . U   A 1 1  ? 19.273  -4.053  9.763   1.00 21.40 ? 2647 U   A C4    1 
ATOM   16  O O4    . U   A 1 1  ? 20.400  -4.531  9.705   1.00 26.24 ? 2647 U   A O4    1 
ATOM   17  C C5    . U   A 1 1  ? 18.508  -3.869  10.968  1.00 24.37 ? 2647 U   A C5    1 
ATOM   18  C C6    . U   A 1 1  ? 17.285  -3.332  10.886  1.00 20.39 ? 2647 U   A C6    1 
ATOM   19  P P     A G   A 1 2  ? 10.989  -1.669  9.123   0.50 27.87 ? 2648 G   A P     1 
ATOM   20  P P     B G   A 1 2  ? 11.142  -2.276  8.741   0.50 17.96 ? 2648 G   A P     1 
ATOM   21  O OP1   A G   A 1 2  ? 10.333  -2.551  10.112  0.50 27.88 ? 2648 G   A OP1   1 
ATOM   22  O OP1   B G   A 1 2  ? 10.698  -3.491  9.463   0.50 21.54 ? 2648 G   A OP1   1 
ATOM   23  O OP2   A G   A 1 2  ? 10.788  -1.908  7.676   0.50 30.99 ? 2648 G   A OP2   1 
ATOM   24  O OP2   B G   A 1 2  ? 11.271  -2.291  7.267   0.50 25.41 ? 2648 G   A OP2   1 
ATOM   25  O "O5'" A G   A 1 2  ? 10.582  -0.149  9.437   0.50 22.75 ? 2648 G   A "O5'" 1 
ATOM   26  O "O5'" B G   A 1 2  ? 10.201  -1.051  9.147   0.50 15.83 ? 2648 G   A "O5'" 1 
ATOM   27  C "C5'" A G   A 1 2  ? 10.097  0.209   10.733  0.52 20.66 ? 2648 G   A "C5'" 1 
ATOM   28  C "C5'" B G   A 1 2  ? 10.113  -0.687  10.518  0.48 16.46 ? 2648 G   A "C5'" 1 
ATOM   29  C "C4'" A G   A 1 2  ? 10.373  1.666   11.077  0.50 20.32 ? 2648 G   A "C4'" 1 
ATOM   30  C "C4'" B G   A 1 2  ? 10.081  0.822   10.679  0.50 17.40 ? 2648 G   A "C4'" 1 
ATOM   31  O "O4'" A G   A 1 2  ? 11.698  2.018   10.607  0.58 22.08 ? 2648 G   A "O4'" 1 
ATOM   32  O "O4'" B G   A 1 2  ? 11.390  1.391   10.417  0.42 19.50 ? 2648 G   A "O4'" 1 
ATOM   33  C "C3'" A G   A 1 2  ? 9.437   2.700   10.458  0.45 19.45 ? 2648 G   A "C3'" 1 
ATOM   34  C "C3'" B G   A 1 2  ? 9.184   1.556   9.701   0.55 13.37 ? 2648 G   A "C3'" 1 
ATOM   35  O "O3'" A G   A 1 2  ? 8.327   2.948   11.315  0.34 15.30 ? 2648 G   A "O3'" 1 
ATOM   36  O "O3'" B G   A 1 2  ? 7.827   1.458   10.100  0.66 15.51 ? 2648 G   A "O3'" 1 
ATOM   37  C "C2'" A G   A 1 2  ? 10.323  3.939   10.385  0.42 20.66 ? 2648 G   A "C2'" 1 
ATOM   38  C "C2'" B G   A 1 2  ? 9.724   2.969   9.864   0.58 15.39 ? 2648 G   A "C2'" 1 
ATOM   39  O "O2'" A G   A 1 2  ? 10.321  4.667   11.598  0.51 21.41 ? 2648 G   A "O2'" 1 
ATOM   40  O "O2'" B G   A 1 2  ? 9.329   3.550   11.091  0.49 17.32 ? 2648 G   A "O2'" 1 
ATOM   41  C "C1'" A G   A 1 2  ? 11.708  3.351   10.137  0.56 20.30 ? 2648 G   A "C1'" 1 
ATOM   42  C "C1'" B G   A 1 2  ? 11.223  2.690   9.873   0.44 16.50 ? 2648 G   A "C1'" 1 
ATOM   43  N N9    A G   A 1 2  ? 12.097  3.346   8.732   0.51 19.31 ? 2648 G   A N9    1 
ATOM   44  N N9    B G   A 1 2  ? 11.829  2.731   8.543   0.49 18.18 ? 2648 G   A N9    1 
ATOM   45  C C8    A G   A 1 2  ? 12.333  2.249   7.938   0.39 19.08 ? 2648 G   A C8    1 
ATOM   46  C C8    B G   A 1 2  ? 12.215  1.660   7.773   0.61 17.66 ? 2648 G   A C8    1 
ATOM   47  N N7    A G   A 1 2  ? 12.669  2.557   6.716   0.50 19.74 ? 2648 G   A N7    1 
ATOM   48  N N7    B G   A 1 2  ? 12.728  2.004   6.625   0.50 17.09 ? 2648 G   A N7    1 
ATOM   49  C C5    A G   A 1 2  ? 12.654  3.946   6.700   0.37 15.08 ? 2648 G   A C5    1 
ATOM   50  C C5    B G   A 1 2  ? 12.678  3.392   6.629   0.63 15.77 ? 2648 G   A C5    1 
ATOM   51  C C6    A G   A 1 2  ? 12.934  4.848   5.647   0.55 17.78 ? 2648 G   A C6    1 
ATOM   52  C C6    B G   A 1 2  ? 13.094  4.325   5.649   0.45 14.83 ? 2648 G   A C6    1 
ATOM   53  O O6    A G   A 1 2  ? 13.263  4.588   4.482   0.56 20.05 ? 2648 G   A O6    1 
ATOM   54  O O6    B G   A 1 2  ? 13.608  4.107   4.543   0.44 13.04 ? 2648 G   A O6    1 
ATOM   55  N N1    A G   A 1 2  ? 12.801  6.172   6.057   0.46 15.20 ? 2648 G   A N1    1 
ATOM   56  N N1    B G   A 1 2  ? 12.863  5.636   6.055   0.54 15.97 ? 2648 G   A N1    1 
ATOM   57  C C2    A G   A 1 2  ? 12.445  6.574   7.321   0.75 22.12 ? 2648 G   A C2    1 
ATOM   58  C C2    B G   A 1 2  ? 12.302  6.000   7.256   0.25 14.05 ? 2648 G   A C2    1 
ATOM   59  N N2    A G   A 1 2  ? 12.369  7.896   7.527   0.37 17.16 ? 2648 G   A N2    1 
ATOM   60  N N2    B G   A 1 2  ? 12.160  7.316   7.469   0.63 15.16 ? 2648 G   A N2    1 
ATOM   61  N N3    A G   A 1 2  ? 12.179  5.740   8.317   0.53 18.18 ? 2648 G   A N3    1 
ATOM   62  N N3    B G   A 1 2  ? 11.909  5.137   8.183   0.47 14.77 ? 2648 G   A N3    1 
ATOM   63  C C4    A G   A 1 2  ? 12.304  4.447   7.932   0.56 17.44 ? 2648 G   A C4    1 
ATOM   64  C C4    B G   A 1 2  ? 12.126  3.854   7.804   0.44 15.67 ? 2648 G   A C4    1 
ATOM   65  P P     A C   A 1 3  ? 6.902   3.361   10.711  0.44 13.74 ? 2649 C   A P     1 
ATOM   66  P P     B C   A 1 3  ? 6.687   1.479   8.979   0.56 14.00 ? 2649 C   A P     1 
ATOM   67  O OP1   A C   A 1 3  ? 5.979   3.561   11.853  0.52 15.88 ? 2649 C   A OP1   1 
ATOM   68  O OP1   B C   A 1 3  ? 5.393   1.204   9.641   0.48 14.75 ? 2649 C   A OP1   1 
ATOM   69  O OP2   A C   A 1 3  ? 6.564   2.384   9.655   0.31 14.78 ? 2649 C   A OP2   1 
ATOM   70  O OP2   B C   A 1 3  ? 7.136   0.625   7.857   0.69 16.23 ? 2649 C   A OP2   1 
ATOM   71  O "O5'" A C   A 1 3  ? 7.169   4.772   10.006  0.37 14.08 ? 2649 C   A "O5'" 1 
ATOM   72  O "O5'" B C   A 1 3  ? 6.711   3.000   8.483   0.63 15.24 ? 2649 C   A "O5'" 1 
ATOM   73  C "C5'" A C   A 1 3  ? 7.269   5.960   10.780  0.47 12.61 ? 2649 C   A "C5'" 1 
ATOM   74  C "C5'" B C   A 1 3  ? 6.625   4.059   9.430   0.53 16.08 ? 2649 C   A "C5'" 1 
ATOM   75  C "C4'" A C   A 1 3  ? 7.366   7.170   9.870   0.58 11.91 ? 2649 C   A "C4'" 1 
ATOM   76  C "C4'" B C   A 1 3  ? 6.992   5.386   8.791   0.42 17.11 ? 2649 C   A "C4'" 1 
ATOM   77  O "O4'" A C   A 1 3  ? 8.652   7.172   9.203   0.51 11.47 ? 2649 C   A "O4'" 1 
ATOM   78  O "O4'" B C   A 1 3  ? 8.396   5.392   8.433   0.49 14.77 ? 2649 C   A "O4'" 1 
ATOM   79  C "C3'" A C   A 1 3  ? 6.362   7.198   8.728   0.37 8.84  ? 2649 C   A "C3'" 1 
ATOM   80  C "C3'" B C   A 1 3  ? 6.274   5.694   7.486   0.63 15.18 ? 2649 C   A "C3'" 1 
ATOM   81  O "O3'" A C   A 1 3  ? 5.110   7.709   9.169   0.45 10.42 ? 2649 C   A "O3'" 1 
ATOM   82  O "O3'" B C   A 1 3  ? 5.009   6.271   7.748   0.55 11.92 ? 2649 C   A "O3'" 1 
ATOM   83  C "C2'" A C   A 1 3  ? 7.059   8.136   7.746   0.53 10.56 ? 2649 C   A "C2'" 1 
ATOM   84  C "C2'" B C   A 1 3  ? 7.222   6.707   6.858   0.47 12.75 ? 2649 C   A "C2'" 1 
ATOM   85  O "O2'" A C   A 1 3  ? 6.929   9.502   8.089   0.64 12.80 ? 2649 C   A "O2'" 1 
ATOM   86  O "O2'" B C   A 1 3  ? 7.093   7.989   7.437   0.36 14.15 ? 2649 C   A "O2'" 1 
ATOM   87  C "C1'" A C   A 1 3  ? 8.515   7.708   7.900   0.28 8.65  ? 2649 C   A "C1'" 1 
ATOM   88  C "C1'" B C   A 1 3  ? 8.574   6.104   7.223   0.72 12.44 ? 2649 C   A "C1'" 1 
ATOM   89  N N1    A C   A 1 3  ? 8.938   6.678   6.908   0.40 10.41 ? 2649 C   A N1    1 
ATOM   90  N N1    B C   A 1 3  ? 9.120   5.170   6.197   0.60 11.50 ? 2649 C   A N1    1 
ATOM   91  C C2    A C   A 1 3  ? 9.336   7.082   5.629   0.59 12.45 ? 2649 C   A C2    1 
ATOM   92  C C2    B C   A 1 3  ? 9.794   5.685   5.085   0.41 11.06 ? 2649 C   A C2    1 
ATOM   93  O O2    A C   A 1 3  ? 9.325   8.287   5.351   0.50 13.10 ? 2649 C   A O2    1 
ATOM   94  O O2    B C   A 1 3  ? 9.916   6.910   4.970   0.50 9.85  ? 2649 C   A O2    1 
ATOM   95  N N3    A C   A 1 3  ? 9.720   6.140   4.733   0.43 11.12 ? 2649 C   A N3    1 
ATOM   96  N N3    B C   A 1 3  ? 10.290  4.825   4.161   0.57 10.39 ? 2649 C   A N3    1 
ATOM   97  C C4    A C   A 1 3  ? 9.716   4.852   5.077   0.45 12.01 ? 2649 C   A C4    1 
ATOM   98  C C4    B C   A 1 3  ? 10.136  3.510   4.321   0.55 12.02 ? 2649 C   A C4    1 
ATOM   99  N N4    A C   A 1 3  ? 10.102  3.958   4.160   0.48 12.58 ? 2649 C   A N4    1 
ATOM   100 N N4    B C   A 1 3  ? 10.645  2.704   3.384   0.52 11.53 ? 2649 C   A N4    1 
ATOM   101 C C5    A C   A 1 3  ? 9.314   4.421   6.377   0.25 10.93 ? 2649 C   A C5    1 
ATOM   102 C C5    B C   A 1 3  ? 9.453   2.966   5.449   0.75 12.48 ? 2649 C   A C5    1 
ATOM   103 C C6    A C   A 1 3  ? 8.937   5.358   7.252   0.37 10.43 ? 2649 C   A C6    1 
ATOM   104 C C6    B C   A 1 3  ? 8.967   3.824   6.353   0.63 10.16 ? 2649 C   A C6    1 
ATOM   105 P P     A U   A 1 4  ? 3.832   7.564   8.217   0.46 10.41 ? 2650 U   A P     1 
ATOM   106 P P     B U   A 1 4  ? 3.796   5.983   6.747   0.54 14.71 ? 2650 U   A P     1 
ATOM   107 O OP1   A U   A 1 4  ? 2.685   8.186   8.918   0.59 13.93 ? 2650 U   A OP1   1 
ATOM   108 O OP1   B U   A 1 4  ? 2.551   6.421   7.416   0.41 15.08 ? 2650 U   A OP1   1 
ATOM   109 O OP2   A U   A 1 4  ? 3.748   6.163   7.743   0.44 18.02 ? 2650 U   A OP2   1 
ATOM   110 O OP2   B U   A 1 4  ? 3.929   4.596   6.252   0.56 16.22 ? 2650 U   A OP2   1 
ATOM   111 O "O5'" A U   A 1 4  ? 4.278   8.488   6.977   0.41 11.37 ? 2650 U   A "O5'" 1 
ATOM   112 O "O5'" B U   A 1 4  ? 4.074   6.957   5.521   0.59 14.41 ? 2650 U   A "O5'" 1 
ATOM   113 C "C5'" A U   A 1 4  ? 3.816   8.239   5.645   0.52 15.50 ? 2650 U   A "C5'" 1 
ATOM   114 C "C5'" B U   A 1 4  ? 3.865   8.328   5.710   0.48 18.50 ? 2650 U   A "C5'" 1 
ATOM   115 C "C4'" . U   A 1 4  ? 4.522   9.052   4.565   1.00 17.49 ? 2650 U   A "C4'" 1 
ATOM   116 O "O4'" . U   A 1 4  ? 5.914   8.663   4.462   1.00 14.24 ? 2650 U   A "O4'" 1 
ATOM   117 C "C3'" . U   A 1 4  ? 3.986   8.727   3.185   1.00 14.30 ? 2650 U   A "C3'" 1 
ATOM   118 O "O3'" . U   A 1 4  ? 2.809   9.457   2.952   1.00 17.14 ? 2650 U   A "O3'" 1 
ATOM   119 C "C2'" . U   A 1 4  ? 5.122   9.214   2.301   1.00 14.71 ? 2650 U   A "C2'" 1 
ATOM   120 O "O2'" . U   A 1 4  ? 5.179   10.625  2.251   1.00 18.44 ? 2650 U   A "O2'" 1 
ATOM   121 C "C1'" . U   A 1 4  ? 6.308   8.690   3.097   1.00 15.20 ? 2650 U   A "C1'" 1 
ATOM   122 N N1    . U   A 1 4  ? 6.806   7.336   2.694   1.00 11.77 ? 2650 U   A N1    1 
ATOM   123 C C2    . U   A 1 4  ? 7.466   7.192   1.491   1.00 11.28 ? 2650 U   A C2    1 
ATOM   124 O O2    . U   A 1 4  ? 7.652   8.115   0.718   1.00 12.08 ? 2650 U   A O2    1 
ATOM   125 N N3    . U   A 1 4  ? 7.907   5.922   1.216   1.00 11.13 ? 2650 U   A N3    1 
ATOM   126 C C4    . U   A 1 4  ? 7.754   4.801   2.010   1.00 11.71 ? 2650 U   A C4    1 
ATOM   127 O O4    . U   A 1 4  ? 8.204   3.723   1.637   1.00 12.06 ? 2650 U   A O4    1 
ATOM   128 C C5    . U   A 1 4  ? 7.057   5.030   3.250   1.00 12.42 ? 2650 U   A C5    1 
ATOM   129 C C6    . U   A 1 4  ? 6.622   6.262   3.541   1.00 11.68 ? 2650 U   A C6    1 
ATOM   130 P P     . C   A 1 5  ? 1.625   8.776   2.130   1.00 16.83 ? 2651 C   A P     1 
ATOM   131 O OP1   . C   A 1 5  ? 0.463   9.687   2.194   1.00 21.47 ? 2651 C   A OP1   1 
ATOM   132 O OP2   . C   A 1 5  ? 1.490   7.375   2.582   1.00 19.48 ? 2651 C   A OP2   1 
ATOM   133 O "O5'" . C   A 1 5  ? 2.189   8.762   0.635   1.00 12.75 ? 2651 C   A "O5'" 1 
ATOM   134 C "C5'" . C   A 1 5  ? 2.449   9.985   -0.034  1.00 10.66 ? 2651 C   A "C5'" 1 
ATOM   135 C "C4'" . C   A 1 5  ? 3.295   9.717   -1.258  1.00 10.56 ? 2651 C   A "C4'" 1 
ATOM   136 O "O4'" . C   A 1 5  ? 4.529   9.089   -0.840  1.00 10.08 ? 2651 C   A "O4'" 1 
ATOM   137 C "C3'" . C   A 1 5  ? 2.697   8.713   -2.231  1.00 10.50 ? 2651 C   A "C3'" 1 
ATOM   138 O "O3'" . C   A 1 5  ? 1.751   9.326   -3.092  1.00 10.69 ? 2651 C   A "O3'" 1 
ATOM   139 C "C2'" . C   A 1 5  ? 3.938   8.250   -2.984  1.00 9.99  ? 2651 C   A "C2'" 1 
ATOM   140 O "O2'" . C   A 1 5  ? 4.381   9.167   -3.965  1.00 12.00 ? 2651 C   A "O2'" 1 
ATOM   141 C "C1'" . C   A 1 5  ? 4.949   8.189   -1.847  1.00 9.66  ? 2651 C   A "C1'" 1 
ATOM   142 N N1    . C   A 1 5  ? 5.093   6.825   -1.281  1.00 9.61  ? 2651 C   A N1    1 
ATOM   143 C C2    . C   A 1 5  ? 5.843   5.918   -2.023  1.00 9.07  ? 2651 C   A C2    1 
ATOM   144 O O2    . C   A 1 5  ? 6.328   6.305   -3.091  1.00 9.29  ? 2651 C   A O2    1 
ATOM   145 N N3    . C   A 1 5  ? 6.014   4.660   -1.552  1.00 9.13  ? 2651 C   A N3    1 
ATOM   146 C C4    . C   A 1 5  ? 5.461   4.306   -0.392  1.00 9.13  ? 2651 C   A C4    1 
ATOM   147 N N4    . C   A 1 5  ? 5.658   3.055   0.032   1.00 9.69  ? 2651 C   A N4    1 
ATOM   148 C C5    . C   A 1 5  ? 4.683   5.222   0.381   1.00 10.13 ? 2651 C   A C5    1 
ATOM   149 C C6    . C   A 1 5  ? 4.524   6.464   -0.095  1.00 9.77  ? 2651 C   A C6    1 
ATOM   150 P P     . C   A 1 6  ? 0.617   8.422   -3.769  1.00 10.41 ? 2652 C   A P     1 
ATOM   151 O OP1   . C   A 1 6  ? -0.328  9.345   -4.432  1.00 12.15 ? 2652 C   A OP1   1 
ATOM   152 O OP2   . C   A 1 6  ? 0.121   7.453   -2.769  1.00 11.88 ? 2652 C   A OP2   1 
ATOM   153 O "O5'" . C   A 1 6  ? 1.411   7.598   -4.884  1.00 9.38  ? 2652 C   A "O5'" 1 
ATOM   154 C "C5'" . C   A 1 6  ? 1.950   8.277   -6.009  1.00 9.72  ? 2652 C   A "C5'" 1 
ATOM   155 C "C4'" . C   A 1 6  ? 2.637   7.292   -6.933  1.00 8.76  ? 2652 C   A "C4'" 1 
ATOM   156 O "O4'" . C   A 1 6  ? 3.750   6.682   -6.241  1.00 8.65  ? 2652 C   A "O4'" 1 
ATOM   157 C "C3'" . C   A 1 6  ? 1.793   6.104   -7.360  1.00 8.21  ? 2652 C   A "C3'" 1 
ATOM   158 O "O3'" . C   A 1 6  ? 0.967   6.465   -8.447  1.00 8.58  ? 2652 C   A "O3'" 1 
ATOM   159 C "C2'" . C   A 1 6  ? 2.871   5.132   -7.807  1.00 8.33  ? 2652 C   A "C2'" 1 
ATOM   160 O "O2'" . C   A 1 6  ? 3.426   5.520   -9.048  1.00 9.42  ? 2652 C   A "O2'" 1 
ATOM   161 C "C1'" . C   A 1 6  ? 3.902   5.353   -6.713  1.00 8.25  ? 2652 C   A "C1'" 1 
ATOM   162 N N1    . C   A 1 6  ? 3.824   4.418   -5.555  1.00 8.11  ? 2652 C   A N1    1 
ATOM   163 C C2    . C   A 1 6  ? 4.378   3.145   -5.701  1.00 8.19  ? 2652 C   A C2    1 
ATOM   164 O O2    . C   A 1 6  ? 4.878   2.835   -6.788  1.00 8.24  ? 2652 C   A O2    1 
ATOM   165 N N3    . C   A 1 6  ? 4.338   2.288   -4.654  1.00 7.76  ? 2652 C   A N3    1 
ATOM   166 C C4    . C   A 1 6  ? 3.785   2.666   -3.502  1.00 7.93  ? 2652 C   A C4    1 
ATOM   167 N N4    . C   A 1 6  ? 3.779   1.787   -2.494  1.00 8.67  ? 2652 C   A N4    1 
ATOM   168 C C5    . C   A 1 6  ? 3.216   3.964   -3.331  1.00 8.09  ? 2652 C   A C5    1 
ATOM   169 C C6    . C   A 1 6  ? 3.261   4.803   -4.373  1.00 8.38  ? 2652 C   A C6    1 
ATOM   170 P P     . U   A 1 7  ? -0.465  5.778   -8.618  1.00 9.09  ? 2653 U   A P     1 
ATOM   171 O OP1   . U   A 1 7  ? -1.036  6.306   -9.878  1.00 11.31 ? 2653 U   A OP1   1 
ATOM   172 O OP2   . U   A 1 7  ? -1.213  5.913   -7.351  1.00 9.68  ? 2653 U   A OP2   1 
ATOM   173 O "O5'" . U   A 1 7  ? -0.135  4.221   -8.792  1.00 8.68  ? 2653 U   A "O5'" 1 
ATOM   174 C "C5'" . U   A 1 7  ? 0.527   3.737   -9.947  1.00 8.93  ? 2653 U   A "C5'" 1 
ATOM   175 C "C4'" . U   A 1 7  ? 0.868   2.274   -9.752  1.00 8.36  ? 2653 U   A "C4'" 1 
ATOM   176 O "O4'" . U   A 1 7  ? 1.790   2.143   -8.645  1.00 8.14  ? 2653 U   A "O4'" 1 
ATOM   177 C "C3'" . U   A 1 7  ? -0.302  1.391   -9.347  1.00 7.90  ? 2653 U   A "C3'" 1 
ATOM   178 O "O3'" . U   A 1 7  ? -1.029  0.996   -10.504 1.00 8.55  ? 2653 U   A "O3'" 1 
ATOM   179 C "C2'" . U   A 1 7  ? 0.419   0.215   -8.700  1.00 8.54  ? 2653 U   A "C2'" 1 
ATOM   180 O "O2'" . U   A 1 7  ? 0.966   -0.668  -9.655  1.00 8.94  ? 2653 U   A "O2'" 1 
ATOM   181 C "C1'" . U   A 1 7  ? 1.550   0.926   -7.967  1.00 8.37  ? 2653 U   A "C1'" 1 
ATOM   182 N N1    . U   A 1 7  ? 1.229   1.207   -6.541  1.00 7.72  ? 2653 U   A N1    1 
ATOM   183 C C2    . U   A 1 7  ? 1.624   0.288   -5.596  1.00 8.39  ? 2653 U   A C2    1 
ATOM   184 O O2    . U   A 1 7  ? 2.223   -0.730  -5.882  1.00 9.42  ? 2653 U   A O2    1 
ATOM   185 N N3    . U   A 1 7  ? 1.297   0.603   -4.303  1.00 8.36  ? 2653 U   A N3    1 
ATOM   186 C C4    . U   A 1 7  ? 0.618   1.727   -3.874  1.00 8.57  ? 2653 U   A C4    1 
ATOM   187 O O4    . U   A 1 7  ? 0.394   1.875   -2.677  1.00 9.58  ? 2653 U   A O4    1 
ATOM   188 C C5    . U   A 1 7  ? 0.231   2.640   -4.920  1.00 8.14  ? 2653 U   A C5    1 
ATOM   189 C C6    . U   A 1 7  ? 0.543   2.351   -6.189  1.00 8.16  ? 2653 U   A C6    1 
ATOM   190 P P     . A   A 1 8  ? -2.570  0.573   -10.400 1.00 10.72 ? 2654 A   A P     1 
ATOM   191 O OP1   . A   A 1 8  ? -2.674  -0.551  -9.446  1.00 11.43 ? 2654 A   A OP1   1 
ATOM   192 O OP2   . A   A 1 8  ? -3.089  0.447   -11.783 1.00 12.11 ? 2654 A   A OP2   1 
ATOM   193 O "O5'" . A   A 1 8  ? -3.231  1.861   -9.725  1.00 10.33 ? 2654 A   A "O5'" 1 
ATOM   194 C "C5'" . A   A 1 8  ? -4.645  1.954   -9.632  1.00 10.95 ? 2654 A   A "C5'" 1 
ATOM   195 C "C4'" . A   A 1 8  ? -5.085  2.539   -8.300  1.00 9.69  ? 2654 A   A "C4'" 1 
ATOM   196 O "O4'" . A   A 1 8  ? -4.833  1.563   -7.256  1.00 9.23  ? 2654 A   A "O4'" 1 
ATOM   197 C "C3'" . A   A 1 8  ? -4.371  3.811   -7.852  1.00 10.92 ? 2654 A   A "C3'" 1 
ATOM   198 O "O3'" A A   A 1 8  ? -5.248  4.621   -7.085  0.55 12.36 ? 2654 A   A "O3'" 1 
ATOM   199 O "O3'" B A   A 1 8  ? -5.247  4.621   -7.084  0.45 15.21 ? 2654 A   A "O3'" 1 
ATOM   200 C "C2'" . A   A 1 8  ? -3.273  3.259   -6.957  1.00 9.32  ? 2654 A   A "C2'" 1 
ATOM   201 O "O2'" . A   A 1 8  ? -2.809  4.210   -6.017  1.00 10.06 ? 2654 A   A "O2'" 1 
ATOM   202 C "C1'" . A   A 1 8  ? -4.059  2.166   -6.245  1.00 8.74  ? 2654 A   A "C1'" 1 
ATOM   203 N N9    . A   A 1 8  ? -3.210  1.142   -5.654  1.00 8.16  ? 2654 A   A N9    1 
ATOM   204 C C8    . A   A 1 8  ? -2.490  0.195   -6.325  1.00 8.12  ? 2654 A   A C8    1 
ATOM   205 N N7    . A   A 1 8  ? -1.806  -0.604  -5.542  1.00 8.56  ? 2654 A   A N7    1 
ATOM   206 C C5    . A   A 1 8  ? -2.100  -0.149  -4.267  1.00 8.15  ? 2654 A   A C5    1 
ATOM   207 C C6    . A   A 1 8  ? -1.685  -0.576  -2.992  1.00 9.11  ? 2654 A   A C6    1 
ATOM   208 N N6    . A   A 1 8  ? -0.851  -1.602  -2.800  1.00 9.71  ? 2654 A   A N6    1 
ATOM   209 N N1    . A   A 1 8  ? -2.163  0.094   -1.923  1.00 9.71  ? 2654 A   A N1    1 
ATOM   210 C C2    . A   A 1 8  ? -2.996  1.119   -2.124  1.00 10.23 ? 2654 A   A C2    1 
ATOM   211 N N3    . A   A 1 8  ? -3.456  1.614   -3.272  1.00 9.28  ? 2654 A   A N3    1 
ATOM   212 C C4    . A   A 1 8  ? -2.965  0.927   -4.317  1.00 8.84  ? 2654 A   A C4    1 
ATOM   213 P P     . G   A 1 9  ? -6.177  5.730   -7.766  1.00 13.71 ? 2655 G   A P     1 
ATOM   214 O OP1   . G   A 1 9  ? -6.725  5.179   -9.024  1.00 15.11 ? 2655 G   A OP1   1 
ATOM   215 O OP2   . G   A 1 9  ? -5.457  7.017   -7.759  1.00 13.71 ? 2655 G   A OP2   1 
ATOM   216 O "O5'" . G   A 1 9  ? -7.339  5.902   -6.676  1.00 17.18 ? 2655 G   A "O5'" 1 
ATOM   217 C "C5'" . G   A 1 9  ? -8.544  5.153   -6.703  1.00 18.44 ? 2655 G   A "C5'" 1 
ATOM   218 C "C4'" . G   A 1 9  ? -8.413  3.772   -6.092  1.00 15.07 ? 2655 G   A "C4'" 1 
ATOM   219 O "O4'" . G   A 1 9  ? -8.094  3.839   -4.673  1.00 14.64 ? 2655 G   A "O4'" 1 
ATOM   220 C "C3'" . G   A 1 9  ? -9.715  2.989   -6.156  1.00 13.46 ? 2655 G   A "C3'" 1 
ATOM   221 O "O3'" . G   A 1 9  ? -9.387  1.619   -6.197  1.00 11.58 ? 2655 G   A "O3'" 1 
ATOM   222 C "C2'" . G   A 1 9  ? -10.343 3.369   -4.822  1.00 13.06 ? 2655 G   A "C2'" 1 
ATOM   223 O "O2'" . G   A 1 9  ? -11.397 2.510   -4.438  1.00 15.50 ? 2655 G   A "O2'" 1 
ATOM   224 C "C1'" . G   A 1 9  ? -9.108  3.150   -3.963  1.00 12.15 ? 2655 G   A "C1'" 1 
ATOM   225 N N9    . G   A 1 9  ? -9.179  3.636   -2.586  1.00 13.23 ? 2655 G   A N9    1 
ATOM   226 C C8    . G   A 1 9  ? -9.913  4.678   -2.072  1.00 15.66 ? 2655 G   A C8    1 
ATOM   227 N N7    . G   A 1 9  ? -9.741  4.843   -0.786  1.00 15.37 ? 2655 G   A N7    1 
ATOM   228 C C5    . G   A 1 9  ? -8.838  3.848   -0.426  1.00 13.09 ? 2655 G   A C5    1 
ATOM   229 C C6    . G   A 1 9  ? -8.268  3.523   0.829   1.00 13.39 ? 2655 G   A C6    1 
ATOM   230 O O6    . G   A 1 9  ? -8.455  4.070   1.925   1.00 16.10 ? 2655 G   A O6    1 
ATOM   231 N N1    . G   A 1 9  ? -7.396  2.438   0.740   1.00 13.23 ? 2655 G   A N1    1 
ATOM   232 C C2    . G   A 1 9  ? -7.112  1.756   -0.418  1.00 11.97 ? 2655 G   A C2    1 
ATOM   233 N N2    . G   A 1 9  ? -6.248  0.737   -0.316  1.00 11.99 ? 2655 G   A N2    1 
ATOM   234 N N3    . G   A 1 9  ? -7.637  2.051   -1.599  1.00 11.77 ? 2655 G   A N3    1 
ATOM   235 C C4    . G   A 1 9  ? -8.487  3.103   -1.525  1.00 12.06 ? 2655 G   A C4    1 
ATOM   236 P P     . U   A 1 10 ? -10.488 0.522   -6.566  1.00 12.53 ? 2656 U   A P     1 
ATOM   237 O OP1   . U   A 1 10 ? -11.540 1.167   -7.386  1.00 14.29 ? 2656 U   A OP1   1 
ATOM   238 O OP2   . U   A 1 10 ? -10.855 -0.194  -5.324  1.00 13.45 ? 2656 U   A OP2   1 
ATOM   239 O "O5'" . U   A 1 10 ? -9.652  -0.496  -7.467  1.00 12.66 ? 2656 U   A "O5'" 1 
ATOM   240 C "C5'" . U   A 1 10 ? -9.220  -0.128  -8.765  1.00 12.04 ? 2656 U   A "C5'" 1 
ATOM   241 C "C4'" . U   A 1 10 ? -7.970  -0.910  -9.103  1.00 12.56 ? 2656 U   A "C4'" 1 
ATOM   242 O "O4'" . U   A 1 10 ? -6.851  -0.306  -8.413  1.00 12.42 ? 2656 U   A "O4'" 1 
ATOM   243 C "C3'" . U   A 1 10 ? -7.988  -2.357  -8.630  1.00 12.08 ? 2656 U   A "C3'" 1 
ATOM   244 O "O3'" . U   A 1 10 ? -8.549  -3.186  -9.634  1.00 12.26 ? 2656 U   A "O3'" 1 
ATOM   245 C "C2'" . U   A 1 10 ? -6.506  -2.651  -8.449  1.00 11.56 ? 2656 U   A "C2'" 1 
ATOM   246 O "O2'" . U   A 1 10 ? -5.888  -2.967  -9.681  1.00 12.35 ? 2656 U   A "O2'" 1 
ATOM   247 C "C1'" . U   A 1 10 ? -5.986  -1.312  -7.934  1.00 12.50 ? 2656 U   A "C1'" 1 
ATOM   248 N N1    . U   A 1 10 ? -5.912  -1.193  -6.450  1.00 11.24 ? 2656 U   A N1    1 
ATOM   249 C C2    . U   A 1 10 ? -5.077  -2.048  -5.770  1.00 10.03 ? 2656 U   A C2    1 
ATOM   250 O O2    . U   A 1 10 ? -4.414  -2.904  -6.327  1.00 11.01 ? 2656 U   A O2    1 
ATOM   251 N N3    . U   A 1 10 ? -5.049  -1.867  -4.411  1.00 10.48 ? 2656 U   A N3    1 
ATOM   252 C C4    . U   A 1 10 ? -5.757  -0.931  -3.682  1.00 10.77 ? 2656 U   A C4    1 
ATOM   253 O O4    . U   A 1 10 ? -5.628  -0.892  -2.463  1.00 11.61 ? 2656 U   A O4    1 
ATOM   254 C C5    . U   A 1 10 ? -6.604  -0.067  -4.465  1.00 11.99 ? 2656 U   A C5    1 
ATOM   255 C C6    . U   A 1 10 ? -6.648  -0.228  -5.792  1.00 11.21 ? 2656 U   A C6    1 
ATOM   256 P P     . A   A 1 11 ? -9.507  -4.395  -9.223  1.00 13.02 ? 2657 A   A P     1 
ATOM   257 O OP1   . A   A 1 11 ? -9.931  -5.072  -10.470 1.00 16.02 ? 2657 A   A OP1   1 
ATOM   258 O OP2   . A   A 1 11 ? -10.521 -3.873  -8.283  1.00 13.51 ? 2657 A   A OP2   1 
ATOM   259 O "O5'" . A   A 1 11 ? -8.546  -5.370  -8.400  1.00 11.63 ? 2657 A   A "O5'" 1 
ATOM   260 C "C5'" . A   A 1 11 ? -7.555  -6.122  -9.076  1.00 12.67 ? 2657 A   A "C5'" 1 
ATOM   261 C "C4'" . A   A 1 11 ? -6.809  -6.987  -8.083  1.00 11.27 ? 2657 A   A "C4'" 1 
ATOM   262 O "O4'" . A   A 1 11 ? -6.099  -6.143  -7.149  1.00 10.72 ? 2657 A   A "O4'" 1 
ATOM   263 C "C3'" . A   A 1 11 ? -7.689  -7.830  -7.176  1.00 10.72 ? 2657 A   A "C3'" 1 
ATOM   264 O "O3'" . A   A 1 11 ? -8.112  -8.994  -7.848  1.00 12.74 ? 2657 A   A "O3'" 1 
ATOM   265 C "C2'" . A   A 1 11 ? -6.706  -8.165  -6.063  1.00 11.04 ? 2657 A   A "C2'" 1 
ATOM   266 O "O2'" . A   A 1 11 ? -5.782  -9.170  -6.432  1.00 13.74 ? 2657 A   A "O2'" 1 
ATOM   267 C "C1'" . A   A 1 11 ? -5.983  -6.833  -5.917  1.00 10.21 ? 2657 A   A "C1'" 1 
ATOM   268 N N9    . A   A 1 11 ? -6.491  -5.986  -4.844  1.00 9.56  ? 2657 A   A N9    1 
ATOM   269 C C8    . A   A 1 11 ? -7.163  -4.800  -4.952  1.00 9.88  ? 2657 A   A C8    1 
ATOM   270 N N7    . A   A 1 11 ? -7.473  -4.265  -3.793  1.00 8.93  ? 2657 A   A N7    1 
ATOM   271 C C5    . A   A 1 11 ? -6.966  -5.161  -2.865  1.00 9.13  ? 2657 A   A C5    1 
ATOM   272 C C6    . A   A 1 11 ? -6.958  -5.179  -1.457  1.00 9.28  ? 2657 A   A C6    1 
ATOM   273 N N6    . A   A 1 11 ? -7.504  -4.220  -0.705  1.00 10.11 ? 2657 A   A N6    1 
ATOM   274 N N1    . A   A 1 11 ? -6.362  -6.225  -0.849  1.00 9.30  ? 2657 A   A N1    1 
ATOM   275 C C2    . A   A 1 11 ? -5.815  -7.185  -1.602  1.00 9.38  ? 2657 A   A C2    1 
ATOM   276 N N3    . A   A 1 11 ? -5.760  -7.280  -2.927  1.00 9.59  ? 2657 A   A N3    1 
ATOM   277 C C4    . A   A 1 11 ? -6.357  -6.225  -3.501  1.00 9.31  ? 2657 A   A C4    1 
ATOM   278 P P     . C   A 1 12 ? -9.573  -9.568  -7.560  1.00 14.24 ? 2658 C   A P     1 
ATOM   279 O OP1   . C   A 1 12 ? -9.641  -10.896 -8.204  1.00 17.08 ? 2658 C   A OP1   1 
ATOM   280 O OP2   . C   A 1 12 ? -10.562 -8.526  -7.914  1.00 16.63 ? 2658 C   A OP2   1 
ATOM   281 O "O5'" . C   A 1 12 ? -9.608  -9.745  -5.970  1.00 11.82 ? 2658 C   A "O5'" 1 
ATOM   282 C "C5'" . C   A 1 12 ? -8.823  -10.739 -5.328  1.00 11.25 ? 2658 C   A "C5'" 1 
ATOM   283 C "C4'" . C   A 1 12 ? -8.914  -10.566 -3.823  1.00 9.96  ? 2658 C   A "C4'" 1 
ATOM   284 O "O4'" . C   A 1 12 ? -8.347  -9.285  -3.452  1.00 9.35  ? 2658 C   A "O4'" 1 
ATOM   285 C "C3'" . C   A 1 12 ? -10.324 -10.501 -3.257  1.00 9.29  ? 2658 C   A "C3'" 1 
ATOM   286 O "O3'" . C   A 1 12 ? -10.868 -11.802 -3.112  1.00 9.90  ? 2658 C   A "O3'" 1 
ATOM   287 C "C2'" . C   A 1 12 ? -10.062 -9.826  -1.913  1.00 9.20  ? 2658 C   A "C2'" 1 
ATOM   288 O "O2'" . C   A 1 12 ? -9.520  -10.701 -0.944  1.00 10.14 ? 2658 C   A "O2'" 1 
ATOM   289 C "C1'" . C   A 1 12 ? -9.026  -8.781  -2.317  1.00 9.13  ? 2658 C   A "C1'" 1 
ATOM   290 N N1    . C   A 1 12 ? -9.679  -7.493  -2.648  1.00 8.34  ? 2658 C   A N1    1 
ATOM   291 C C2    . C   A 1 12 ? -10.078 -6.681  -1.589  1.00 8.58  ? 2658 C   A C2    1 
ATOM   292 O O2    . C   A 1 12 ? -9.855  -7.075  -0.437  1.00 9.57  ? 2658 C   A O2    1 
ATOM   293 N N3    . C   A 1 12 ? -10.690 -5.502  -1.857  1.00 9.46  ? 2658 C   A N3    1 
ATOM   294 C C4    . C   A 1 12 ? -10.901 -5.138  -3.122  1.00 9.71  ? 2658 C   A C4    1 
ATOM   295 N N4    . C   A 1 12 ? -11.508 -3.966  -3.339  1.00 10.58 ? 2658 C   A N4    1 
ATOM   296 C C5    . C   A 1 12 ? -10.504 -5.959  -4.220  1.00 9.33  ? 2658 C   A C5    1 
ATOM   297 C C6    . C   A 1 12 ? -9.903  -7.123  -3.942  1.00 9.70  ? 2658 C   A C6    1 
ATOM   298 P P     . G   A 1 13 ? -12.438 -12.029 -3.324  1.00 10.45 ? 2659 G   A P     1 
ATOM   299 O OP1   . G   A 1 13 ? -12.687 -13.476 -3.132  1.00 11.49 ? 2659 G   A OP1   1 
ATOM   300 O OP2   . G   A 1 13 ? -12.860 -11.364 -4.577  1.00 10.63 ? 2659 G   A OP2   1 
ATOM   301 O "O5'" . G   A 1 13 ? -13.093 -11.212 -2.118  1.00 10.65 ? 2659 G   A "O5'" 1 
ATOM   302 C "C5'" . G   A 1 13 ? -12.966 -11.670 -0.783  1.00 11.08 ? 2659 G   A "C5'" 1 
ATOM   303 C "C4'" . G   A 1 13 ? -13.597 -10.665 0.158   1.00 9.80  ? 2659 G   A "C4'" 1 
ATOM   304 O "O4'" . G   A 1 13 ? -12.849 -9.427  0.104   1.00 9.92  ? 2659 G   A "O4'" 1 
ATOM   305 C "C3'" . G   A 1 13 ? -15.006 -10.239 -0.217  1.00 10.22 ? 2659 G   A "C3'" 1 
ATOM   306 O "O3'" . G   A 1 13 ? -15.958 -11.223 0.183   1.00 10.99 ? 2659 G   A "O3'" 1 
ATOM   307 C "C2'" . G   A 1 13 ? -15.112 -8.937  0.574   1.00 10.12 ? 2659 G   A "C2'" 1 
ATOM   308 O "O2'" . G   A 1 13 ? -15.386 -9.143  1.943   1.00 10.27 ? 2659 G   A "O2'" 1 
ATOM   309 C "C1'" . G   A 1 13 ? -13.719 -8.344  0.356   1.00 9.24  ? 2659 G   A "C1'" 1 
ATOM   310 N N9    . G   A 1 13 ? -13.801 -7.484  -0.811  1.00 9.10  ? 2659 G   A N9    1 
ATOM   311 C C8    . G   A 1 13 ? -13.430 -7.721  -2.113  1.00 9.85  ? 2659 G   A C8    1 
ATOM   312 N N7    . G   A 1 13 ? -13.704 -6.720  -2.911  1.00 10.23 ? 2659 G   A N7    1 
ATOM   313 C C5    . G   A 1 13 ? -14.305 -5.777  -2.083  1.00 9.55  ? 2659 G   A C5    1 
ATOM   314 C C6    . G   A 1 13 ? -14.828 -4.492  -2.359  1.00 10.40 ? 2659 G   A C6    1 
ATOM   315 O O6    . G   A 1 13 ? -14.861 -3.897  -3.443  1.00 11.84 ? 2659 G   A O6    1 
ATOM   316 N N1    . G   A 1 13 ? -15.350 -3.890  -1.216  1.00 9.36  ? 2659 G   A N1    1 
ATOM   317 C C2    . G   A 1 13 ? -15.367 -4.453  0.038   1.00 8.82  ? 2659 G   A C2    1 
ATOM   318 N N2    . G   A 1 13 ? -15.913 -3.727  1.025   1.00 8.88  ? 2659 G   A N2    1 
ATOM   319 N N3    . G   A 1 13 ? -14.879 -5.651  0.308   1.00 9.09  ? 2659 G   A N3    1 
ATOM   320 C C4    . G   A 1 13 ? -14.376 -6.245  -0.796  1.00 10.09 ? 2659 G   A C4    1 
ATOM   321 P P     . A   A 1 14 ? -17.077 -11.703 -0.858  1.00 12.85 ? 2660 A   A P     1 
ATOM   322 O OP1   . A   A 1 14 ? -17.970 -12.661 -0.170  1.00 14.42 ? 2660 A   A OP1   1 
ATOM   323 O OP2   . A   A 1 14 ? -16.413 -12.100 -2.120  1.00 13.79 ? 2660 A   A OP2   1 
ATOM   324 O "O5'" . A   A 1 14 ? -17.870 -10.338 -1.113  1.00 12.22 ? 2660 A   A "O5'" 1 
ATOM   325 C "C5'" . A   A 1 14 ? -18.763 -10.220 -2.210  1.00 12.93 ? 2660 A   A "C5'" 1 
ATOM   326 C "C4'" . A   A 1 14 ? -20.057 -9.573  -1.760  1.00 13.44 ? 2660 A   A "C4'" 1 
ATOM   327 O "O4'" . A   A 1 14 ? -20.661 -10.403 -0.736  1.00 12.87 ? 2660 A   A "O4'" 1 
ATOM   328 C "C3'" . A   A 1 14 ? -19.921 -8.211  -1.094  1.00 11.76 ? 2660 A   A "C3'" 1 
ATOM   329 O "O3'" . A   A 1 14 ? -19.853 -7.181  -2.069  1.00 12.27 ? 2660 A   A "O3'" 1 
ATOM   330 C "C2'" . A   A 1 14 ? -21.233 -8.150  -0.325  1.00 13.05 ? 2660 A   A "C2'" 1 
ATOM   331 O "O2'" . A   A 1 14 ? -22.341 -7.907  -1.169  1.00 13.40 ? 2660 A   A "O2'" 1 
ATOM   332 C "C1'" . A   A 1 14 ? -21.327 -9.577  0.200   1.00 12.98 ? 2660 A   A "C1'" 1 
ATOM   333 N N9    . A   A 1 14 ? -20.749 -9.780  1.527   1.00 13.33 ? 2660 A   A N9    1 
ATOM   334 C C8    . A   A 1 14 ? -19.586 -10.419 1.854   1.00 13.33 ? 2660 A   A C8    1 
ATOM   335 N N7    . A   A 1 14 ? -19.348 -10.448 3.145   1.00 13.43 ? 2660 A   A N7    1 
ATOM   336 C C5    . A   A 1 14 ? -20.431 -9.787  3.701   1.00 13.27 ? 2660 A   A C5    1 
ATOM   337 C C6    . A   A 1 14 ? -20.787 -9.477  5.029   1.00 13.99 ? 2660 A   A C6    1 
ATOM   338 N N6    . A   A 1 14 ? -20.044 -9.812  6.089   1.00 14.96 ? 2660 A   A N6    1 
ATOM   339 N N1    . A   A 1 14 ? -21.939 -8.805  5.228   1.00 13.32 ? 2660 A   A N1    1 
ATOM   340 C C2    . A   A 1 14 ? -22.684 -8.469  4.171   1.00 15.77 ? 2660 A   A C2    1 
ATOM   341 N N3    . A   A 1 14 ? -22.456 -8.703  2.881   1.00 13.84 ? 2660 A   A N3    1 
ATOM   342 C C4    . A   A 1 14 ? -21.304 -9.371  2.716   1.00 13.20 ? 2660 A   A C4    1 
ATOM   343 P P     . G   A 1 15 ? -18.598 -6.188  -2.133  1.00 10.94 ? 2661 G   A P     1 
ATOM   344 O OP1   . G   A 1 15 ? -18.715 -5.446  -3.406  1.00 13.03 ? 2661 G   A OP1   1 
ATOM   345 O OP2   . G   A 1 15 ? -17.371 -6.957  -1.836  1.00 11.56 ? 2661 G   A OP2   1 
ATOM   346 O "O5'" . G   A 1 15 ? -18.835 -5.172  -0.924  1.00 10.04 ? 2661 G   A "O5'" 1 
ATOM   347 C "C5'" . G   A 1 15 ? -19.951 -4.299  -0.958  1.00 10.85 ? 2661 G   A "C5'" 1 
ATOM   348 C "C4'" . G   A 1 15 ? -20.527 -4.109  0.432   1.00 9.75  ? 2661 G   A "C4'" 1 
ATOM   349 O "O4'" . G   A 1 15 ? -20.706 -5.400  1.064   1.00 9.86  ? 2661 G   A "O4'" 1 
ATOM   350 C "C3'" . G   A 1 15 ? -19.653 -3.340  1.407   1.00 9.57  ? 2661 G   A "C3'" 1 
ATOM   351 O "O3'" . G   A 1 15 ? -19.854 -1.956  1.215   1.00 9.40  ? 2661 G   A "O3'" 1 
ATOM   352 C "C2'" . G   A 1 15 ? -20.242 -3.795  2.732   1.00 8.89  ? 2661 G   A "C2'" 1 
ATOM   353 O "O2'" . G   A 1 15 ? -21.506 -3.206  2.970   1.00 9.33  ? 2661 G   A "O2'" 1 
ATOM   354 C "C1'" . G   A 1 15 ? -20.427 -5.279  2.448   1.00 9.16  ? 2661 G   A "C1'" 1 
ATOM   355 N N9    . G   A 1 15 ? -19.293 -6.143  2.780   1.00 8.81  ? 2661 G   A N9    1 
ATOM   356 C C8    . G   A 1 15 ? -18.390 -6.722  1.922   1.00 9.41  ? 2661 G   A C8    1 
ATOM   357 N N7    . G   A 1 15 ? -17.502 -7.463  2.528   1.00 8.94  ? 2661 G   A N7    1 
ATOM   358 C C5    . G   A 1 15 ? -17.846 -7.378  3.873   1.00 8.49  ? 2661 G   A C5    1 
ATOM   359 C C6    . G   A 1 15 ? -17.256 -7.970  5.014   1.00 9.11  ? 2661 G   A C6    1 
ATOM   360 O O6    . G   A 1 15 ? -16.275 -8.724  5.077   1.00 10.63 ? 2661 G   A O6    1 
ATOM   361 N N1    . G   A 1 15 ? -17.927 -7.612  6.180   1.00 8.97  ? 2661 G   A N1    1 
ATOM   362 C C2    . G   A 1 15 ? -19.028 -6.793  6.239   1.00 8.61  ? 2661 G   A C2    1 
ATOM   363 N N2    . G   A 1 15 ? -19.535 -6.562  7.459   1.00 9.42  ? 2661 G   A N2    1 
ATOM   364 N N3    . G   A 1 15 ? -19.592 -6.233  5.180   1.00 8.03  ? 2661 G   A N3    1 
ATOM   365 C C4    . G   A 1 15 ? -18.949 -6.571  4.038   1.00 8.64  ? 2661 G   A C4    1 
ATOM   366 P P     . A   A 1 16 ? -18.715 -0.918  1.639   1.00 9.58  ? 2662 A   A P     1 
ATOM   367 O OP1   . A   A 1 16 ? -19.273 0.431   1.405   1.00 11.40 ? 2662 A   A OP1   1 
ATOM   368 O OP2   . A   A 1 16 ? -17.442 -1.312  0.999   1.00 10.13 ? 2662 A   A OP2   1 
ATOM   369 O "O5'" . A   A 1 16 ? -18.547 -1.152  3.210   1.00 9.15  ? 2662 A   A "O5'" 1 
ATOM   370 C "C5'" . A   A 1 16 ? -19.558 -0.765  4.128   1.00 9.65  ? 2662 A   A "C5'" 1 
ATOM   371 C "C4'" . A   A 1 16 ? -19.100 -1.111  5.531   1.00 9.48  ? 2662 A   A "C4'" 1 
ATOM   372 O "O4'" . A   A 1 16 ? -19.074 -2.550  5.695   1.00 9.02  ? 2662 A   A "O4'" 1 
ATOM   373 C "C3'" . A   A 1 16 ? -17.680 -0.677  5.846   1.00 9.13  ? 2662 A   A "C3'" 1 
ATOM   374 O "O3'" . A   A 1 16 ? -17.684 0.681   6.254   1.00 10.67 ? 2662 A   A "O3'" 1 
ATOM   375 C "C2'" . A   A 1 16 ? -17.316 -1.632  6.978   1.00 8.84  ? 2662 A   A "C2'" 1 
ATOM   376 O "O2'" . A   A 1 16 ? -17.854 -1.227  8.219   1.00 9.77  ? 2662 A   A "O2'" 1 
ATOM   377 C "C1'" . A   A 1 16 ? -17.973 -2.925  6.502   1.00 8.22  ? 2662 A   A "C1'" 1 
ATOM   378 N N9    . A   A 1 16 ? -17.037 -3.711  5.707   1.00 8.45  ? 2662 A   A N9    1 
ATOM   379 C C8    . A   A 1 16 ? -16.790 -3.575  4.368   1.00 8.05  ? 2662 A   A C8    1 
ATOM   380 N N7    . A   A 1 16 ? -15.879 -4.398  3.913   1.00 8.08  ? 2662 A   A N7    1 
ATOM   381 C C5    . A   A 1 16 ? -15.495 -5.118  5.031   1.00 8.82  ? 2662 A   A C5    1 
ATOM   382 C C6    . A   A 1 16 ? -14.556 -6.149  5.204   1.00 9.85  ? 2662 A   A C6    1 
ATOM   383 N N6    . A   A 1 16 ? -13.818 -6.635  4.199   1.00 11.62 ? 2662 A   A N6    1 
ATOM   384 N N1    . A   A 1 16 ? -14.405 -6.654  6.445   1.00 9.86  ? 2662 A   A N1    1 
ATOM   385 C C2    . A   A 1 16 ? -15.155 -6.156  7.437   1.00 9.87  ? 2662 A   A C2    1 
ATOM   386 N N3    . A   A 1 16 ? -16.071 -5.188  7.395   1.00 9.36  ? 2662 A   A N3    1 
ATOM   387 C C4    . A   A 1 16 ? -16.194 -4.704  6.147   1.00 8.11  ? 2662 A   A C4    1 
ATOM   388 P P     . G   A 1 17 ? -16.479 1.637   5.828   1.00 11.13 ? 2663 G   A P     1 
ATOM   389 O OP1   . G   A 1 17 ? -16.748 2.974   6.403   1.00 14.64 ? 2663 G   A OP1   1 
ATOM   390 O OP2   . G   A 1 17 ? -16.225 1.497   4.375   1.00 11.61 ? 2663 G   A OP2   1 
ATOM   391 O "O5'" . G   A 1 17 ? -15.278 0.958   6.623   1.00 10.77 ? 2663 G   A "O5'" 1 
ATOM   392 C "C5'" . G   A 1 17 ? -13.985 0.979   6.065   1.00 11.23 ? 2663 G   A "C5'" 1 
ATOM   393 C "C4'" . G   A 1 17 ? -13.338 -0.377  6.241   1.00 11.83 ? 2663 G   A "C4'" 1 
ATOM   394 O "O4'" . G   A 1 17 ? -14.118 -1.382  5.541   1.00 10.74 ? 2663 G   A "O4'" 1 
ATOM   395 C "C3'" . G   A 1 17 ? -11.958 -0.473  5.618   1.00 10.00 ? 2663 G   A "C3'" 1 
ATOM   396 O "O3'" . G   A 1 17 ? -10.974 0.043   6.507   1.00 10.94 ? 2663 G   A "O3'" 1 
ATOM   397 C "C2'" . G   A 1 17 ? -11.843 -1.978  5.411   1.00 10.37 ? 2663 G   A "C2'" 1 
ATOM   398 O "O2'" . G   A 1 17 ? -11.553 -2.677  6.604   1.00 11.04 ? 2663 G   A "O2'" 1 
ATOM   399 C "C1'" . G   A 1 17 ? -13.249 -2.290  4.893   1.00 10.66 ? 2663 G   A "C1'" 1 
ATOM   400 N N9    . G   A 1 17 ? -13.287 -2.062  3.455   1.00 10.12 ? 2663 G   A N9    1 
ATOM   401 C C8    . G   A 1 17 ? -13.854 -1.014  2.768   1.00 10.94 ? 2663 G   A C8    1 
ATOM   402 N N7    . G   A 1 17 ? -13.684 -1.091  1.475   1.00 10.31 ? 2663 G   A N7    1 
ATOM   403 C C5    . G   A 1 17 ? -12.950 -2.257  1.292   1.00 10.00 ? 2663 G   A C5    1 
ATOM   404 C C6    . G   A 1 17 ? -12.461 -2.867  0.110   1.00 9.77  ? 2663 G   A C6    1 
ATOM   405 O O6    . G   A 1 17 ? -12.582 -2.486  -1.064  1.00 10.42 ? 2663 G   A O6    1 
ATOM   406 N N1    . G   A 1 17 ? -11.764 -4.042  0.387   1.00 9.10  ? 2663 G   A N1    1 
ATOM   407 C C2    . G   A 1 17 ? -11.569 -4.564  1.645   1.00 9.45  ? 2663 G   A C2    1 
ATOM   408 N N2    . G   A 1 17 ? -10.876 -5.707  1.721   1.00 11.31 ? 2663 G   A N2    1 
ATOM   409 N N3    . G   A 1 17 ? -12.022 -4.003  2.757   1.00 9.96  ? 2663 G   A N3    1 
ATOM   410 C C4    . G   A 1 17 ? -12.697 -2.859  2.503   1.00 9.55  ? 2663 G   A C4    1 
ATOM   411 P P     . G   A 1 18 ? -9.828  1.002   5.931   1.00 11.45 ? 2664 G   A P     1 
ATOM   412 O OP1   . G   A 1 18 ? -8.919  1.331   7.051   1.00 12.63 ? 2664 G   A OP1   1 
ATOM   413 O OP2   . G   A 1 18 ? -10.463 2.087   5.151   1.00 12.97 ? 2664 G   A OP2   1 
ATOM   414 O "O5'" . G   A 1 18 ? -9.080  0.064   4.877   1.00 10.47 ? 2664 G   A "O5'" 1 
ATOM   415 C "C5'" . G   A 1 18 ? -8.426  -1.126  5.282   1.00 10.84 ? 2664 G   A "C5'" 1 
ATOM   416 C "C4'" . G   A 1 18 ? -7.969  -1.901  4.061   1.00 9.89  ? 2664 G   A "C4'" 1 
ATOM   417 O "O4'" . G   A 1 18 ? -9.116  -2.265  3.253   1.00 9.64  ? 2664 G   A "O4'" 1 
ATOM   418 C "C3'" . G   A 1 18 ? -7.093  -1.125  3.091   1.00 9.06  ? 2664 G   A "C3'" 1 
ATOM   419 O "O3'" . G   A 1 18 ? -5.749  -1.091  3.545   1.00 9.92  ? 2664 G   A "O3'" 1 
ATOM   420 C "C2'" . G   A 1 18 ? -7.263  -1.974  1.838   1.00 10.01 ? 2664 G   A "C2'" 1 
ATOM   421 O "O2'" . G   A 1 18 ? -6.610  -3.222  1.930   1.00 9.68  ? 2664 G   A "O2'" 1 
ATOM   422 C "C1'" . G   A 1 18 ? -8.768  -2.199  1.880   1.00 9.30  ? 2664 G   A "C1'" 1 
ATOM   423 N N9    . G   A 1 18 ? -9.522  -1.123  1.243   1.00 9.37  ? 2664 G   A N9    1 
ATOM   424 C C8    . G   A 1 18 ? -10.202 -0.107  1.869   1.00 10.07 ? 2664 G   A C8    1 
ATOM   425 N N7    . G   A 1 18 ? -10.785 0.715   1.041   1.00 10.79 ? 2664 G   A N7    1 
ATOM   426 C C5    . G   A 1 18 ? -10.471 0.215   -0.215  1.00 10.66 ? 2664 G   A C5    1 
ATOM   427 C C6    . G   A 1 18 ? -10.828 0.691   -1.500  1.00 11.44 ? 2664 G   A C6    1 
ATOM   428 O O6    . G   A 1 18 ? -11.515 1.681   -1.784  1.00 12.57 ? 2664 G   A O6    1 
ATOM   429 N N1    . G   A 1 18 ? -10.304 -0.109  -2.512  1.00 10.24 ? 2664 G   A N1    1 
ATOM   430 C C2    . G   A 1 18 ? -9.532  -1.227  -2.307  1.00 10.42 ? 2664 G   A C2    1 
ATOM   431 N N2    . G   A 1 18 ? -9.117  -1.865  -3.413  1.00 10.34 ? 2664 G   A N2    1 
ATOM   432 N N3    . G   A 1 18 ? -9.190  -1.683  -1.108  1.00 9.64  ? 2664 G   A N3    1 
ATOM   433 C C4    . G   A 1 18 ? -9.692  -0.915  -0.110  1.00 9.63  ? 2664 G   A C4    1 
ATOM   434 P P     . A   A 1 19 ? -4.770  0.056   3.008   1.00 9.50  ? 2665 A   A P     1 
ATOM   435 O OP1   . A   A 1 19 ? -3.596  0.095   3.907   1.00 10.55 ? 2665 A   A OP1   1 
ATOM   436 O OP2   . A   A 1 19 ? -5.564  1.282   2.782   1.00 10.74 ? 2665 A   A OP2   1 
ATOM   437 O "O5'" . A   A 1 19 ? -4.349  -0.492  1.562   1.00 8.96  ? 2665 A   A "O5'" 1 
ATOM   438 C "C5'" . A   A 1 19 ? -3.042  -0.983  1.283   1.00 9.37  ? 2665 A   A "C5'" 1 
ATOM   439 C "C4'" . A   A 1 19 ? -2.840  -2.426  1.705   1.00 8.94  ? 2665 A   A "C4'" 1 
ATOM   440 O "O4'" . A   A 1 19 ? -3.931  -3.266  1.241   1.00 9.79  ? 2665 A   A "O4'" 1 
ATOM   441 C "C3'" . A   A 1 19 ? -1.608  -3.076  1.096   1.00 8.78  ? 2665 A   A "C3'" 1 
ATOM   442 O "O3'" . A   A 1 19 ? -0.431  -2.715  1.807   1.00 9.83  ? 2665 A   A "O3'" 1 
ATOM   443 C "C2'" . A   A 1 19 ? -1.971  -4.545  1.250   1.00 10.07 ? 2665 A   A "C2'" 1 
ATOM   444 O "O2'" . A   A 1 19 ? -1.932  -4.975  2.593   1.00 11.58 ? 2665 A   A "O2'" 1 
ATOM   445 C "C1'" . A   A 1 19 ? -3.408  -4.487  0.747   1.00 9.28  ? 2665 A   A "C1'" 1 
ATOM   446 N N9    . A   A 1 19 ? -3.441  -4.449  -0.708  1.00 9.34  ? 2665 A   A N9    1 
ATOM   447 C C8    . A   A 1 19 ? -3.838  -3.402  -1.491  1.00 9.35  ? 2665 A   A C8    1 
ATOM   448 N N7    . A   A 1 19 ? -3.748  -3.643  -2.775  1.00 9.73  ? 2665 A   A N7    1 
ATOM   449 C C5    . A   A 1 19 ? -3.252  -4.933  -2.840  1.00 9.82  ? 2665 A   A C5    1 
ATOM   450 C C6    . A   A 1 19 ? -2.936  -5.766  -3.929  1.00 9.82  ? 2665 A   A C6    1 
ATOM   451 N N6    . A   A 1 19 ? -3.083  -5.388  -5.203  1.00 10.97 ? 2665 A   A N6    1 
ATOM   452 N N1    . A   A 1 19 ? -2.465  -6.999  -3.652  1.00 11.36 ? 2665 A   A N1    1 
ATOM   453 C C2    . A   A 1 19 ? -2.323  -7.364  -2.372  1.00 10.78 ? 2665 A   A C2    1 
ATOM   454 N N3    . A   A 1 19 ? -2.588  -6.669  -1.267  1.00 9.88  ? 2665 A   A N3    1 
ATOM   455 C C4    . A   A 1 19 ? -3.055  -5.448  -1.574  1.00 9.66  ? 2665 A   A C4    1 
ATOM   456 P P     . C   A 1 20 ? 0.963   -2.629  1.021   1.00 9.26  ? 2666 C   A P     1 
ATOM   457 O OP1   . C   A 1 20 ? 1.917   -1.931  1.911   1.00 10.97 ? 2666 C   A OP1   1 
ATOM   458 O OP2   . C   A 1 20 ? 0.711   -2.105  -0.340  1.00 9.75  ? 2666 C   A OP2   1 
ATOM   459 O "O5'" . C   A 1 20 ? 1.398   -4.159  0.870   1.00 9.35  ? 2666 C   A "O5'" 1 
ATOM   460 C "C5'" . C   A 1 20 ? 1.502   -4.995  2.013   1.00 9.37  ? 2666 C   A "C5'" 1 
ATOM   461 C "C4'" . C   A 1 20 ? 1.654   -6.439  1.576   1.00 10.83 ? 2666 C   A "C4'" 1 
ATOM   462 O "O4'" . C   A 1 20 ? 0.560   -6.796  0.698   1.00 10.47 ? 2666 C   A "O4'" 1 
ATOM   463 C "C3'" . C   A 1 20 ? 2.895   -6.744  0.752   1.00 10.81 ? 2666 C   A "C3'" 1 
ATOM   464 O "O3'" . C   A 1 20 ? 4.010   -6.950  1.599   1.00 12.21 ? 2666 C   A "O3'" 1 
ATOM   465 C "C2'" . C   A 1 20 ? 2.466   -8.042  0.084   1.00 11.12 ? 2666 C   A "C2'" 1 
ATOM   466 O "O2'" . C   A 1 20 ? 2.472   -9.124  0.991   1.00 13.59 ? 2666 C   A "O2'" 1 
ATOM   467 C "C1'" . C   A 1 20 ? 1.027   -7.704  -0.281  1.00 10.14 ? 2666 C   A "C1'" 1 
ATOM   468 N N1    . C   A 1 20 ? 0.874   -7.107  -1.640  1.00 9.58  ? 2666 C   A N1    1 
ATOM   469 C C2    . C   A 1 20 ? 1.053   -7.945  -2.743  1.00 10.30 ? 2666 C   A C2    1 
ATOM   470 O O2    . C   A 1 20 ? 1.336   -9.134  -2.540  1.00 11.28 ? 2666 C   A O2    1 
ATOM   471 N N3    . C   A 1 20 ? 0.913   -7.431  -3.988  1.00 10.05 ? 2666 C   A N3    1 
ATOM   472 C C4    . C   A 1 20 ? 0.604   -6.143  -4.145  1.00 9.46  ? 2666 C   A C4    1 
ATOM   473 N N4    . C   A 1 20 ? 0.473   -5.681  -5.393  1.00 9.71  ? 2666 C   A N4    1 
ATOM   474 C C5    . C   A 1 20 ? 0.415   -5.272  -3.029  1.00 9.75  ? 2666 C   A C5    1 
ATOM   475 C C6    . C   A 1 20 ? 0.555   -5.791  -1.804  1.00 9.49  ? 2666 C   A C6    1 
ATOM   476 P P     . C   A 1 21 ? 5.393   -6.212  1.285   1.00 13.66 ? 2667 C   A P     1 
ATOM   477 O OP1   . C   A 1 21 ? 6.334   -6.554  2.375   1.00 15.89 ? 2667 C   A OP1   1 
ATOM   478 O OP2   . C   A 1 21 ? 5.104   -4.796  0.971   1.00 13.14 ? 2667 C   A OP2   1 
ATOM   479 O "O5'" . C   A 1 21 ? 5.888   -6.899  -0.070  1.00 13.76 ? 2667 C   A "O5'" 1 
ATOM   480 C "C5'" . C   A 1 21 ? 6.252   -8.269  -0.101  1.00 14.73 ? 2667 C   A "C5'" 1 
ATOM   481 C "C4'" . C   A 1 21 ? 6.269   -8.739  -1.541  1.00 15.02 ? 2667 C   A "C4'" 1 
ATOM   482 O "O4'" . C   A 1 21 ? 4.952   -8.554  -2.116  1.00 14.13 ? 2667 C   A "O4'" 1 
ATOM   483 C "C3'" . C   A 1 21 ? 7.176   -7.943  -2.466  1.00 13.06 ? 2667 C   A "C3'" 1 
ATOM   484 O "O3'" . C   A 1 21 ? 8.512   -8.401  -2.381  1.00 13.23 ? 2667 C   A "O3'" 1 
ATOM   485 C "C2'" . C   A 1 21 ? 6.571   -8.292  -3.816  1.00 14.89 ? 2667 C   A "C2'" 1 
ATOM   486 O "O2'" . C   A 1 21 ? 6.924   -9.595  -4.235  1.00 14.79 ? 2667 C   A "O2'" 1 
ATOM   487 C "C1'" . C   A 1 21 ? 5.085   -8.223  -3.485  1.00 14.52 ? 2667 C   A "C1'" 1 
ATOM   488 N N1    . C   A 1 21 ? 4.539   -6.866  -3.734  1.00 12.18 ? 2667 C   A N1    1 
ATOM   489 C C2    . C   A 1 21 ? 4.294   -6.496  -5.057  1.00 12.98 ? 2667 C   A C2    1 
ATOM   490 O O2    . C   A 1 21 ? 4.535   -7.312  -5.954  1.00 14.12 ? 2667 C   A O2    1 
ATOM   491 N N3    . C   A 1 21 ? 3.801   -5.262  -5.309  1.00 12.40 ? 2667 C   A N3    1 
ATOM   492 C C4    . C   A 1 21 ? 3.557   -4.418  -4.305  1.00 12.58 ? 2667 C   A C4    1 
ATOM   493 N N4    . C   A 1 21 ? 3.069   -3.211  -4.610  1.00 12.35 ? 2667 C   A N4    1 
ATOM   494 C C5    . C   A 1 21 ? 3.802   -4.775  -2.947  1.00 11.12 ? 2667 C   A C5    1 
ATOM   495 C C6    . C   A 1 21 ? 4.292   -5.998  -2.708  1.00 11.19 ? 2667 C   A C6    1 
ATOM   496 P P     . G   A 1 22 ? 9.708   -7.343  -2.419  1.00 13.98 ? 2668 G   A P     1 
ATOM   497 O OP1   . G   A 1 22 ? 10.968  -8.114  -2.507  1.00 14.51 ? 2668 G   A OP1   1 
ATOM   498 O OP2   . G   A 1 22 ? 9.500   -6.385  -1.311  1.00 16.18 ? 2668 G   A OP2   1 
ATOM   499 O "O5'" . G   A 1 22 ? 9.487   -6.547  -3.787  1.00 12.63 ? 2668 G   A "O5'" 1 
ATOM   500 C "C5'" . G   A 1 22 ? 9.814   -7.141  -5.032  1.00 13.60 ? 2668 G   A "C5'" 1 
ATOM   501 C "C4'" . G   A 1 22 ? 9.415   -6.219  -6.169  1.00 12.88 ? 2668 G   A "C4'" 1 
ATOM   502 O "O4'" . G   A 1 22 ? 7.980   -6.002  -6.138  1.00 10.70 ? 2668 G   A "O4'" 1 
ATOM   503 C "C3'" . G   A 1 22 ? 9.982   -4.807  -6.109  1.00 12.93 ? 2668 G   A "C3'" 1 
ATOM   504 O "O3'" . G   A 1 22 ? 11.347  -4.751  -6.534  1.00 16.45 ? 2668 G   A "O3'" 1 
ATOM   505 C "C2'" . G   A 1 22 ? 9.035   -4.130  -7.091  1.00 11.89 ? 2668 G   A "C2'" 1 
ATOM   506 O "O2'" . G   A 1 22 ? 9.251   -4.535  -8.427  1.00 15.62 ? 2668 G   A "O2'" 1 
ATOM   507 C "C1'" . G   A 1 22 ? 7.707   -4.685  -6.587  1.00 10.66 ? 2668 G   A "C1'" 1 
ATOM   508 N N9    . G   A 1 22 ? 7.185   -3.897  -5.478  1.00 9.45  ? 2668 G   A N9    1 
ATOM   509 C C8    . G   A 1 22 ? 7.179   -4.242  -4.148  1.00 9.29  ? 2668 G   A C8    1 
ATOM   510 N N7    . G   A 1 22 ? 6.654   -3.329  -3.380  1.00 9.18  ? 2668 G   A N7    1 
ATOM   511 C C5    . G   A 1 22 ? 6.291   -2.314  -4.257  1.00 8.56  ? 2668 G   A C5    1 
ATOM   512 C C6    . G   A 1 22 ? 5.672   -1.069  -3.999  1.00 8.07  ? 2668 G   A C6    1 
ATOM   513 O O6    . G   A 1 22 ? 5.313   -0.608  -2.909  1.00 8.86  ? 2668 G   A O6    1 
ATOM   514 N N1    . G   A 1 22 ? 5.484   -0.334  -5.166  1.00 8.20  ? 2668 G   A N1    1 
ATOM   515 C C2    . G   A 1 22 ? 5.842   -0.752  -6.424  1.00 7.74  ? 2668 G   A C2    1 
ATOM   516 N N2    . G   A 1 22 ? 5.579   0.097   -7.429  1.00 8.67  ? 2668 G   A N2    1 
ATOM   517 N N3    . G   A 1 22 ? 6.419   -1.919  -6.681  1.00 8.42  ? 2668 G   A N3    1 
ATOM   518 C C4    . G   A 1 22 ? 6.613   -2.645  -5.552  1.00 8.49  ? 2668 G   A C4    1 
ATOM   519 P P     . G   A 1 23 ? 12.356  -3.686  -5.881  1.00 15.81 ? 2669 G   A P     1 
ATOM   520 O OP1   . G   A 1 23 ? 13.716  -3.993  -6.379  1.00 18.11 ? 2669 G   A OP1   1 
ATOM   521 O OP2   . G   A 1 23 ? 12.100  -3.641  -4.425  1.00 17.28 ? 2669 G   A OP2   1 
ATOM   522 O "O5'" . G   A 1 23 ? 11.874  -2.293  -6.498  1.00 14.60 ? 2669 G   A "O5'" 1 
ATOM   523 C "C5'" . G   A 1 23 ? 11.874  -2.085  -7.901  1.00 15.74 ? 2669 G   A "C5'" 1 
ATOM   524 C "C4'" . G   A 1 23 ? 11.074  -0.841  -8.231  1.00 12.61 ? 2669 G   A "C4'" 1 
ATOM   525 O "O4'" . G   A 1 23 ? 9.754   -0.969  -7.652  1.00 10.67 ? 2669 G   A "O4'" 1 
ATOM   526 C "C3'" . G   A 1 23 ? 11.597  0.452   -7.625  1.00 12.63 ? 2669 G   A "C3'" 1 
ATOM   527 O "O3'" . G   A 1 23 ? 12.643  0.978   -8.419  1.00 15.36 ? 2669 G   A "O3'" 1 
ATOM   528 C "C2'" . G   A 1 23 ? 10.348  1.322   -7.679  1.00 10.93 ? 2669 G   A "C2'" 1 
ATOM   529 O "O2'" . G   A 1 23 ? 10.021  1.739   -8.989  1.00 11.05 ? 2669 G   A "O2'" 1 
ATOM   530 C "C1'" . G   A 1 23 ? 9.310   0.308   -7.228  1.00 9.31  ? 2669 G   A "C1'" 1 
ATOM   531 N N9    . G   A 1 23 ? 9.046   0.282   -5.792  1.00 9.16  ? 2669 G   A N9    1 
ATOM   532 C C8    . G   A 1 23 ? 9.302   -0.730  -4.896  1.00 9.86  ? 2669 G   A C8    1 
ATOM   533 N N7    . G   A 1 23 ? 8.923   -0.446  -3.678  1.00 10.11 ? 2669 G   A N7    1 
ATOM   534 C C5    . G   A 1 23 ? 8.379   0.831   -3.775  1.00 8.94  ? 2669 G   A C5    1 
ATOM   535 C C6    . G   A 1 23 ? 7.804   1.669   -2.789  1.00 9.13  ? 2669 G   A C6    1 
ATOM   536 O O6    . G   A 1 23 ? 7.647   1.439   -1.583  1.00 10.38 ? 2669 G   A O6    1 
ATOM   537 N N1    . G   A 1 23 ? 7.379   2.884   -3.326  1.00 8.97  ? 2669 G   A N1    1 
ATOM   538 C C2    . G   A 1 23 ? 7.499   3.244   -4.647  1.00 8.83  ? 2669 G   A C2    1 
ATOM   539 N N2    . G   A 1 23 ? 7.039   4.457   -4.984  1.00 9.59  ? 2669 G   A N2    1 
ATOM   540 N N3    . G   A 1 23 ? 8.034   2.469   -5.578  1.00 9.13  ? 2669 G   A N3    1 
ATOM   541 C C4    . G   A 1 23 ? 8.450   1.286   -5.070  1.00 8.79  ? 2669 G   A C4    1 
ATOM   542 P P     . A   A 1 24 ? 13.894  1.674   -7.708  1.00 20.80 ? 2670 A   A P     1 
ATOM   543 O OP1   . A   A 1 24 ? 14.955  1.815   -8.727  1.00 27.17 ? 2670 A   A OP1   1 
ATOM   544 O OP2   . A   A 1 24 ? 14.171  0.956   -6.444  1.00 25.51 ? 2670 A   A OP2   1 
ATOM   545 O "O5'" . A   A 1 24 ? 13.342  3.127   -7.339  1.00 17.03 ? 2670 A   A "O5'" 1 
ATOM   546 C "C5'" . A   A 1 24 ? 13.071  4.055   -8.379  1.00 17.25 ? 2670 A   A "C5'" 1 
ATOM   547 C "C4'" . A   A 1 24 ? 12.378  5.283   -7.825  1.00 14.77 ? 2670 A   A "C4'" 1 
ATOM   548 O "O4'" . A   A 1 24 ? 11.095  4.903   -7.268  1.00 14.12 ? 2670 A   A "O4'" 1 
ATOM   549 C "C3'" . A   A 1 24 ? 13.079  5.960   -6.659  1.00 16.06 ? 2670 A   A "C3'" 1 
ATOM   550 O "O3'" . A   A 1 24 ? 14.123  6.807   -7.106  1.00 19.68 ? 2670 A   A "O3'" 1 
ATOM   551 C "C2'" . A   A 1 24 ? 11.925  6.774   -6.095  1.00 16.01 ? 2670 A   A "C2'" 1 
ATOM   552 O "O2'" . A   A 1 24 ? 11.594  7.875   -6.915  1.00 15.51 ? 2670 A   A "O2'" 1 
ATOM   553 C "C1'" . A   A 1 24 ? 10.818  5.730   -6.152  1.00 13.45 ? 2670 A   A "C1'" 1 
ATOM   554 N N9    . A   A 1 24 ? 10.762  4.903   -4.952  1.00 13.74 ? 2670 A   A N9    1 
ATOM   555 C C8    . A   A 1 24 ? 11.241  3.634   -4.783  1.00 13.93 ? 2670 A   A C8    1 
ATOM   556 N N7    . A   A 1 24 ? 11.041  3.151   -3.580  1.00 13.07 ? 2670 A   A N7    1 
ATOM   557 C C5    . A   A 1 24 ? 10.388  4.175   -2.915  1.00 12.18 ? 2670 A   A C5    1 
ATOM   558 C C6    . A   A 1 24 ? 9.896   4.296   -1.600  1.00 12.41 ? 2670 A   A C6    1 
ATOM   559 N N6    . A   A 1 24 ? 9.995   3.325   -0.687  1.00 12.39 ? 2670 A   A N6    1 
ATOM   560 N N1    . A   A 1 24 ? 9.297   5.457   -1.260  1.00 12.07 ? 2670 A   A N1    1 
ATOM   561 C C2    . A   A 1 24 ? 9.198   6.425   -2.178  1.00 12.55 ? 2670 A   A C2    1 
ATOM   562 N N3    . A   A 1 24 ? 9.620   6.428   -3.441  1.00 12.41 ? 2670 A   A N3    1 
ATOM   563 C C4    . A   A 1 24 ? 10.211  5.263   -3.745  1.00 12.84 ? 2670 A   A C4    1 
ATOM   564 P P     . G   A 1 25 ? 15.347  7.132   -6.125  1.00 24.43 ? 2671 G   A P     1 
ATOM   565 O OP1   . G   A 1 25 ? 16.288  8.003   -6.862  1.00 28.03 ? 2671 G   A OP1   1 
ATOM   566 O OP2   . G   A 1 25 ? 15.821  5.851   -5.557  1.00 26.32 ? 2671 G   A OP2   1 
ATOM   567 O "O5'" . G   A 1 25 ? 14.676  7.972   -4.939  1.00 27.29 ? 2671 G   A "O5'" 1 
ATOM   568 C "C5'" . G   A 1 25 ? 14.306  9.331   -5.134  1.00 25.30 ? 2671 G   A "C5'" 1 
ATOM   569 C "C4'" . G   A 1 25 ? 13.509  9.857   -3.952  1.00 23.54 ? 2671 G   A "C4'" 1 
ATOM   570 O "O4'" . G   A 1 25 ? 12.461  8.915   -3.617  1.00 26.16 ? 2671 G   A "O4'" 1 
ATOM   571 C "C3'" . G   A 1 25 ? 14.264  10.011  -2.642  1.00 21.85 ? 2671 G   A "C3'" 1 
ATOM   572 O "O3'" . G   A 1 25 ? 15.022  11.208  -2.637  1.00 18.66 ? 2671 G   A "O3'" 1 
ATOM   573 C "C2'" . G   A 1 25 ? 13.092  10.110  -1.678  1.00 23.09 ? 2671 G   A "C2'" 1 
ATOM   574 O "O2'" . G   A 1 25 ? 12.451  11.366  -1.756  1.00 23.17 ? 2671 G   A "O2'" 1 
ATOM   575 C "C1'" . G   A 1 25 ? 12.174  9.027   -2.233  1.00 24.84 ? 2671 G   A "C1'" 1 
ATOM   576 N N9    . G   A 1 25 ? 12.358  7.731   -1.586  1.00 25.13 ? 2671 G   A N9    1 
ATOM   577 C C8    . G   A 1 25 ? 13.006  6.625   -2.081  1.00 26.35 ? 2671 G   A C8    1 
ATOM   578 N N7    . G   A 1 25 ? 13.000  5.611   -1.260  1.00 27.04 ? 2671 G   A N7    1 
ATOM   579 C C5    . G   A 1 25 ? 12.304  6.073   -0.150  1.00 27.63 ? 2671 G   A C5    1 
ATOM   580 C C6    . G   A 1 25 ? 11.978  5.423   1.065   1.00 29.20 ? 2671 G   A C6    1 
ATOM   581 O O6    . G   A 1 25 ? 12.247  4.265   1.414   1.00 27.19 ? 2671 G   A O6    1 
ATOM   582 N N1    . G   A 1 25 ? 11.262  6.259   1.920   1.00 25.95 ? 2671 G   A N1    1 
ATOM   583 C C2    . G   A 1 25 ? 10.910  7.558   1.637   1.00 26.03 ? 2671 G   A C2    1 
ATOM   584 N N2    . G   A 1 25 ? 10.223  8.213   2.584   1.00 26.18 ? 2671 G   A N2    1 
ATOM   585 N N3    . G   A 1 25 ? 11.212  8.178   0.505   1.00 25.53 ? 2671 G   A N3    1 
ATOM   586 C C4    . G   A 1 25 ? 11.905  7.377   -0.338  1.00 26.49 ? 2671 G   A C4    1 
ATOM   587 P P     . U   A 1 26 ? 16.369  11.294  -1.781  1.00 18.32 ? 2672 U   A P     1 
ATOM   588 O OP1   . U   A 1 26 ? 16.985  12.608  -2.065  1.00 19.70 ? 2672 U   A OP1   1 
ATOM   589 O OP2   . U   A 1 26 ? 17.141  10.054  -2.019  1.00 20.96 ? 2672 U   A OP2   1 
ATOM   590 O "O5'" . U   A 1 26 ? 15.868  11.276  -0.263  1.00 16.12 ? 2672 U   A "O5'" 1 
ATOM   591 C "C5'" . U   A 1 26 ? 15.112  12.356  0.262   1.00 16.19 ? 2672 U   A "C5'" 1 
ATOM   592 C "C4'" . U   A 1 26 ? 14.574  11.986  1.629   1.00 17.54 ? 2672 U   A "C4'" 1 
ATOM   593 O "O4'" . U   A 1 26 ? 13.664  10.866  1.498   1.00 17.14 ? 2672 U   A "O4'" 1 
ATOM   594 C "C3'" . U   A 1 26 ? 15.614  11.476  2.615   1.00 16.26 ? 2672 U   A "C3'" 1 
ATOM   595 O "O3'" . U   A 1 26 ? 16.311  12.543  3.236   1.00 18.32 ? 2672 U   A "O3'" 1 
ATOM   596 C "C2'" . U   A 1 26 ? 14.725  10.745  3.610   1.00 17.15 ? 2672 U   A "C2'" 1 
ATOM   597 O "O2'" . U   A 1 26 ? 14.025  11.627  4.467   1.00 20.29 ? 2672 U   A "O2'" 1 
ATOM   598 C "C1'" . U   A 1 26 ? 13.758  10.055  2.656   1.00 17.01 ? 2672 U   A "C1'" 1 
ATOM   599 N N1    . U   A 1 26 ? 14.226  8.694   2.279   1.00 15.75 ? 2672 U   A N1    1 
ATOM   600 C C2    . U   A 1 26 ? 13.950  7.657   3.142   1.00 16.93 ? 2672 U   A C2    1 
ATOM   601 O O2    . U   A 1 26 ? 13.343  7.814   4.184   1.00 17.94 ? 2672 U   A O2    1 
ATOM   602 N N3    . U   A 1 26 ? 14.409  6.429   2.740   1.00 17.99 ? 2672 U   A N3    1 
ATOM   603 C C4    . U   A 1 26 ? 15.107  6.144   1.582   1.00 17.03 ? 2672 U   A C4    1 
ATOM   604 O O4    . U   A 1 26 ? 15.455  4.990   1.355   1.00 19.33 ? 2672 U   A O4    1 
ATOM   605 C C5    . U   A 1 26 ? 15.361  7.281   0.732   1.00 17.42 ? 2672 U   A C5    1 
ATOM   606 C C6    . U   A 1 26 ? 14.920  8.489   1.106   1.00 16.88 ? 2672 U   A C6    1 
ATOM   607 P P     . G   A 1 27 ? 17.773  12.274  3.830   1.00 18.22 ? 2673 G   A P     1 
ATOM   608 O OP1   . G   A 1 27 ? 18.309  13.574  4.286   1.00 21.99 ? 2673 G   A OP1   1 
ATOM   609 O OP2   . G   A 1 27 ? 18.532  11.469  2.847   1.00 21.24 ? 2673 G   A OP2   1 
ATOM   610 O "O5'" . G   A 1 27 ? 17.495  11.354  5.107   1.00 15.25 ? 2673 G   A "O5'" 1 
ATOM   611 C "C5'" . G   A 1 27 ? 16.900  11.932  6.257   1.00 15.66 ? 2673 G   A "C5'" 1 
ATOM   612 C "C4'" . G   A 1 27 ? 16.678  10.894  7.339   1.00 14.52 ? 2673 G   A "C4'" 1 
ATOM   613 O "O4'" . G   A 1 27 ? 15.776  9.869   6.858   1.00 14.01 ? 2673 G   A "O4'" 1 
ATOM   614 C "C3'" . G   A 1 27 ? 17.906  10.101  7.759   1.00 13.87 ? 2673 G   A "C3'" 1 
ATOM   615 O "O3'" . G   A 1 27 ? 18.723  10.862  8.638   1.00 20.02 ? 2673 G   A "O3'" 1 
ATOM   616 C "C2'" . G   A 1 27 ? 17.232  8.941   8.480   1.00 15.07 ? 2673 G   A "C2'" 1 
ATOM   617 O "O2'" . G   A 1 27 ? 16.797  9.297   9.778   1.00 16.58 ? 2673 G   A "O2'" 1 
ATOM   618 C "C1'" . G   A 1 27 ? 16.035  8.674   7.569   1.00 13.84 ? 2673 G   A "C1'" 1 
ATOM   619 N N9    . G   A 1 27 ? 16.315  7.605   6.619   1.00 12.46 ? 2673 G   A N9    1 
ATOM   620 C C8    . G   A 1 27 ? 16.814  7.730   5.346   1.00 11.42 ? 2673 G   A C8    1 
ATOM   621 N N7    . G   A 1 27 ? 16.971  6.586   4.739   1.00 11.63 ? 2673 G   A N7    1 
ATOM   622 C C5    . G   A 1 27 ? 16.553  5.647   5.674   1.00 10.96 ? 2673 G   A C5    1 
ATOM   623 C C6    . G   A 1 27 ? 16.498  4.239   5.587   1.00 12.31 ? 2673 G   A C6    1 
ATOM   624 O O6    . G   A 1 27 ? 16.820  3.525   4.628   1.00 13.06 ? 2673 G   A O6    1 
ATOM   625 N N1    . G   A 1 27 ? 16.016  3.666   6.763   1.00 11.97 ? 2673 G   A N1    1 
ATOM   626 C C2    . G   A 1 27 ? 15.635  4.370   7.882   1.00 13.06 ? 2673 G   A C2    1 
ATOM   627 N N2    . G   A 1 27 ? 15.194  3.648   8.923   1.00 13.66 ? 2673 G   A N2    1 
ATOM   628 N N3    . G   A 1 27 ? 15.682  5.692   7.974   1.00 12.28 ? 2673 G   A N3    1 
ATOM   629 C C4    . G   A 1 27 ? 16.149  6.259   6.837   1.00 13.38 ? 2673 G   A C4    1 
HETATM 630 C C1    . GOL B 2 .  ? 0.154   -4.458  -8.577  0.88 18.82 ? 1    GOL A C1    1 
HETATM 631 O O1    . GOL B 2 .  ? 1.167   -5.210  -9.207  0.88 18.39 ? 1    GOL A O1    1 
HETATM 632 C C2    . GOL B 2 .  ? -0.841  -3.962  -9.619  0.88 16.63 ? 1    GOL A C2    1 
HETATM 633 O O2    . GOL B 2 .  ? -0.300  -2.863  -10.320 0.88 13.94 ? 1    GOL A O2    1 
HETATM 634 C C3    . GOL B 2 .  ? -2.140  -3.561  -8.931  0.88 17.02 ? 1    GOL A C3    1 
HETATM 635 O O3    . GOL B 2 .  ? -3.100  -3.194  -9.896  0.88 18.34 ? 1    GOL A O3    1 
HETATM 636 H H11   . GOL B 2 .  ? -0.362  -5.080  -7.844  0.00 20.33 ? 1    GOL A H11   1 
HETATM 637 H H12   . GOL B 2 .  ? 0.594   -3.609  -8.054  0.00 20.33 ? 1    GOL A H12   1 
HETATM 638 H HO1   . GOL B 2 .  ? 1.805   -5.525  -8.533  0.00 20.33 ? 1    GOL A HO1   1 
HETATM 639 H H2    . GOL B 2 .  ? -1.052  -4.774  -10.315 0.00 20.33 ? 1    GOL A H2    1 
HETATM 640 H HO2   . GOL B 2 .  ? -0.946  -2.547  -10.984 0.00 20.33 ? 1    GOL A HO2   1 
HETATM 641 H H31   . GOL B 2 .  ? -2.515  -4.396  -8.338  0.00 20.33 ? 1    GOL A H31   1 
HETATM 642 H H32   . GOL B 2 .  ? -1.956  -2.723  -8.258  0.00 20.33 ? 1    GOL A H32   1 
HETATM 643 H HO3   . GOL B 2 .  ? -3.724  -2.553  -9.501  0.00 20.33 ? 1    GOL A HO3   1 
HETATM 644 O O     . HOH C 3 .  ? -15.413 -1.692  9.452   1.00 9.50  ? 2674 HOH A O     1 
HETATM 645 O O     . HOH C 3 .  ? -22.186 -4.844  5.075   1.00 9.67  ? 2675 HOH A O     1 
HETATM 646 O O     . HOH C 3 .  ? 2.427   -1.383  -2.443  1.00 10.11 ? 2676 HOH A O     1 
HETATM 647 O O     . HOH C 3 .  ? -16.759 -1.494  -1.575  1.00 11.58 ? 2677 HOH A O     1 
HETATM 648 O O     . HOH C 3 .  ? -10.289 -14.889 -2.855  1.00 12.28 ? 2678 HOH A O     1 
HETATM 649 O O     . HOH C 3 .  ? -17.525 -8.383  8.803   1.00 12.04 ? 2679 HOH A O     1 
HETATM 650 O O     . HOH C 3 .  ? -0.041  -2.786  -5.515  1.00 11.63 ? 2680 HOH A O     1 
HETATM 651 O O     . HOH C 3 .  ? 7.465   5.969   -7.534  1.00 11.13 ? 2681 HOH A O     1 
HETATM 652 O O     . HOH C 3 .  ? -11.496 -2.841  -6.002  1.00 14.69 ? 2682 HOH A O     1 
HETATM 653 O O     . HOH C 3 .  ? -5.366  3.658   -3.029  1.00 15.75 ? 2683 HOH A O     1 
HETATM 654 O O     . HOH C 3 .  ? -14.166 -0.495  -2.090  1.00 14.96 ? 2684 HOH A O     1 
HETATM 655 O O     . HOH C 3 .  ? -15.594 -10.673 -4.288  1.00 15.09 ? 2685 HOH A O     1 
HETATM 656 O O     . HOH C 3 .  ? 2.261   2.471   -0.066  1.00 14.85 ? 2686 HOH A O     1 
HETATM 657 O O     . HOH C 3 .  ? -16.466 -8.011  -4.245  1.00 15.99 ? 2687 HOH A O     1 
HETATM 658 O O     . HOH C 3 .  ? 6.791   -3.166  -0.546  1.00 14.16 ? 2688 HOH A O     1 
HETATM 659 O O     . HOH C 3 .  ? 3.629   -0.222  0.201   1.00 14.33 ? 2689 HOH A O     1 
HETATM 660 O O     . HOH C 3 .  ? 7.735   10.349  -0.921  1.00 16.07 ? 2690 HOH A O     1 
HETATM 661 O O     . HOH C 3 .  ? 8.690   8.843   -4.438  1.00 17.87 ? 2691 HOH A O     1 
HETATM 662 O O     . HOH C 3 .  ? 9.178   -11.207 -3.008  1.00 18.83 ? 2692 HOH A O     1 
HETATM 663 O O     . HOH C 3 .  ? 5.803   11.941  0.073   1.00 18.24 ? 2693 HOH A O     1 
HETATM 664 O O     . HOH C 3 .  ? 6.356   -0.517  0.075   1.00 14.60 ? 2694 HOH A O     1 
HETATM 665 O O     . HOH C 3 .  ? 7.839   1.011   2.052   1.00 16.57 ? 2695 HOH A O     1 
HETATM 666 O O     . HOH C 3 .  ? 15.653  1.009   7.258   1.00 15.75 ? 2696 HOH A O     1 
HETATM 667 O O     . HOH C 3 .  ? -11.938 -6.202  -7.544  1.00 15.10 ? 2697 HOH A O     1 
HETATM 668 O O     . HOH C 3 .  ? -2.577  -7.154  -7.365  1.00 19.37 ? 2698 HOH A O     1 
HETATM 669 O O     . HOH C 3 .  ? 0.046   0.765   0.076   1.00 16.35 ? 2699 HOH A O     1 
HETATM 670 O O     . HOH C 3 .  ? 9.575   -1.639  -1.225  1.00 19.16 ? 2700 HOH A O     1 
HETATM 671 O O     . HOH C 3 .  ? 4.399   -2.896  2.646   1.00 16.08 ? 2701 HOH A O     1 
HETATM 672 O O     . HOH C 3 .  ? 3.274   7.890   -10.513 1.00 18.24 ? 2702 HOH A O     1 
HETATM 673 O O     . HOH C 3 .  ? -16.447 -11.430 3.390   1.00 15.92 ? 2703 HOH A O     1 
HETATM 674 O O     . HOH C 3 .  ? -10.488 -13.477 -7.425  1.00 19.71 ? 2704 HOH A O     1 
HETATM 675 O O     . HOH C 3 .  ? -0.968  3.852   -1.532  1.00 16.26 ? 2705 HOH A O     1 
HETATM 676 O O     . HOH C 3 .  ? -14.074 -6.509  -5.710  1.00 20.82 ? 2706 HOH A O     1 
HETATM 677 O O     . HOH C 3 .  ? 6.905   -9.835  -6.919  1.00 20.83 ? 2707 HOH A O     1 
HETATM 678 O O     . HOH C 3 .  ? -11.874 2.629   2.792   1.00 19.93 ? 2708 HOH A O     1 
HETATM 679 O O     . HOH C 3 .  ? -8.230  3.076   -9.770  1.00 17.41 ? 2709 HOH A O     1 
HETATM 680 O O     . HOH C 3 .  ? -13.316 -15.860 -4.178  1.00 17.36 ? 2710 HOH A O     1 
HETATM 681 O O     . HOH C 3 .  ? 12.642  10.303  6.440   1.00 21.63 ? 2711 HOH A O     1 
HETATM 682 O O     . HOH C 3 .  ? 0.932   12.633  2.497   1.00 20.26 ? 2712 HOH A O     1 
HETATM 683 O O     . HOH C 3 .  ? -12.882 -9.211  -6.243  1.00 20.52 ? 2713 HOH A O     1 
HETATM 684 O O     . HOH C 3 .  ? 1.147   5.563   -0.918  1.00 19.64 ? 2714 HOH A O     1 
HETATM 685 O O     . HOH C 3 .  ? -5.952  -6.656  1.865   1.00 18.09 ? 2715 HOH A O     1 
HETATM 686 O O     . HOH C 3 .  ? -1.320  2.664   -13.019 1.00 24.97 ? 2716 HOH A O     1 
HETATM 687 O O     . HOH C 3 .  ? -13.202 -12.944 -6.855  1.00 21.00 ? 2717 HOH A O     1 
HETATM 688 O O     . HOH C 3 .  ? -0.929  -3.679  4.878   1.00 22.27 ? 2718 HOH A O     1 
HETATM 689 O O     . HOH C 3 .  ? 10.179  -4.063  -11.015 1.00 22.07 ? 2719 HOH A O     1 
HETATM 690 O O     . HOH C 3 .  ? 3.034   -3.488  -7.630  1.00 18.16 ? 2720 HOH A O     1 
HETATM 691 O O     . HOH C 3 .  ? 18.347  9.237   1.228   1.00 20.47 ? 2721 HOH A O     1 
HETATM 692 O O     . HOH C 3 .  ? -4.260  5.998   -4.329  1.00 19.67 ? 2722 HOH A O     1 
HETATM 693 O O     . HOH C 3 .  ? 0.426   7.208   -12.110 1.00 22.11 ? 2723 HOH A O     1 
HETATM 694 O O     . HOH C 3 .  ? -2.126  8.308   -6.422  1.00 22.38 ? 2724 HOH A O     1 
HETATM 695 O O     . HOH C 3 .  ? -6.320  0.708   7.822   1.00 28.31 ? 2725 HOH A O     1 
HETATM 696 O O     . HOH C 3 .  ? -13.670 0.319   -4.635  1.00 24.28 ? 2726 HOH A O     1 
HETATM 697 O O     . HOH C 3 .  ? -14.636 2.978   2.688   1.00 23.23 ? 2727 HOH A O     1 
HETATM 698 O O     . HOH C 3 .  ? 19.686  -4.302  5.990   1.00 21.87 ? 2728 HOH A O     1 
HETATM 699 O O     . HOH C 3 .  ? 6.181   -7.574  -8.248  1.00 25.78 ? 2729 HOH A O     1 
HETATM 700 O O     . HOH C 3 .  ? -13.157 3.317   -0.346  1.00 27.09 ? 2730 HOH A O     1 
HETATM 701 O O     . HOH C 3 .  ? 14.634  2.386   2.649   1.00 26.32 ? 2731 HOH A O     1 
HETATM 702 O O     . HOH C 3 .  ? 4.761   1.923   13.885  1.00 27.56 ? 2732 HOH A O     1 
HETATM 703 O O     . HOH C 3 .  ? 1.022   9.304   -9.697  1.00 21.81 ? 2733 HOH A O     1 
HETATM 704 O O     . HOH C 3 .  ? -4.296  3.464   1.694   1.00 27.06 ? 2734 HOH A O     1 
HETATM 705 O O     . HOH C 3 .  ? 0.269   -9.565  2.691   1.00 26.45 ? 2735 HOH A O     1 
HETATM 706 O O     . HOH C 3 .  ? 10.987  -4.054  -1.907  1.00 24.42 ? 2736 HOH A O     1 
HETATM 707 O O     . HOH C 3 .  ? 4.518   2.125   2.435   1.00 21.12 ? 2737 HOH A O     1 
HETATM 708 O O     . HOH C 3 .  ? -19.612 0.936   -1.397  1.00 27.15 ? 2738 HOH A O     1 
HETATM 709 O O     . HOH C 3 .  ? 2.973   5.071   3.474   1.00 21.52 ? 2739 HOH A O     1 
HETATM 710 O O     . HOH C 3 .  ? -8.387  4.036   4.741   1.00 23.85 ? 2740 HOH A O     1 
HETATM 711 O O     . HOH C 3 .  ? -1.146  -0.893  4.822   1.00 25.40 ? 2741 HOH A O     1 
HETATM 712 O O     . HOH C 3 .  ? -13.265 -9.720  3.617   1.00 22.60 ? 2742 HOH A O     1 
HETATM 713 O O     . HOH C 3 .  ? 11.339  -10.282 -0.717  1.00 21.86 ? 2743 HOH A O     1 
HETATM 714 O O     . HOH C 3 .  ? -18.239 2.721   2.939   1.00 27.36 ? 2744 HOH A O     1 
HETATM 715 O O     . HOH C 3 .  ? -17.793 -13.551 2.335   1.00 24.89 ? 2745 HOH A O     1 
HETATM 716 O O     . HOH C 3 .  ? -19.164 -1.287  -3.065  1.00 24.73 ? 2746 HOH A O     1 
HETATM 717 O O     . HOH C 3 .  ? -3.038  9.389   -3.940  1.00 26.43 ? 2747 HOH A O     1 
HETATM 718 O O     . HOH C 3 .  ? -9.585  -9.301  1.372   1.00 22.35 ? 2748 HOH A O     1 
HETATM 719 O O     . HOH C 3 .  ? -17.982 -11.765 6.388   1.00 25.21 ? 2749 HOH A O     1 
HETATM 720 O O     . HOH C 3 .  ? 5.563   2.793   4.992   1.00 23.51 ? 2750 HOH A O     1 
HETATM 721 O O     . HOH C 3 .  ? -14.197 -3.566  -6.222  1.00 24.68 ? 2751 HOH A O     1 
HETATM 722 O O     . HOH C 3 .  ? -16.431 5.496   5.428   1.00 21.79 ? 2752 HOH A O     1 
HETATM 723 O O     . HOH C 3 .  ? 5.944   -0.648  3.432   1.00 28.86 ? 2753 HOH A O     1 
HETATM 724 O O     . HOH C 3 .  ? 13.227  0.516   4.303   1.00 30.75 ? 2754 HOH A O     1 
HETATM 725 O O     . HOH C 3 .  ? -15.324 1.138   0.169   1.00 26.11 ? 2755 HOH A O     1 
HETATM 726 O O     . HOH C 3 .  ? -15.494 -10.332 7.210   1.00 25.30 ? 2756 HOH A O     1 
HETATM 727 O O     . HOH C 3 .  ? 9.216   -10.083 1.179   1.00 27.89 ? 2757 HOH A O     1 
HETATM 728 O O     . HOH C 3 .  ? 8.649   -6.707  12.674  1.00 33.12 ? 2758 HOH A O     1 
HETATM 729 O O     . HOH C 3 .  ? 14.610  1.732   10.930  1.00 21.40 ? 2759 HOH A O     1 
HETATM 730 O O     . HOH C 3 .  ? 13.413  -7.183  -3.337  1.00 23.60 ? 2760 HOH A O     1 
HETATM 731 O O     . HOH C 3 .  ? -7.348  -8.817  2.795   1.00 27.09 ? 2761 HOH A O     1 
HETATM 732 O O     . HOH C 3 .  ? 7.696   12.485  3.296   1.00 25.40 ? 2762 HOH A O     1 
HETATM 733 O O     . HOH C 3 .  ? 9.002   -0.460  6.265   1.00 26.49 ? 2763 HOH A O     1 
HETATM 734 O O     . HOH C 3 .  ? 10.339  10.676  -0.097  1.00 21.35 ? 2764 HOH A O     1 
HETATM 735 O O     . HOH C 3 .  ? -5.314  4.788   -0.493  1.00 23.19 ? 2765 HOH A O     1 
HETATM 736 O O     . HOH C 3 .  ? -1.166  -7.381  3.643   1.00 24.78 ? 2766 HOH A O     1 
HETATM 737 O O     . HOH C 3 .  ? -13.806 -0.157  -8.260  1.00 30.23 ? 2767 HOH A O     1 
HETATM 738 O O     . HOH C 3 .  ? 18.564  6.711   2.404   1.00 19.19 ? 2768 HOH A O     1 
HETATM 739 O O     . HOH C 3 .  ? 9.952   -4.291  12.170  1.00 30.84 ? 2769 HOH A O     1 
HETATM 740 O O     . HOH C 3 .  ? 11.805  0.795   -2.013  1.00 32.98 ? 2770 HOH A O     1 
HETATM 741 O O     . HOH C 3 .  ? -5.798  2.936   5.084   1.00 32.04 ? 2771 HOH A O     1 
HETATM 742 O O     . HOH C 3 .  ? -14.084 -6.711  -9.361  1.00 34.36 ? 2772 HOH A O     1 
HETATM 743 O O     . HOH C 3 .  ? -2.226  6.071   -2.504  1.00 25.33 ? 2773 HOH A O     1 
HETATM 744 O O     . HOH C 3 .  ? -11.785 4.310   6.102   1.00 32.37 ? 2774 HOH A O     1 
HETATM 745 O O     . HOH C 3 .  ? 9.917   -0.226  3.646   1.00 33.14 ? 2775 HOH A O     1 
HETATM 746 O O     . HOH C 3 .  ? -4.544  8.773   -1.727  1.00 31.13 ? 2776 HOH A O     1 
HETATM 747 O O     . HOH C 3 .  ? 12.009  -5.338  13.701  1.00 32.13 ? 2777 HOH A O     1 
HETATM 748 O O     . HOH C 3 .  ? 2.794   2.190   9.511   1.00 30.88 ? 2778 HOH A O     1 
HETATM 749 O O     . HOH C 3 .  ? -10.798 -7.479  3.986   1.00 32.19 ? 2779 HOH A O     1 
HETATM 750 O O     . HOH C 3 .  ? 1.786   7.302   11.441  1.00 38.79 ? 2780 HOH A O     1 
HETATM 751 O O     . HOH C 3 .  ? -1.767  2.738   0.948   1.00 35.28 ? 2781 HOH A O     1 
HETATM 752 O O     . HOH C 3 .  ? 16.380  3.870   -1.069  1.00 33.69 ? 2782 HOH A O     1 
HETATM 753 O O     . HOH C 3 .  ? -18.742 -8.359  -5.911  1.00 36.07 ? 2783 HOH A O     1 
HETATM 754 O O     . HOH C 3 .  ? 16.461  -0.932  3.433   1.00 32.24 ? 2784 HOH A O     1 
HETATM 755 O O     . HOH C 3 .  ? 9.263   -4.021  0.335   1.00 32.68 ? 2785 HOH A O     1 
HETATM 756 O O     . HOH C 3 .  ? 14.761  3.617   -4.067  1.00 33.81 ? 2786 HOH A O     1 
HETATM 757 O O     . HOH C 3 .  ? -1.975  7.884   -0.523  1.00 37.40 ? 2787 HOH A O     1 
HETATM 758 O O     . HOH C 3 .  ? -1.385  10.405  0.218   1.00 36.56 ? 2788 HOH A O     1 
HETATM 759 O O     . HOH C 3 .  ? 17.708  14.890  -0.546  1.00 36.30 ? 2789 HOH A O     1 
HETATM 760 O O     . HOH C 3 .  ? 10.409  0.531   0.421   1.00 33.23 ? 2790 HOH A O     1 
HETATM 761 O O     . HOH C 3 .  ? -11.371 5.286   1.947   1.00 36.15 ? 2791 HOH A O     1 
HETATM 762 O O     . HOH C 3 .  ? -17.081 2.267   -1.733  1.00 39.14 ? 2792 HOH A O     1 
HETATM 763 O O     . HOH C 3 .  ? -5.537  -5.328  4.356   1.00 35.28 ? 2793 HOH A O     1 
HETATM 764 O O     . HOH C 3 .  ? -5.727  -1.270  10.055  1.00 37.94 ? 2794 HOH A O     1 
HETATM 765 O O     . HOH C 3 .  ? 5.063   -0.651  11.642  1.00 30.11 ? 2795 HOH A O     1 
HETATM 766 O O     . HOH C 3 .  ? 3.008   -0.040  5.614   1.00 30.04 ? 2796 HOH A O     1 
HETATM 767 O O     . HOH C 3 .  ? 3.880   -4.214  5.134   1.00 30.01 ? 2797 HOH A O     1 
HETATM 768 O O     . HOH C 3 .  ? 6.462   -8.995  3.815   1.00 30.09 ? 2798 HOH A O     1 
HETATM 769 O O     . HOH C 3 .  ? 17.611  -3.494  4.265   1.00 29.99 ? 2799 HOH A O     1 
HETATM 770 O O     . HOH C 3 .  ? 18.757  3.985   1.528   1.00 30.13 ? 2800 HOH A O     1 
HETATM 771 O O     . HOH C 3 .  ? -3.681  5.598   -10.865 1.00 30.11 ? 2801 HOH A O     1 
HETATM 772 O O     . HOH C 3 .  ? -2.214  9.632   -9.062  1.00 30.21 ? 2802 HOH A O     1 
HETATM 773 O O     . HOH C 3 .  ? -4.576  8.286   -10.036 1.00 30.14 ? 2803 HOH A O     1 
HETATM 774 O O     . HOH C 3 .  ? 0.661   -8.110  -8.655  1.00 30.12 ? 2804 HOH A O     1 
HETATM 775 O O     . HOH C 3 .  ? 4.955   6.164   12.545  1.00 30.29 ? 2805 HOH A O     1 
HETATM 776 O O     . HOH C 3 .  ? -6.779  7.148   -1.146  1.00 30.42 ? 2806 HOH A O     1 
HETATM 777 O O     . HOH C 3 .  ? -16.025 4.928   0.746   1.00 30.27 ? 2807 HOH A O     1 
HETATM 778 O O     . HOH C 3 .  ? -16.801 -5.479  -5.512  1.00 29.93 ? 2808 HOH A O     1 
HETATM 779 O O     . HOH C 3 .  ? -17.527 -3.063  -4.379  1.00 30.10 ? 2809 HOH A O     1 
HETATM 780 O O     . HOH C 3 .  ? -15.381 -8.820  -7.528  1.00 30.24 ? 2810 HOH A O     1 
HETATM 781 O O     . HOH C 3 .  ? -13.556 -16.475 -6.777  1.00 30.09 ? 2811 HOH A O     1 
HETATM 782 O O     . HOH C 3 .  ? -10.633 -7.783  -10.649 1.00 30.18 ? 2812 HOH A O     1 
HETATM 783 O O     . HOH C 3 .  ? -10.061 -8.613  6.483   1.00 30.22 ? 2813 HOH A O     1 
HETATM 784 O O     . HOH C 3 .  ? -17.432 -11.942 -6.280  1.00 30.23 ? 2814 HOH A O     1 
HETATM 785 O O     . HOH C 3 .  ? 4.250   -5.753  -8.290  1.00 29.80 ? 2815 HOH A O     1 
HETATM 786 O O     . HOH C 3 .  ? 13.225  -5.269  -8.780  1.00 30.20 ? 2816 HOH A O     1 
HETATM 787 O O     . HOH C 3 .  ? -13.789 5.083   -2.657  1.00 30.10 ? 2817 HOH A O     1 
HETATM 788 O O     . HOH C 3 .  ? -10.650 -4.944  5.307   1.00 29.94 ? 2818 HOH A O     1 
HETATM 789 O O     . HOH C 3 .  ? 10.065  11.165  2.723   1.00 29.97 ? 2819 HOH A O     1 
HETATM 790 O O     . HOH C 3 .  ? 11.798  13.129  3.893   1.00 29.97 ? 2820 HOH A O     1 
HETATM 791 O O     . HOH C 3 .  ? 1.986   2.654   6.631   1.00 29.99 ? 2821 HOH A O     1 
# 
loop_
_atom_site_anisotrop.id 
_atom_site_anisotrop.type_symbol 
_atom_site_anisotrop.pdbx_label_atom_id 
_atom_site_anisotrop.pdbx_label_alt_id 
_atom_site_anisotrop.pdbx_label_comp_id 
_atom_site_anisotrop.pdbx_label_asym_id 
_atom_site_anisotrop.pdbx_label_seq_id 
_atom_site_anisotrop.pdbx_PDB_ins_code 
_atom_site_anisotrop.U[1][1] 
_atom_site_anisotrop.U[2][2] 
_atom_site_anisotrop.U[3][3] 
_atom_site_anisotrop.U[1][2] 
_atom_site_anisotrop.U[1][3] 
_atom_site_anisotrop.U[2][3] 
_atom_site_anisotrop.pdbx_auth_seq_id 
_atom_site_anisotrop.pdbx_auth_comp_id 
_atom_site_anisotrop.pdbx_auth_asym_id 
_atom_site_anisotrop.pdbx_auth_atom_id 
1   O "O5'" . U   A 1  ? 0.4747 0.3435 0.4101 0.0496  -0.0481 -0.0039 2647 U   A "O5'" 
2   C "C5'" . U   A 1  ? 0.3829 0.2817 0.3457 -0.0274 -0.0214 -0.0546 2647 U   A "C5'" 
3   C "C4'" . U   A 1  ? 0.2980 0.3108 0.4280 -0.0149 -0.0116 -0.0237 2647 U   A "C4'" 
4   O "O4'" . U   A 1  ? 0.2746 0.3182 0.5791 -0.0486 -0.0579 -0.0867 2647 U   A "O4'" 
5   C "C3'" . U   A 1  ? 0.2377 0.3309 0.3961 0.0124  -0.0681 0.0320  2647 U   A "C3'" 
6   O "O3'" A U   A 1  ? 0.2683 0.3628 0.4896 0.0031  -0.0205 0.0927  2647 U   A "O3'" 
7   O "O3'" B U   A 1  ? 0.2052 0.2914 0.4967 0.0162  -0.0355 0.1067  2647 U   A "O3'" 
8   C "C2'" . U   A 1  ? 0.2510 0.3112 0.3045 -0.0520 -0.0948 0.0515  2647 U   A "C2'" 
9   O "O2'" . U   A 1  ? 0.2526 0.3376 0.2398 -0.1329 -0.0321 0.0414  2647 U   A "O2'" 
10  C "C1'" . U   A 1  ? 0.2051 0.2739 0.4137 -0.0575 -0.0681 -0.0008 2647 U   A "C1'" 
11  N N1    . U   A 1  ? 0.2508 0.1818 0.4086 -0.0824 0.0052  0.0489  2647 U   A N1    
12  C C2    . U   A 1  ? 0.2347 0.1783 0.4151 -0.1216 -0.0837 0.0630  2647 U   A C2    
13  O O2    . U   A 1  ? 0.2068 0.2191 0.4746 -0.1009 -0.0206 0.0743  2647 U   A O2    
14  N N3    . U   A 1  ? 0.1981 0.1657 0.4639 -0.0818 0.0007  0.0331  2647 U   A N3    
15  C C4    . U   A 1  ? 0.2088 0.1638 0.4405 -0.0871 -0.1067 0.0930  2647 U   A C4    
16  O O4    . U   A 1  ? 0.2245 0.1867 0.5855 -0.0759 -0.0793 0.1344  2647 U   A O4    
17  C C5    . U   A 1  ? 0.2621 0.1501 0.5136 -0.0847 -0.0804 -0.0013 2647 U   A C5    
18  C C6    . U   A 1  ? 0.3223 0.1504 0.3020 -0.0764 -0.0591 -0.0015 2647 U   A C6    
19  P P     A G   A 2  ? 0.3693 0.3601 0.3295 -0.0359 -0.0256 0.0677  2648 G   A P     
20  P P     B G   A 2  ? 0.2072 0.1877 0.2878 0.0188  -0.0151 0.0637  2648 G   A P     
21  O OP1   A G   A 2  ? 0.3193 0.3561 0.3839 -0.0435 -0.0104 0.1144  2648 G   A OP1   
22  O OP1   B G   A 2  ? 0.2854 0.2113 0.3216 -0.0266 -0.0052 0.1741  2648 G   A OP1   
23  O OP2   A G   A 2  ? 0.4542 0.3744 0.3489 0.0445  0.0059  0.0239  2648 G   A OP2   
24  O OP2   B G   A 2  ? 0.4197 0.2399 0.3057 0.1008  0.0320  -0.0209 2648 G   A OP2   
25  O "O5'" A G   A 2  ? 0.2751 0.3546 0.2345 -0.0384 -0.0327 0.0778  2648 G   A "O5'" 
26  O "O5'" B G   A 2  ? 0.2841 0.1296 0.1877 0.0535  -0.0425 0.0141  2648 G   A "O5'" 
27  C "C5'" A G   A 2  ? 0.2106 0.3807 0.1939 0.0340  0.0463  -0.0049 2648 G   A "C5'" 
28  C "C5'" B G   A 2  ? 0.2480 0.1946 0.1826 0.0687  -0.0079 0.0843  2648 G   A "C5'" 
29  C "C4'" A G   A 2  ? 0.1601 0.4065 0.2054 0.0292  0.0261  0.0731  2648 G   A "C4'" 
30  C "C4'" B G   A 2  ? 0.2117 0.2415 0.2079 0.0649  -0.0337 0.0987  2648 G   A "C4'" 
31  O "O4'" A G   A 2  ? 0.1596 0.4348 0.2445 0.0357  0.0454  0.1026  2648 G   A "O4'" 
32  O "O4'" B G   A 2  ? 0.2639 0.3356 0.1415 0.0956  -0.0699 0.1081  2648 G   A "O4'" 
33  C "C3'" A G   A 2  ? 0.1485 0.3666 0.2240 0.0112  0.0044  0.0981  2648 G   A "C3'" 
34  C "C3'" B G   A 2  ? 0.1848 0.1540 0.1692 -0.0031 -0.0546 0.0762  2648 G   A "C3'" 
35  O "O3'" A G   A 2  ? 0.1075 0.2831 0.1906 -0.0084 0.0275  0.0972  2648 G   A "O3'" 
36  O "O3'" B G   A 2  ? 0.2357 0.1326 0.2208 -0.0016 -0.0035 0.0577  2648 G   A "O3'" 
37  C "C2'" A G   A 2  ? 0.1895 0.3871 0.2085 0.0402  -0.0636 0.0655  2648 G   A "C2'" 
38  C "C2'" B G   A 2  ? 0.2145 0.1551 0.2151 -0.0194 -0.1032 0.0787  2648 G   A "C2'" 
39  O "O2'" A G   A 2  ? 0.1064 0.3673 0.3399 0.0495  0.0008  0.1218  2648 G   A "O2'" 
40  O "O2'" B G   A 2  ? 0.3560 0.1516 0.1503 0.0464  -0.0856 0.0439  2648 G   A "O2'" 
41  C "C1'" A G   A 2  ? 0.2158 0.4087 0.1467 0.0619  -0.0103 0.0761  2648 G   A "C1'" 
42  C "C1'" B G   A 2  ? 0.2216 0.2771 0.1280 0.0311  -0.0114 0.0630  2648 G   A "C1'" 
43  N N9    A G   A 2  ? 0.1501 0.3334 0.2501 -0.0098 -0.0275 0.0894  2648 G   A N9    
44  N N9    B G   A 2  ? 0.1690 0.3020 0.2196 0.0159  -0.0751 0.0699  2648 G   A N9    
45  C C8    A G   A 2  ? 0.2118 0.3107 0.2026 -0.0159 -0.0086 0.0557  2648 G   A C8    
46  C C8    B G   A 2  ? 0.1947 0.3204 0.1558 0.0170  -0.0514 0.0889  2648 G   A C8    
47  N N7    A G   A 2  ? 0.1615 0.3383 0.2503 0.0297  -0.0262 0.0480  2648 G   A N7    
48  N N7    B G   A 2  ? 0.1588 0.3116 0.1790 0.0007  -0.0613 0.0098  2648 G   A N7    
49  C C5    A G   A 2  ? 0.1110 0.3367 0.1253 0.0314  -0.0109 0.0282  2648 G   A C5    
50  C C5    B G   A 2  ? 0.1328 0.2801 0.1864 -0.0124 -0.0298 0.0027  2648 G   A C5    
51  C C6    A G   A 2  ? 0.1228 0.3460 0.2069 0.0210  -0.0331 0.0398  2648 G   A C6    
52  C C6    B G   A 2  ? 0.1351 0.2773 0.1512 -0.0286 0.0053  0.0701  2648 G   A C6    
53  O O6    A G   A 2  ? 0.1991 0.3737 0.1890 0.0484  -0.0205 0.0361  2648 G   A O6    
54  O O6    B G   A 2  ? 0.0745 0.2868 0.1345 -0.0589 -0.0155 0.0372  2648 G   A O6    
55  N N1    A G   A 2  ? 0.1217 0.3342 0.1218 -0.0171 -0.0321 0.0560  2648 G   A N1    
56  N N1    B G   A 2  ? 0.1656 0.2767 0.1646 -0.0370 -0.0543 0.0612  2648 G   A N1    
57  C C2    A G   A 2  ? 0.1490 0.3559 0.3354 0.0339  -0.1052 0.0095  2648 G   A C2    
58  C C2    B G   A 2  ? 0.1792 0.2586 0.0959 -0.0482 -0.0104 0.0755  2648 G   A C2    
59  N N2    A G   A 2  ? 0.0742 0.3696 0.2084 0.0144  -0.0450 0.0058  2648 G   A N2    
60  N N2    B G   A 2  ? 0.2029 0.2629 0.1100 -0.0492 -0.0072 0.0630  2648 G   A N2    
61  N N3    A G   A 2  ? 0.1109 0.3596 0.2203 0.0281  -0.0432 0.0603  2648 G   A N3    
62  N N3    B G   A 2  ? 0.1914 0.2483 0.1215 -0.0308 -0.0437 0.0301  2648 G   A N3    
63  C C4    A G   A 2  ? 0.1223 0.3190 0.2213 -0.0026 -0.0318 0.0347  2648 G   A C4    
64  C C4    B G   A 2  ? 0.1352 0.2850 0.1753 0.0016  -0.0667 0.0326  2648 G   A C4    
65  P P     A C   A 3  ? 0.1356 0.1893 0.1974 -0.0129 -0.0188 0.0446  2649 C   A P     
66  P P     B C   A 3  ? 0.1652 0.1708 0.1957 0.0445  0.0045  0.0469  2649 C   A P     
67  O OP1   A C   A 3  ? 0.1435 0.2239 0.2361 -0.0126 0.0282  0.1053  2649 C   A OP1   
68  O OP1   B C   A 3  ? 0.1625 0.1737 0.2240 0.0432  -0.0105 0.0602  2649 C   A OP1   
69  O OP2   A C   A 3  ? 0.2097 0.1303 0.2218 0.0044  -0.1028 -0.0572 2649 C   A OP2   
70  O OP2   B C   A 3  ? 0.1860 0.2251 0.2055 0.0367  0.0084  -0.0201 2649 C   A OP2   
71  O "O5'" A C   A 3  ? 0.2993 0.1391 0.0967 -0.0434 -0.0070 0.0117  2649 C   A "O5'" 
72  O "O5'" B C   A 3  ? 0.2428 0.1876 0.1484 0.0881  0.0273  0.0276  2649 C   A "O5'" 
73  C "C5'" A C   A 3  ? 0.2385 0.1309 0.1098 -0.0428 0.0270  -0.0157 2649 C   A "C5'" 
74  C "C5'" B C   A 3  ? 0.2247 0.2478 0.1385 0.1038  -0.0006 0.1168  2649 C   A "C5'" 
75  C "C4'" A C   A 3  ? 0.1452 0.1428 0.1644 0.0008  0.0095  -0.0227 2649 C   A "C4'" 
76  C "C4'" B C   A 3  ? 0.3390 0.1857 0.1252 0.0534  0.0014  0.0669  2649 C   A "C4'" 
77  O "O4'" A C   A 3  ? 0.1634 0.1598 0.1126 0.0256  0.0034  0.0171  2649 C   A "O4'" 
78  O "O4'" B C   A 3  ? 0.3278 0.1398 0.0938 0.0381  -0.0163 0.0308  2649 C   A "O4'" 
79  C "C3'" A C   A 3  ? 0.1249 0.1225 0.0886 -0.0075 -0.0172 0.0270  2649 C   A "C3'" 
80  C "C3'" B C   A 3  ? 0.2060 0.1643 0.2065 0.0483  0.0257  0.0954  2649 C   A "C3'" 
81  O "O3'" A C   A 3  ? 0.1396 0.1260 0.1304 0.0016  0.0169  0.0282  2649 C   A "O3'" 
82  O "O3'" B C   A 3  ? 0.1653 0.1343 0.1533 0.0160  -0.0026 0.0485  2649 C   A "O3'" 
83  C "C2'" A C   A 3  ? 0.1800 0.1200 0.1012 -0.0393 0.0232  -0.0070 2649 C   A "C2'" 
84  C "C2'" B C   A 3  ? 0.2303 0.1376 0.1167 0.0492  -0.0252 0.0158  2649 C   A "C2'" 
85  O "O2'" A C   A 3  ? 0.1601 0.1693 0.1571 -0.0224 0.0057  0.0263  2649 C   A "O2'" 
86  O "O2'" B C   A 3  ? 0.2466 0.1562 0.1349 0.0852  0.0014  0.0159  2649 C   A "O2'" 
87  C "C1'" A C   A 3  ? 0.1086 0.1353 0.0848 -0.0183 0.0441  0.0118  2649 C   A "C1'" 
88  C "C1'" B C   A 3  ? 0.2173 0.1421 0.1133 0.0317  -0.0112 0.0000  2649 C   A "C1'" 
89  N N1    A C   A 3  ? 0.0982 0.1457 0.1516 -0.0353 0.0304  -0.0073 2649 C   A N1    
90  N N1    B C   A 3  ? 0.1592 0.1381 0.1397 0.0044  -0.0594 0.0381  2649 C   A N1    
91  C C2    A C   A 3  ? 0.0879 0.1848 0.2004 -0.0417 0.0017  0.0201  2649 C   A C2    
92  C C2    B C   A 3  ? 0.1717 0.1341 0.1146 0.0185  -0.0566 0.0210  2649 C   A C2    
93  O O2    A C   A 3  ? 0.1816 0.1767 0.1394 -0.0878 0.0373  -0.0364 2649 C   A O2    
94  O O2    B C   A 3  ? 0.1250 0.1234 0.1260 -0.0250 -0.0317 -0.0007 2649 C   A O2    
95  N N3    A C   A 3  ? 0.0875 0.2181 0.1167 -0.0370 -0.0492 -0.0351 2649 C   A N3    
96  N N3    B C   A 3  ? 0.1347 0.1318 0.1285 0.0048  -0.0293 -0.0125 2649 C   A N3    
97  C C4    A C   A 3  ? 0.0964 0.2012 0.1585 -0.0193 -0.0040 -0.0439 2649 C   A C4    
98  C C4    B C   A 3  ? 0.1911 0.1492 0.1165 0.0407  -0.0442 -0.0045 2649 C   A C4    
99  N N4    A C   A 3  ? 0.0775 0.2245 0.1760 0.0155  -0.0241 -0.0741 2649 C   A N4    
100 N N4    B C   A 3  ? 0.1078 0.1538 0.1766 0.0363  -0.0418 -0.0270 2649 C   A N4    
101 C C5    A C   A 3  ? 0.1598 0.1327 0.1229 -0.0941 0.0424  -0.0082 2649 C   A C5    
102 C C5    B C   A 3  ? 0.1818 0.1747 0.1176 0.0422  -0.0200 0.0239  2649 C   A C5    
103 C C6    A C   A 3  ? 0.0819 0.1649 0.1496 0.0078  0.0169  -0.0469 2649 C   A C6    
104 C C6    B C   A 3  ? 0.1223 0.1355 0.1284 0.0100  -0.0220 0.0362  2649 C   A C6    
105 P P     A U   A 4  ? 0.1305 0.1165 0.1485 -0.0013 0.0008  0.0273  2650 U   A P     
106 P P     B U   A 4  ? 0.2259 0.1208 0.2122 0.0373  0.0914  0.0227  2650 U   A P     
107 O OP1   A U   A 4  ? 0.1761 0.1424 0.2108 0.0607  0.0692  0.0881  2650 U   A OP1   
108 O OP1   B U   A 4  ? 0.1913 0.1145 0.2674 0.0172  0.1226  0.0157  2650 U   A OP1   
109 O OP2   A U   A 4  ? 0.1299 0.0922 0.4625 0.0098  -0.0901 -0.0803 2650 U   A OP2   
110 O OP2   B U   A 4  ? 0.2668 0.1188 0.2306 0.0321  0.0522  0.0004  2650 U   A OP2   
111 O "O5'" A U   A 4  ? 0.1199 0.1508 0.1614 0.0030  0.0029  -0.0100 2650 U   A "O5'" 
112 O "O5'" B U   A 4  ? 0.2281 0.1164 0.2034 0.0347  0.0675  0.0436  2650 U   A "O5'" 
113 C "C5'" A U   A 4  ? 0.2886 0.2175 0.0828 0.1072  -0.0017 0.0308  2650 U   A "C5'" 
114 C "C5'" B U   A 4  ? 0.3133 0.1862 0.2035 0.1026  0.0204  0.0331  2650 U   A "C5'" 
115 C "C4'" . U   A 4  ? 0.3496 0.1700 0.1450 0.0869  -0.0246 0.0113  2650 U   A "C4'" 
116 O "O4'" . U   A 4  ? 0.2630 0.1292 0.1489 0.0286  -0.0561 -0.0035 2650 U   A "O4'" 
117 C "C3'" . U   A 4  ? 0.2449 0.1596 0.1388 0.0752  -0.0011 0.0257  2650 U   A "C3'" 
118 O "O3'" . U   A 4  ? 0.2545 0.2259 0.1707 0.1539  0.0357  0.0613  2650 U   A "O3'" 
119 C "C2'" . U   A 4  ? 0.2715 0.1153 0.1722 0.0502  -0.0314 0.0220  2650 U   A "C2'" 
120 O "O2'" . U   A 4  ? 0.3980 0.1014 0.2011 0.0339  -0.0018 0.0112  2650 U   A "O2'" 
121 C "C1'" . U   A 4  ? 0.2667 0.0973 0.2134 -0.0074 -0.0533 -0.0128 2650 U   A "C1'" 
122 N N1    . U   A 4  ? 0.1622 0.1106 0.1746 -0.0047 -0.0365 -0.0143 2650 U   A N1    
123 C C2    . U   A 4  ? 0.1417 0.1170 0.1699 -0.0101 -0.0381 -0.0349 2650 U   A C2    
124 O O2    . U   A 4  ? 0.1663 0.0991 0.1937 -0.0156 -0.0266 0.0222  2650 U   A O2    
125 N N3    . U   A 4  ? 0.1334 0.1138 0.1760 -0.0032 -0.0420 -0.0113 2650 U   A N3    
126 C C4    . U   A 4  ? 0.1518 0.1230 0.1702 0.0161  -0.0518 -0.0218 2650 U   A C4    
127 O O4    . U   A 4  ? 0.1543 0.1201 0.1837 0.0096  -0.0355 -0.0160 2650 U   A O4    
128 C C5    . U   A 4  ? 0.1577 0.1321 0.1818 0.0243  -0.0438 -0.0187 2650 U   A C5    
129 C C6    . U   A 4  ? 0.1514 0.1253 0.1672 -0.0082 -0.0340 0.0188  2650 U   A C6    
130 P P     . C   A 5  ? 0.1875 0.2275 0.2248 0.1025  0.0479  0.0784  2651 C   A P     
131 O OP1   . C   A 5  ? 0.2280 0.3231 0.2646 0.1738  0.0896  0.1039  2651 C   A OP1   
132 O OP2   . C   A 5  ? 0.1583 0.2557 0.3262 0.0489  0.0305  0.0950  2651 C   A OP2   
133 O "O5'" . C   A 5  ? 0.1510 0.1384 0.1952 0.0530  -0.0075 0.0166  2651 C   A "O5'" 
134 C "C5'" . C   A 5  ? 0.1521 0.1124 0.1405 0.0463  0.0031  -0.0041 2651 C   A "C5'" 
135 C "C4'" . C   A 5  ? 0.1487 0.0920 0.1604 0.0260  -0.0050 -0.0182 2651 C   A "C4'" 
136 O "O4'" . C   A 5  ? 0.1396 0.0930 0.1505 0.0205  0.0037  -0.0255 2651 C   A "O4'" 
137 C "C3'" . C   A 5  ? 0.1496 0.0902 0.1591 0.0360  -0.0404 -0.0109 2651 C   A "C3'" 
138 O "O3'" . C   A 5  ? 0.1371 0.1057 0.1636 0.0419  -0.0080 -0.0197 2651 C   A "O3'" 
139 C "C2'" . C   A 5  ? 0.1251 0.1006 0.1538 0.0371  -0.0037 -0.0044 2651 C   A "C2'" 
140 O "O2'" . C   A 5  ? 0.1506 0.1300 0.1755 0.0563  0.0017  -0.0019 2651 C   A "O2'" 
141 C "C1'" . C   A 5  ? 0.1274 0.0943 0.1452 0.0245  -0.0198 -0.0195 2651 C   A "C1'" 
142 N N1    . C   A 5  ? 0.1283 0.0837 0.1533 0.0217  -0.0158 -0.0027 2651 C   A N1    
143 C C2    . C   A 5  ? 0.1009 0.0894 0.1543 0.0248  -0.0169 -0.0120 2651 C   A C2    
144 O O2    . C   A 5  ? 0.1171 0.0970 0.1388 0.0268  -0.0044 -0.0163 2651 C   A O2    
145 N N3    . C   A 5  ? 0.1061 0.0877 0.1531 0.0215  -0.0279 -0.0233 2651 C   A N3    
146 C C4    . C   A 5  ? 0.1127 0.0908 0.1435 0.0099  -0.0295 -0.0127 2651 C   A C4    
147 N N4    . C   A 5  ? 0.1255 0.0990 0.1439 0.0243  -0.0336 -0.0128 2651 C   A N4    
148 C C5    . C   A 5  ? 0.1317 0.0945 0.1588 0.0111  -0.0220 -0.0212 2651 C   A C5    
149 C C6    . C   A 5  ? 0.1185 0.0830 0.1697 0.0023  -0.0107 -0.0062 2651 C   A C6    
150 P P     . C   A 6  ? 0.1245 0.1242 0.1466 0.0382  -0.0002 -0.0068 2652 C   A P     
151 O OP1   . C   A 6  ? 0.1456 0.1484 0.1676 0.0494  -0.0101 -0.0163 2652 C   A OP1   
152 O OP2   . C   A 6  ? 0.1415 0.1635 0.1466 0.0147  0.0022  -0.0043 2652 C   A OP2   
153 O "O5'" . C   A 6  ? 0.1354 0.0899 0.1311 0.0301  -0.0010 -0.0009 2652 C   A "O5'" 
154 C "C5'" . C   A 6  ? 0.1608 0.0745 0.1339 0.0237  0.0180  0.0163  2652 C   A "C5'" 
155 C "C4'" . C   A 6  ? 0.1213 0.0710 0.1408 0.0145  0.0021  0.0093  2652 C   A "C4'" 
156 O "O4'" . C   A 6  ? 0.1084 0.0737 0.1466 0.0175  0.0026  0.0023  2652 C   A "O4'" 
157 C "C3'" . C   A 6  ? 0.1052 0.0712 0.1357 0.0083  0.0038  0.0045  2652 C   A "C3'" 
158 O "O3'" . C   A 6  ? 0.1199 0.0723 0.1335 0.0121  -0.0025 0.0134  2652 C   A "O3'" 
159 C "C2'" . C   A 6  ? 0.1161 0.0739 0.1264 -0.0026 0.0225  0.0084  2652 C   A "C2'" 
160 O "O2'" . C   A 6  ? 0.1328 0.0927 0.1324 0.0177  0.0128  0.0072  2652 C   A "O2'" 
161 C "C1'" . C   A 6  ? 0.1067 0.0654 0.1412 0.0123  0.0029  -0.0099 2652 C   A "C1'" 
162 N N1    . C   A 6  ? 0.1123 0.0691 0.1266 0.0052  0.0052  -0.0008 2652 C   A N1    
163 C C2    . C   A 6  ? 0.0965 0.0706 0.1441 0.0193  -0.0058 -0.0177 2652 C   A C2    
164 O O2    . C   A 6  ? 0.0996 0.0772 0.1362 0.0134  -0.0004 -0.0115 2652 C   A O2    
165 N N3    . C   A 6  ? 0.0959 0.0699 0.1293 0.0106  -0.0027 -0.0088 2652 C   A N3    
166 C C4    . C   A 6  ? 0.0934 0.0796 0.1285 0.0048  -0.0068 -0.0175 2652 C   A C4    
167 N N4    . C   A 6  ? 0.1124 0.0978 0.1194 0.0083  -0.0070 0.0058  2652 C   A N4    
168 C C5    . C   A 6  ? 0.1021 0.0745 0.1308 0.0131  0.0010  -0.0187 2652 C   A C5    
169 C C6    . C   A 6  ? 0.1065 0.0657 0.1460 0.0120  0.0058  0.0010  2652 C   A C6    
170 P P     . U   A 7  ? 0.1121 0.0828 0.1505 0.0251  -0.0074 0.0092  2653 U   A P     
171 O OP1   . U   A 7  ? 0.1776 0.0909 0.1614 0.0358  -0.0390 0.0230  2653 U   A OP1   
172 O OP2   . U   A 7  ? 0.1034 0.0855 0.1792 0.0178  0.0018  -0.0034 2653 U   A OP2   
173 O "O5'" . U   A 7  ? 0.1161 0.0863 0.1274 0.0085  -0.0010 0.0046  2653 U   A "O5'" 
174 C "C5'" . U   A 7  ? 0.1389 0.0902 0.1103 0.0177  0.0016  0.0104  2653 U   A "C5'" 
175 C "C4'" . U   A 7  ? 0.1074 0.0878 0.1226 0.0035  -0.0061 0.0174  2653 U   A "C4'" 
176 O "O4'" . U   A 7  ? 0.1116 0.0818 0.1159 0.0049  0.0002  0.0062  2653 U   A "O4'" 
177 C "C3'" . U   A 7  ? 0.1079 0.0862 0.1061 -0.0083 -0.0033 0.0038  2653 U   A "C3'" 
178 O "O3'" . U   A 7  ? 0.0944 0.1111 0.1194 -0.0059 -0.0033 0.0056  2653 U   A "O3'" 
179 C "C2'" . U   A 7  ? 0.1264 0.0824 0.1154 0.0052  0.0103  0.0029  2653 U   A "C2'" 
180 O "O2'" . U   A 7  ? 0.1223 0.0809 0.1364 -0.0031 0.0140  0.0009  2653 U   A "O2'" 
181 C "C1'" . U   A 7  ? 0.0965 0.0869 0.1345 -0.0010 0.0017  0.0105  2653 U   A "C1'" 
182 N N1    . U   A 7  ? 0.1010 0.0879 0.1046 0.0104  0.0077  0.0095  2653 U   A N1    
183 C C2    . U   A 7  ? 0.0909 0.1012 0.1268 0.0037  0.0026  0.0133  2653 U   A C2    
184 O O2    . U   A 7  ? 0.1162 0.1045 0.1372 0.0279  0.0044  0.0308  2653 U   A O2    
185 N N3    . U   A 7  ? 0.0891 0.1020 0.1265 -0.0015 0.0031  0.0172  2653 U   A N3    
186 C C4    . U   A 7  ? 0.1024 0.1073 0.1158 -0.0156 0.0132  -0.0096 2653 U   A C4    
187 O O4    . U   A 7  ? 0.1144 0.1293 0.1201 0.0001  0.0060  -0.0074 2653 U   A O4    
188 C C5    . U   A 7  ? 0.0950 0.0978 0.1167 -0.0072 0.0000  0.0012  2653 U   A C5    
189 C C6    . U   A 7  ? 0.0924 0.0853 0.1324 -0.0001 0.0203  -0.0070 2653 U   A C6    
190 P P     . A   A 8  ? 0.1337 0.1317 0.1420 -0.0182 -0.0053 0.0031  2654 A   A P     
191 O OP1   . A   A 8  ? 0.1412 0.1343 0.1586 -0.0228 0.0027  0.0023  2654 A   A OP1   
192 O OP2   . A   A 8  ? 0.1533 0.1697 0.1370 0.0040  -0.0461 -0.0236 2654 A   A OP2   
193 O "O5'" . A   A 8  ? 0.1071 0.1542 0.1314 -0.0019 0.0132  -0.0057 2654 A   A "O5'" 
194 C "C5'" . A   A 8  ? 0.1180 0.1587 0.1392 0.0319  -0.0177 0.0224  2654 A   A "C5'" 
195 C "C4'" . A   A 8  ? 0.1076 0.1227 0.1381 0.0199  -0.0146 0.0387  2654 A   A "C4'" 
196 O "O4'" . A   A 8  ? 0.1076 0.1081 0.1351 0.0102  0.0122  0.0296  2654 A   A "O4'" 
197 C "C3'" . A   A 8  ? 0.1338 0.1177 0.1635 0.0270  -0.0114 0.0186  2654 A   A "C3'" 
198 O "O3'" A A   A 8  ? 0.1392 0.1242 0.2061 0.0610  -0.0236 0.0460  2654 A   A "O3'" 
199 O "O3'" B A   A 8  ? 0.2557 0.1658 0.1565 0.0840  -0.0137 0.0066  2654 A   A "O3'" 
200 C "C2'" . A   A 8  ? 0.1186 0.1018 0.1335 0.0173  0.0034  0.0313  2654 A   A "C2'" 
201 O "O2'" . A   A 8  ? 0.1509 0.0987 0.1326 0.0150  -0.0022 0.0048  2654 A   A "O2'" 
202 C "C1'" . A   A 8  ? 0.1131 0.1012 0.1178 0.0092  -0.0063 0.0241  2654 A   A "C1'" 
203 N N9    . A   A 8  ? 0.0939 0.0980 0.1183 0.0046  -0.0087 0.0243  2654 A   A N9    
204 C C8    . A   A 8  ? 0.0927 0.0952 0.1209 0.0001  -0.0024 0.0231  2654 A   A C8    
205 N N7    . A   A 8  ? 0.1002 0.1005 0.1245 0.0027  -0.0136 0.0157  2654 A   A N7    
206 C C5    . A   A 8  ? 0.0899 0.1039 0.1161 -0.0048 -0.0104 0.0285  2654 A   A C5    
207 C C6    . A   A 8  ? 0.0844 0.1092 0.1523 -0.0033 -0.0020 0.0251  2654 A   A C6    
208 N N6    . A   A 8  ? 0.1072 0.1215 0.1401 -0.0090 -0.0108 0.0374  2654 A   A N6    
209 N N1    . A   A 8  ? 0.1047 0.1370 0.1271 0.0120  0.0054  0.0325  2654 A   A N1    
210 C C2    . A   A 8  ? 0.0992 0.1378 0.1516 0.0016  0.0085  0.0046  2654 A   A C2    
211 N N3    . A   A 8  ? 0.0897 0.1288 0.1343 0.0071  -0.0047 0.0268  2654 A   A N3    
212 C C4    . A   A 8  ? 0.0863 0.1054 0.1442 0.0062  0.0018  0.0095  2654 A   A C4    
213 P P     . G   A 9  ? 0.1230 0.1275 0.2705 0.0200  -0.0155 0.0733  2655 G   A P     
214 O OP1   . G   A 9  ? 0.1594 0.1785 0.2364 0.0234  -0.0390 0.0692  2655 G   A OP1   
215 O OP2   . G   A 9  ? 0.1595 0.1273 0.2340 -0.0013 0.0703  0.0282  2655 G   A OP2   
216 O "O5'" . G   A 9  ? 0.1390 0.1685 0.3453 0.0413  0.0375  0.1081  2655 G   A "O5'" 
217 C "C5'" . G   A 9  ? 0.2754 0.1668 0.2582 0.0596  0.0544  0.0863  2655 G   A "C5'" 
218 C "C4'" . G   A 9  ? 0.2287 0.1441 0.2000 0.0447  0.0789  0.0738  2655 G   A "C4'" 
219 O "O4'" . G   A 9  ? 0.1546 0.1319 0.2698 0.0181  0.0541  0.0376  2655 G   A "O4'" 
220 C "C3'" . G   A 9  ? 0.1731 0.1662 0.1722 0.0640  0.0380  0.0698  2655 G   A "C3'" 
221 O "O3'" . G   A 9  ? 0.1245 0.1523 0.1634 0.0285  0.0126  0.0514  2655 G   A "O3'" 
222 C "C2'" . G   A 9  ? 0.1327 0.1776 0.1860 0.0317  0.0131  0.0562  2655 G   A "C2'" 
223 O "O2'" . G   A 9  ? 0.1185 0.2419 0.2287 0.0375  0.0278  0.0224  2655 G   A "O2'" 
224 C "C1'" . G   A 9  ? 0.1224 0.1345 0.2049 0.0214  0.0432  0.0461  2655 G   A "C1'" 
225 N N9    . G   A 9  ? 0.1368 0.1399 0.2260 0.0226  0.0423  0.0342  2655 G   A N9    
226 C C8    . G   A 9  ? 0.1919 0.1653 0.2376 0.0125  0.0121  0.0097  2655 G   A C8    
227 N N7    . G   A 9  ? 0.1776 0.1616 0.2448 0.0158  0.0121  -0.0029 2655 G   A N7    
228 C C5    . G   A 9  ? 0.1562 0.1585 0.1828 0.0069  0.0029  0.0078  2655 G   A C5    
229 C C6    . G   A 9  ? 0.1715 0.1615 0.1757 -0.0097 0.0134  -0.0130 2655 G   A C6    
230 O O6    . G   A 9  ? 0.2184 0.1867 0.2065 0.0160  0.0205  -0.0157 2655 G   A O6    
231 N N1    . G   A 9  ? 0.1357 0.1328 0.2344 -0.0180 0.0483  0.0126  2655 G   A N1    
232 C C2    . G   A 9  ? 0.1373 0.1232 0.1945 -0.0130 0.0178  0.0235  2655 G   A C2    
233 N N2    . G   A 9  ? 0.1572 0.1238 0.1745 -0.0025 -0.0156 0.0351  2655 G   A N2    
234 N N3    . G   A 9  ? 0.1437 0.1356 0.1678 -0.0037 0.0066  0.0485  2655 G   A N3    
235 C C4    . G   A 9  ? 0.1488 0.1380 0.1713 -0.0175 0.0142  0.0364  2655 G   A C4    
236 P P     . U   A 10 ? 0.1262 0.1805 0.1693 0.0181  0.0009  0.0667  2656 U   A P     
237 O OP1   . U   A 10 ? 0.1353 0.2202 0.1873 0.0305  -0.0017 0.0809  2656 U   A OP1   
238 O OP2   . U   A 10 ? 0.1436 0.1857 0.1819 -0.0029 0.0055  0.0892  2656 U   A OP2   
239 O "O5'" . U   A 10 ? 0.1390 0.1678 0.1742 0.0047  -0.0009 0.0829  2656 U   A "O5'" 
240 C "C5'" . U   A 10 ? 0.1430 0.1701 0.1443 0.0007  -0.0005 0.0605  2656 U   A "C5'" 
241 C "C4'" . U   A 10 ? 0.1385 0.1629 0.1758 -0.0066 -0.0213 0.0652  2656 U   A "C4'" 
242 O "O4'" . U   A 10 ? 0.1364 0.1491 0.1866 -0.0220 -0.0224 0.0660  2656 U   A "O4'" 
243 C "C3'" . U   A 10 ? 0.1288 0.1433 0.1869 -0.0114 -0.0239 0.0548  2656 U   A "C3'" 
244 O "O3'" . U   A 10 ? 0.1660 0.1485 0.1515 -0.0398 -0.0233 0.0515  2656 U   A "O3'" 
245 C "C2'" . U   A 10 ? 0.1383 0.1304 0.1707 -0.0173 -0.0231 0.0411  2656 U   A "C2'" 
246 O "O2'" . U   A 10 ? 0.1534 0.1444 0.1715 -0.0226 0.0066  0.0257  2656 U   A "O2'" 
247 C "C1'" . U   A 10 ? 0.1336 0.1376 0.2037 0.0037  -0.0342 0.0721  2656 U   A "C1'" 
248 N N1    . U   A 10 ? 0.1114 0.1353 0.1806 0.0042  -0.0126 0.0632  2656 U   A N1    
249 C C2    . U   A 10 ? 0.0985 0.1169 0.1658 -0.0241 -0.0114 0.0468  2656 U   A C2    
250 O O2    . U   A 10 ? 0.1138 0.1142 0.1901 0.0018  -0.0219 0.0307  2656 U   A O2    
251 N N3    . U   A 10 ? 0.1162 0.1039 0.1779 -0.0140 -0.0108 0.0262  2656 U   A N3    
252 C C4    . U   A 10 ? 0.1298 0.1249 0.1544 0.0069  -0.0130 0.0508  2656 U   A C4    
253 O O4    . U   A 10 ? 0.1388 0.1092 0.1933 -0.0030 -0.0130 0.0346  2656 U   A O4    
254 C C5    . U   A 10 ? 0.1449 0.1310 0.1796 -0.0176 0.0084  0.0484  2656 U   A C5    
255 C C6    . U   A 10 ? 0.0969 0.1437 0.1855 -0.0188 -0.0087 0.0487  2656 U   A C6    
256 P P     . A   A 11 ? 0.1450 0.1682 0.1816 -0.0294 -0.0288 0.0521  2657 A   A P     
257 O OP1   . A   A 11 ? 0.2367 0.1887 0.1833 -0.0776 -0.0765 0.0286  2657 A   A OP1   
258 O OP2   . A   A 11 ? 0.1458 0.1586 0.2089 -0.0310 -0.0266 0.0528  2657 A   A OP2   
259 O "O5'" . A   A 11 ? 0.1370 0.1578 0.1474 -0.0166 -0.0078 0.0227  2657 A   A "O5'" 
260 C "C5'" . A   A 11 ? 0.1654 0.1679 0.1482 -0.0082 0.0260  0.0196  2657 A   A "C5'" 
261 C "C4'" . A   A 11 ? 0.1531 0.1413 0.1339 -0.0214 0.0023  0.0099  2657 A   A "C4'" 
262 O "O4'" . A   A 11 ? 0.1468 0.1380 0.1225 -0.0309 0.0048  0.0029  2657 A   A "O4'" 
263 C "C3'" . A   A 11 ? 0.1552 0.1235 0.1286 -0.0411 -0.0012 -0.0018 2657 A   A "C3'" 
264 O "O3'" . A   A 11 ? 0.1983 0.1547 0.1310 -0.0518 0.0120  -0.0136 2657 A   A "O3'" 
265 C "C2'" . A   A 11 ? 0.1350 0.1418 0.1430 0.0030  0.0016  0.0004  2657 A   A "C2'" 
266 O "O2'" . A   A 11 ? 0.1601 0.1663 0.1956 0.0399  0.0010  -0.0531 2657 A   A "O2'" 
267 C "C1'" . A   A 11 ? 0.1405 0.1315 0.1160 -0.0184 0.0030  0.0004  2657 A   A "C1'" 
268 N N9    . A   A 11 ? 0.1220 0.1140 0.1273 -0.0209 0.0094  0.0038  2657 A   A N9    
269 C C8    . A   A 11 ? 0.1231 0.1122 0.1401 -0.0084 -0.0019 -0.0026 2657 A   A C8    
270 N N7    . A   A 11 ? 0.1096 0.1002 0.1295 -0.0073 -0.0036 0.0135  2657 A   A N7    
271 C C5    . A   A 11 ? 0.0992 0.1080 0.1397 -0.0114 0.0068  -0.0029 2657 A   A C5    
272 C C6    . A   A 11 ? 0.1240 0.1082 0.1207 -0.0150 0.0092  0.0015  2657 A   A C6    
273 N N6    . A   A 11 ? 0.1283 0.1231 0.1328 -0.0024 0.0049  0.0045  2657 A   A N6    
274 N N1    . A   A 11 ? 0.1234 0.1115 0.1186 -0.0014 -0.0127 0.0111  2657 A   A N1    
275 C C2    . A   A 11 ? 0.1327 0.1099 0.1140 -0.0110 -0.0095 0.0153  2657 A   A C2    
276 N N3    . A   A 11 ? 0.1137 0.1044 0.1462 -0.0176 -0.0014 0.0136  2657 A   A N3    
277 C C4    . A   A 11 ? 0.1133 0.1120 0.1285 -0.0193 0.0034  0.0039  2657 A   A C4    
278 P P     . C   A 12 ? 0.2252 0.1757 0.1401 -0.0829 -0.0004 -0.0153 2658 C   A P     
279 O OP1   . C   A 12 ? 0.3130 0.1769 0.1591 -0.1309 0.0083  -0.0333 2658 C   A OP1   
280 O OP2   . C   A 12 ? 0.1812 0.2376 0.2131 -0.0800 -0.0443 0.0242  2658 C   A OP2   
281 O "O5'" . C   A 12 ? 0.1648 0.1393 0.1452 -0.0306 0.0124  -0.0367 2658 C   A "O5'" 
282 C "C5'" . C   A 12 ? 0.1562 0.1165 0.1550 -0.0149 0.0242  -0.0472 2658 C   A "C5'" 
283 C "C4'" . C   A 12 ? 0.1464 0.0946 0.1374 -0.0100 0.0189  -0.0253 2658 C   A "C4'" 
284 O "O4'" . C   A 12 ? 0.1340 0.0852 0.1360 -0.0037 0.0174  -0.0180 2658 C   A "O4'" 
285 C "C3'" . C   A 12 ? 0.1130 0.0830 0.1570 -0.0126 0.0220  -0.0269 2658 C   A "C3'" 
286 O "O3'" . C   A 12 ? 0.1253 0.0802 0.1708 -0.0080 0.0136  -0.0182 2658 C   A "O3'" 
287 C "C2'" . C   A 12 ? 0.1392 0.0815 0.1288 0.0000  0.0137  -0.0066 2658 C   A "C2'" 
288 O "O2'" . C   A 12 ? 0.1671 0.0847 0.1334 0.0001  0.0092  -0.0087 2658 C   A "O2'" 
289 C "C1'" . C   A 12 ? 0.1367 0.0724 0.1378 -0.0001 0.0185  -0.0125 2658 C   A "C1'" 
290 N N1    . C   A 12 ? 0.1243 0.0695 0.1230 -0.0028 0.0173  -0.0096 2658 C   A N1    
291 C C2    . C   A 12 ? 0.1085 0.0835 0.1341 -0.0020 0.0026  0.0172  2658 C   A C2    
292 O O2    . C   A 12 ? 0.1341 0.0830 0.1464 0.0104  0.0014  -0.0173 2658 C   A O2    
293 N N3    . C   A 12 ? 0.1272 0.0867 0.1456 -0.0105 0.0166  -0.0016 2658 C   A N3    
294 C C4    . C   A 12 ? 0.1405 0.0840 0.1446 -0.0173 0.0003  0.0039  2658 C   A C4    
295 N N4    . C   A 12 ? 0.1476 0.0905 0.1638 -0.0069 0.0141  0.0184  2658 C   A N4    
296 C C5    . C   A 12 ? 0.1262 0.0942 0.1344 -0.0147 0.0125  -0.0077 2658 C   A C5    
297 C C6    . C   A 12 ? 0.1444 0.0887 0.1356 -0.0194 0.0073  0.0023  2658 C   A C6    
298 P P     . G   A 13 ? 0.1309 0.0827 0.1835 -0.0081 0.0251  -0.0270 2659 G   A P     
299 O OP1   . G   A 13 ? 0.1491 0.0927 0.1949 -0.0203 0.0263  -0.0322 2659 G   A OP1   
300 O OP2   . G   A 13 ? 0.1472 0.0947 0.1621 -0.0076 0.0010  -0.0129 2659 G   A OP2   
301 O "O5'" . G   A 13 ? 0.1309 0.0925 0.1812 0.0178  0.0325  0.0064  2659 G   A "O5'" 
302 C "C5'" . G   A 13 ? 0.1615 0.0910 0.1684 0.0301  0.0382  0.0250  2659 G   A "C5'" 
303 C "C4'" . G   A 13 ? 0.1284 0.0892 0.1547 0.0144  0.0255  0.0021  2659 G   A "C4'" 
304 O "O4'" . G   A 13 ? 0.1189 0.0929 0.1650 0.0229  0.0329  0.0088  2659 G   A "O4'" 
305 C "C3'" . G   A 13 ? 0.1433 0.0803 0.1646 0.0083  0.0433  0.0012  2659 G   A "C3'" 
306 O "O3'" . G   A 13 ? 0.1333 0.0795 0.2049 -0.0114 0.0410  -0.0020 2659 G   A "O3'" 
307 C "C2'" . G   A 13 ? 0.1484 0.0839 0.1522 -0.0021 0.0365  0.0167  2659 G   A "C2'" 
308 O "O2'" . G   A 13 ? 0.1505 0.0891 0.1507 0.0073  0.0343  0.0083  2659 G   A "O2'" 
309 C "C1'" . G   A 13 ? 0.1133 0.0814 0.1565 0.0051  0.0136  0.0057  2659 G   A "C1'" 
310 N N9    . G   A 13 ? 0.1080 0.0974 0.1405 0.0186  0.0193  0.0012  2659 G   A N9    
311 C C8    . G   A 13 ? 0.0932 0.1147 0.1664 0.0006  0.0145  0.0075  2659 G   A C8    
312 N N7    . G   A 13 ? 0.1254 0.1131 0.1502 0.0113  0.0261  -0.0002 2659 G   A N7    
313 C C5    . G   A 13 ? 0.1127 0.1107 0.1394 0.0018  0.0046  0.0234  2659 G   A C5    
314 C C6    . G   A 13 ? 0.1291 0.0953 0.1708 0.0011  0.0098  0.0124  2659 G   A C6    
315 O O6    . G   A 13 ? 0.1887 0.1163 0.1450 0.0208  0.0193  0.0340  2659 G   A O6    
316 N N1    . G   A 13 ? 0.1189 0.0869 0.1499 0.0087  0.0115  0.0229  2659 G   A N1    
317 C C2    . G   A 13 ? 0.1026 0.0866 0.1460 0.0114  0.0086  0.0204  2659 G   A C2    
318 N N2    . G   A 13 ? 0.1083 0.0835 0.1455 0.0045  0.0143  0.0086  2659 G   A N2    
319 N N3    . G   A 13 ? 0.1128 0.1016 0.1310 0.0188  0.0210  0.0100  2659 G   A N3    
320 C C4    . G   A 13 ? 0.1145 0.1038 0.1651 -0.0004 0.0108  0.0346  2659 G   A C4    
321 P P     . A   A 14 ? 0.1441 0.0938 0.2503 -0.0066 0.0443  -0.0114 2660 A   A P     
322 O OP1   . A   A 14 ? 0.1607 0.0902 0.2969 -0.0218 0.0582  -0.0053 2660 A   A OP1   
323 O OP2   . A   A 14 ? 0.1465 0.1090 0.2684 -0.0064 0.0328  -0.0422 2660 A   A OP2   
324 O "O5'" . A   A 14 ? 0.1255 0.1106 0.2282 0.0034  0.0172  -0.0099 2660 A   A "O5'" 
325 C "C5'" . A   A 14 ? 0.1315 0.1338 0.2259 0.0300  0.0070  -0.0304 2660 A   A "C5'" 
326 C "C4'" . A   A 14 ? 0.1383 0.1327 0.2398 -0.0110 0.0225  -0.0061 2660 A   A "C4'" 
327 O "O4'" . A   A 14 ? 0.1302 0.1344 0.2245 -0.0043 0.0025  -0.0214 2660 A   A "O4'" 
328 C "C3'" . A   A 14 ? 0.1459 0.1314 0.1696 -0.0167 -0.0161 -0.0023 2660 A   A "C3'" 
329 O "O3'" . A   A 14 ? 0.1429 0.1242 0.1992 -0.0152 -0.0277 0.0063  2660 A   A "O3'" 
330 C "C2'" . A   A 14 ? 0.1133 0.1375 0.2450 -0.0020 -0.0044 -0.0125 2660 A   A "C2'" 
331 O "O2'" . A   A 14 ? 0.1456 0.1368 0.2268 -0.0090 -0.0003 -0.0112 2660 A   A "O2'" 
332 C "C1'" . A   A 14 ? 0.1422 0.1204 0.2307 -0.0048 0.0002  0.0004  2660 A   A "C1'" 
333 N N9    . A   A 14 ? 0.1219 0.1136 0.2711 -0.0165 0.0277  0.0194  2660 A   A N9    
334 C C8    . A   A 14 ? 0.1443 0.1213 0.2410 -0.0309 0.0067  0.0129  2660 A   A C8    
335 N N7    . A   A 14 ? 0.1225 0.1287 0.2592 -0.0137 0.0040  0.0260  2660 A   A N7    
336 C C5    . A   A 14 ? 0.1376 0.1049 0.2618 -0.0436 -0.0172 -0.0029 2660 A   A C5    
337 C C6    . A   A 14 ? 0.1825 0.1258 0.2231 -0.0711 0.0395  -0.0501 2660 A   A C6    
338 N N6    . A   A 14 ? 0.1925 0.1705 0.2054 -0.0458 -0.0120 -0.0071 2660 A   A N6    
339 N N1    . A   A 14 ? 0.1649 0.1348 0.2064 -0.0130 0.0111  -0.0439 2660 A   A N1    
340 C C2    . A   A 14 ? 0.2398 0.1328 0.2266 -0.0031 -0.0304 -0.0362 2660 A   A C2    
341 N N3    . A   A 14 ? 0.1620 0.1306 0.2334 0.0138  0.0121  -0.0110 2660 A   A N3    
342 C C4    . A   A 14 ? 0.1461 0.1179 0.2376 -0.0296 -0.0022 0.0005  2660 A   A C4    
343 P P     . G   A 15 ? 0.1366 0.1271 0.1521 -0.0068 0.0076  -0.0020 2661 G   A P     
344 O OP1   . G   A 15 ? 0.1791 0.1599 0.1563 -0.0116 -0.0005 0.0199  2661 G   A OP1   
345 O OP2   . G   A 15 ? 0.1391 0.1180 0.1822 -0.0030 0.0079  -0.0117 2661 G   A OP2   
346 O "O5'" . G   A 15 ? 0.1191 0.1284 0.1342 -0.0034 -0.0086 0.0143  2661 G   A "O5'" 
347 C "C5'" . G   A 15 ? 0.1593 0.1275 0.1253 0.0108  -0.0219 -0.0114 2661 G   A "C5'" 
348 C "C4'" . G   A 15 ? 0.1084 0.1144 0.1475 -0.0002 -0.0084 0.0031  2661 G   A "C4'" 
349 O "O4'" . G   A 15 ? 0.1103 0.1185 0.1460 0.0089  0.0030  -0.0048 2661 G   A "O4'" 
350 C "C3'" . G   A 15 ? 0.1032 0.0913 0.1691 -0.0029 -0.0048 0.0198  2661 G   A "C3'" 
351 O "O3'" . G   A 15 ? 0.1218 0.0942 0.1412 0.0040  -0.0070 0.0075  2661 G   A "O3'" 
352 C "C2'" . G   A 15 ? 0.0967 0.1074 0.1338 0.0165  -0.0017 -0.0010 2661 G   A "C2'" 
353 O "O2'" . G   A 15 ? 0.0997 0.1183 0.1366 0.0208  -0.0010 0.0106  2661 G   A "O2'" 
354 C "C1'" . G   A 15 ? 0.1180 0.1003 0.1298 0.0010  -0.0097 -0.0055 2661 G   A "C1'" 
355 N N9    . G   A 15 ? 0.1036 0.0938 0.1375 0.0126  -0.0075 0.0065  2661 G   A N9    
356 C C8    . G   A 15 ? 0.1211 0.0933 0.1430 0.0060  0.0142  -0.0120 2661 G   A C8    
357 N N7    . G   A 15 ? 0.1041 0.0923 0.1434 0.0119  0.0051  0.0012  2661 G   A N7    
358 C C5    . G   A 15 ? 0.1027 0.0855 0.1346 0.0057  0.0040  0.0005  2661 G   A C5    
359 C C6    . G   A 15 ? 0.1113 0.0799 0.1548 -0.0040 0.0299  -0.0020 2661 G   A C6    
360 O O6    . G   A 15 ? 0.1217 0.1026 0.1797 0.0413  0.0221  0.0227  2661 G   A O6    
361 N N1    . G   A 15 ? 0.1078 0.0791 0.1538 -0.0038 0.0024  0.0046  2661 G   A N1    
362 C C2    . G   A 15 ? 0.1082 0.0771 0.1418 0.0033  -0.0033 -0.0005 2661 G   A C2    
363 N N2    . G   A 15 ? 0.1106 0.1035 0.1440 0.0094  0.0011  0.0011  2661 G   A N2    
364 N N3    . G   A 15 ? 0.0943 0.0701 0.1409 -0.0021 0.0061  -0.0094 2661 G   A N3    
365 C C4    . G   A 15 ? 0.0891 0.0740 0.1650 -0.0011 -0.0026 -0.0028 2661 G   A C4    
366 P P     . A   A 16 ? 0.1231 0.0957 0.1454 0.0209  0.0048  0.0197  2662 A   A P     
367 O OP1   . A   A 16 ? 0.1572 0.1023 0.1737 0.0336  0.0054  0.0265  2662 A   A OP1   
368 O OP2   . A   A 16 ? 0.1397 0.1005 0.1450 0.0226  0.0027  0.0219  2662 A   A OP2   
369 O "O5'" . A   A 16 ? 0.1145 0.1019 0.1313 0.0280  0.0030  0.0155  2662 A   A "O5'" 
370 C "C5'" . A   A 16 ? 0.1395 0.1156 0.1116 0.0210  0.0020  0.0077  2662 A   A "C5'" 
371 C "C4'" . A   A 16 ? 0.1165 0.0932 0.1505 0.0158  0.0071  0.0116  2662 A   A "C4'" 
372 O "O4'" . A   A 16 ? 0.1051 0.0942 0.1434 0.0169  -0.0011 0.0140  2662 A   A "O4'" 
373 C "C3'" . A   A 16 ? 0.1383 0.0830 0.1255 0.0153  0.0149  -0.0105 2662 A   A "C3'" 
374 O "O3'" . A   A 16 ? 0.1709 0.0739 0.1604 0.0149  0.0221  -0.0062 2662 A   A "O3'" 
375 C "C2'" . A   A 16 ? 0.1126 0.0906 0.1326 0.0194  0.0011  -0.0105 2662 A   A "C2'" 
376 O "O2'" . A   A 16 ? 0.1260 0.1074 0.1377 0.0385  0.0076  -0.0128 2662 A   A "O2'" 
377 C "C1'" . A   A 16 ? 0.1050 0.0922 0.1149 0.0292  0.0093  0.0015  2662 A   A "C1'" 
378 N N9    . A   A 16 ? 0.1051 0.0801 0.1359 0.0014  -0.0026 0.0109  2662 A   A N9    
379 C C8    . A   A 16 ? 0.1038 0.0748 0.1272 -0.0148 0.0013  0.0051  2662 A   A C8    
380 N N7    . A   A 16 ? 0.0944 0.0738 0.1388 -0.0008 0.0181  -0.0121 2662 A   A N7    
381 C C5    . A   A 16 ? 0.1002 0.0697 0.1652 -0.0023 0.0149  -0.0010 2662 A   A C5    
382 C C6    . A   A 16 ? 0.1109 0.0866 0.1767 0.0213  0.0275  0.0179  2662 A   A C6    
383 N N6    . A   A 16 ? 0.1589 0.1132 0.1693 0.0335  0.0345  0.0228  2662 A   A N6    
384 N N1    . A   A 16 ? 0.1135 0.0918 0.1694 0.0246  0.0146  0.0050  2662 A   A N1    
385 C C2    . A   A 16 ? 0.1186 0.0862 0.1702 0.0075  -0.0067 0.0127  2662 A   A C2    
386 N N3    . A   A 16 ? 0.1084 0.0753 0.1719 0.0101  -0.0022 0.0055  2662 A   A N3    
387 C C4    . A   A 16 ? 0.1057 0.0669 0.1355 0.0061  -0.0170 0.0002  2662 A   A C4    
388 P P     . G   A 17 ? 0.1599 0.0838 0.1793 0.0017  0.0185  -0.0158 2663 G   A P     
389 O OP1   . G   A 17 ? 0.2606 0.0984 0.1971 -0.0036 0.0433  -0.0083 2663 G   A OP1   
390 O OP2   . G   A 17 ? 0.1545 0.1115 0.1752 -0.0037 0.0335  -0.0068 2663 G   A OP2   
391 O "O5'" . G   A 17 ? 0.1415 0.1044 0.1633 -0.0063 0.0399  -0.0262 2663 G   A "O5'" 
392 C "C5'" . G   A 17 ? 0.1366 0.1105 0.1795 0.0050  0.0432  -0.0243 2663 G   A "C5'" 
393 C "C4'" . G   A 17 ? 0.1139 0.1044 0.2310 -0.0070 0.0516  -0.0536 2663 G   A "C4'" 
394 O "O4'" . G   A 17 ? 0.1128 0.1071 0.1882 -0.0161 0.0447  -0.0530 2663 G   A "O4'" 
395 C "C3'" . G   A 17 ? 0.1257 0.1037 0.1508 -0.0343 0.0390  -0.0476 2663 G   A "C3'" 
396 O "O3'" . G   A 17 ? 0.1202 0.1118 0.1836 -0.0227 0.0505  -0.0273 2663 G   A "O3'" 
397 C "C2'" . G   A 17 ? 0.1210 0.1024 0.1705 -0.0157 0.0429  -0.0262 2663 G   A "C2'" 
398 O "O2'" . G   A 17 ? 0.1343 0.1131 0.1721 -0.0041 0.0387  -0.0160 2663 G   A "O2'" 
399 C "C1'" . G   A 17 ? 0.1281 0.0914 0.1855 -0.0208 0.0475  -0.0288 2663 G   A "C1'" 
400 N N9    . G   A 17 ? 0.1263 0.0845 0.1738 -0.0197 0.0348  -0.0020 2663 G   A N9    
401 C C8    . G   A 17 ? 0.1364 0.0845 0.1946 -0.0209 0.0345  -0.0111 2663 G   A C8    
402 N N7    . G   A 17 ? 0.1255 0.0858 0.1803 -0.0079 0.0299  -0.0163 2663 G   A N7    
403 C C5    . G   A 17 ? 0.1214 0.0854 0.1733 -0.0014 0.0424  -0.0127 2663 G   A C5    
404 C C6    . G   A 17 ? 0.1258 0.0863 0.1589 -0.0010 0.0126  -0.0107 2663 G   A C6    
405 O O6    . G   A 17 ? 0.1395 0.0845 0.1718 -0.0046 0.0181  -0.0145 2663 G   A O6    
406 N N1    . G   A 17 ? 0.1153 0.0846 0.1460 0.0035  0.0217  -0.0076 2663 G   A N1    
407 C C2    . G   A 17 ? 0.1222 0.0911 0.1459 -0.0031 0.0263  -0.0105 2663 G   A C2    
408 N N2    . G   A 17 ? 0.1672 0.0960 0.1664 0.0292  0.0436  -0.0014 2663 G   A N2    
409 N N3    . G   A 17 ? 0.1134 0.0988 0.1661 0.0057  0.0262  -0.0128 2663 G   A N3    
410 C C4    . G   A 17 ? 0.1139 0.0878 0.1611 -0.0044 0.0361  -0.0308 2663 G   A C4    
411 P P     . G   A 18 ? 0.1376 0.1153 0.1822 -0.0367 0.0449  -0.0330 2664 G   A P     
412 O OP1   . G   A 18 ? 0.1469 0.1464 0.1867 -0.0589 0.0373  -0.0512 2664 G   A OP1   
413 O OP2   . G   A 18 ? 0.1646 0.1116 0.2163 -0.0301 0.0541  -0.0352 2664 G   A OP2   
414 O "O5'" . G   A 18 ? 0.1099 0.1318 0.1563 -0.0135 0.0285  -0.0087 2664 G   A "O5'" 
415 C "C5'" . G   A 18 ? 0.1162 0.1448 0.1511 -0.0181 0.0130  -0.0061 2664 G   A "C5'" 
416 C "C4'" . G   A 18 ? 0.1002 0.1313 0.1442 -0.0096 0.0006  0.0052  2664 G   A "C4'" 
417 O "O4'" . G   A 18 ? 0.1118 0.1159 0.1387 -0.0069 0.0237  0.0136  2664 G   A "O4'" 
418 C "C3'" . G   A 18 ? 0.0850 0.1362 0.1229 -0.0040 0.0179  0.0089  2664 G   A "C3'" 
419 O "O3'" . G   A 18 ? 0.1096 0.1361 0.1314 0.0051  0.0110  0.0062  2664 G   A "O3'" 
420 C "C2'" . G   A 18 ? 0.1050 0.1315 0.1439 0.0076  0.0130  0.0078  2664 G   A "C2'" 
421 O "O2'" . G   A 18 ? 0.1211 0.1221 0.1246 0.0258  -0.0001 -0.0018 2664 G   A "O2'" 
422 C "C1'" . G   A 18 ? 0.0964 0.1262 0.1308 0.0084  0.0099  0.0226  2664 G   A "C1'" 
423 N N9    . G   A 18 ? 0.0905 0.1152 0.1502 0.0041  0.0184  0.0168  2664 G   A N9    
424 C C8    . G   A 18 ? 0.1086 0.1141 0.1600 0.0028  0.0145  0.0067  2664 G   A C8    
425 N N7    . G   A 18 ? 0.1171 0.1165 0.1765 0.0080  0.0234  0.0204  2664 G   A N7    
426 C C5    . G   A 18 ? 0.1044 0.1173 0.1835 0.0056  0.0225  0.0458  2664 G   A C5    
427 C C6    . G   A 18 ? 0.1068 0.1359 0.1919 0.0055  -0.0027 0.0671  2664 G   A C6    
428 O O6    . G   A 18 ? 0.1392 0.1404 0.1979 0.0094  -0.0148 0.0550  2664 G   A O6    
429 N N1    . G   A 18 ? 0.1130 0.1203 0.1559 -0.0024 -0.0009 0.0511  2664 G   A N1    
430 C C2    . G   A 18 ? 0.1113 0.1187 0.1660 -0.0094 0.0139  0.0366  2664 G   A C2    
431 N N2    . G   A 18 ? 0.1154 0.1306 0.1468 -0.0062 0.0106  0.0315  2664 G   A N2    
432 N N3    . G   A 18 ? 0.1071 0.1184 0.1410 -0.0035 0.0087  0.0341  2664 G   A N3    
433 C C4    . G   A 18 ? 0.1007 0.1077 0.1573 -0.0036 0.0167  0.0293  2664 G   A C4    
434 P P     . A   A 19 ? 0.1081 0.1131 0.1399 -0.0039 0.0111  -0.0096 2665 A   A P     
435 O OP1   . A   A 19 ? 0.1096 0.1384 0.1529 0.0030  -0.0002 -0.0178 2665 A   A OP1   
436 O OP2   . A   A 19 ? 0.1193 0.1110 0.1781 -0.0016 0.0112  -0.0185 2665 A   A OP2   
437 O "O5'" . A   A 19 ? 0.1100 0.1116 0.1188 0.0153  0.0090  -0.0051 2665 A   A "O5'" 
438 C "C5'" . A   A 19 ? 0.1015 0.1212 0.1332 0.0215  0.0189  0.0112  2665 A   A "C5'" 
439 C "C4'" . A   A 19 ? 0.1053 0.1141 0.1202 0.0076  0.0000  0.0081  2665 A   A "C4'" 
440 O "O4'" . A   A 19 ? 0.1116 0.1130 0.1473 0.0193  0.0213  0.0185  2665 A   A "O4'" 
441 C "C3'" . A   A 19 ? 0.1008 0.1088 0.1240 0.0001  -0.0071 0.0136  2665 A   A "C3'" 
442 O "O3'" . A   A 19 ? 0.1181 0.1244 0.1313 0.0173  0.0044  0.0103  2665 A   A "O3'" 
443 C "C2'" . A   A 19 ? 0.1275 0.1279 0.1273 0.0219  0.0041  0.0424  2665 A   A "C2'" 
444 O "O2'" . A   A 19 ? 0.1533 0.1442 0.1427 0.0271  0.0006  0.0369  2665 A   A "O2'" 
445 C "C1'" . A   A 19 ? 0.1063 0.0985 0.1478 -0.0017 -0.0033 0.0225  2665 A   A "C1'" 
446 N N9    . A   A 19 ? 0.0998 0.0997 0.1553 0.0164  -0.0037 0.0161  2665 A   A N9    
447 C C8    . A   A 19 ? 0.0994 0.0887 0.1670 -0.0020 0.0007  0.0029  2665 A   A C8    
448 N N7    . A   A 19 ? 0.1142 0.0997 0.1560 0.0059  -0.0202 0.0048  2665 A   A N7    
449 C C5    . A   A 19 ? 0.0983 0.1096 0.1653 -0.0075 -0.0091 -0.0032 2665 A   A C5    
450 C C6    . A   A 19 ? 0.0984 0.1195 0.1554 -0.0108 -0.0162 -0.0086 2665 A   A C6    
451 N N6    . A   A 19 ? 0.1129 0.1465 0.1573 -0.0099 -0.0116 -0.0032 2665 A   A N6    
452 N N1    . A   A 19 ? 0.1043 0.1062 0.2213 0.0106  -0.0079 0.0030  2665 A   A N1    
453 C C2    . A   A 19 ? 0.1125 0.1014 0.1957 0.0230  -0.0041 0.0196  2665 A   A C2    
454 N N3    . A   A 19 ? 0.1053 0.0927 0.1773 0.0179  0.0102  0.0035  2665 A   A N3    
455 C C4    . A   A 19 ? 0.1149 0.1051 0.1472 0.0151  -0.0109 0.0061  2665 A   A C4    
456 P P     . C   A 20 ? 0.1094 0.1153 0.1272 0.0131  -0.0069 0.0161  2666 C   A P     
457 O OP1   . C   A 20 ? 0.1177 0.1333 0.1656 0.0085  -0.0256 0.0061  2666 C   A OP1   
458 O OP2   . C   A 20 ? 0.1100 0.1275 0.1330 0.0113  -0.0110 0.0324  2666 C   A OP2   
459 O "O5'" . C   A 20 ? 0.1114 0.1138 0.1300 0.0152  -0.0057 0.0231  2666 C   A "O5'" 
460 C "C5'" . C   A 20 ? 0.1173 0.1184 0.1203 0.0212  -0.0101 0.0249  2666 C   A "C5'" 
461 C "C4'" . C   A 20 ? 0.1301 0.1448 0.1365 0.0438  0.0189  0.0310  2666 C   A "C4'" 
462 O "O4'" . C   A 20 ? 0.1376 0.1163 0.1442 0.0254  0.0151  0.0260  2666 C   A "O4'" 
463 C "C3'" . C   A 20 ? 0.1255 0.1565 0.1288 0.0637  0.0045  0.0339  2666 C   A "C3'" 
464 O "O3'" . C   A 20 ? 0.1330 0.1882 0.1429 0.0534  0.0008  0.0521  2666 C   A "O3'" 
465 C "C2'" . C   A 20 ? 0.1683 0.1302 0.1242 0.0554  0.0222  0.0430  2666 C   A "C2'" 
466 O "O2'" . C   A 20 ? 0.2242 0.1370 0.1550 0.0763  0.0181  0.0411  2666 C   A "O2'" 
467 C "C1'" . C   A 20 ? 0.1377 0.1102 0.1376 0.0299  0.0323  0.0224  2666 C   A "C1'" 
468 N N1    . C   A 20 ? 0.1320 0.1006 0.1316 0.0278  0.0209  0.0281  2666 C   A N1    
469 C C2    . C   A 20 ? 0.1252 0.1150 0.1510 0.0336  0.0325  0.0363  2666 C   A C2    
470 O O2    . C   A 20 ? 0.1707 0.1144 0.1433 0.0463  0.0277  0.0344  2666 C   A O2    
471 N N3    . C   A 20 ? 0.1201 0.1155 0.1463 0.0258  0.0140  0.0315  2666 C   A N3    
472 C C4    . C   A 20 ? 0.1013 0.1100 0.1481 0.0174  0.0051  0.0266  2666 C   A C4    
473 N N4    . C   A 20 ? 0.1225 0.1163 0.1301 0.0079  0.0018  0.0218  2666 C   A N4    
474 C C5    . C   A 20 ? 0.1194 0.1014 0.1498 0.0154  0.0057  0.0246  2666 C   A C5    
475 C C6    . C   A 20 ? 0.1174 0.1034 0.1397 0.0171  0.0108  0.0361  2666 C   A C6    
476 P P     . C   A 21 ? 0.1351 0.2270 0.1568 0.0559  -0.0040 0.0661  2667 C   A P     
477 O OP1   . C   A 21 ? 0.1381 0.2751 0.1907 0.0577  -0.0368 0.0515  2667 C   A OP1   
478 O OP2   . C   A 21 ? 0.1405 0.2140 0.1449 0.0092  -0.0055 0.0038  2667 C   A OP2   
479 O "O5'" . C   A 21 ? 0.1395 0.2304 0.1528 0.0780  0.0348  0.0722  2667 C   A "O5'" 
480 C "C5'" . C   A 21 ? 0.1599 0.2247 0.1753 0.1057  0.0306  0.0751  2667 C   A "C5'" 
481 C "C4'" . C   A 21 ? 0.1721 0.2053 0.1934 0.0957  0.0494  0.0772  2667 C   A "C4'" 
482 O "O4'" . C   A 21 ? 0.1768 0.1823 0.1779 0.0760  0.0489  0.0741  2667 C   A "O4'" 
483 C "C3'" . C   A 21 ? 0.1456 0.1759 0.1750 0.0779  0.0437  0.0503  2667 C   A "C3'" 
484 O "O3'" . C   A 21 ? 0.1373 0.1589 0.2068 0.0566  0.0320  0.0533  2667 C   A "O3'" 
485 C "C2'" . C   A 21 ? 0.1794 0.1825 0.2037 0.0949  0.0494  0.0608  2667 C   A "C2'" 
486 O "O2'" . C   A 21 ? 0.1907 0.1562 0.2152 0.0689  0.0522  0.0435  2667 C   A "O2'" 
487 C "C1'" . C   A 21 ? 0.1870 0.1817 0.1829 0.0825  0.0383  0.0536  2667 C   A "C1'" 
488 N N1    . C   A 21 ? 0.1514 0.1563 0.1554 0.0557  0.0288  0.0455  2667 C   A N1    
489 C C2    . C   A 21 ? 0.1617 0.1660 0.1656 0.0588  0.0411  0.0489  2667 C   A C2    
490 O O2    . C   A 21 ? 0.1746 0.1781 0.1838 0.0414  0.0239  0.0149  2667 C   A O2    
491 N N3    . C   A 21 ? 0.1263 0.1641 0.1809 0.0423  0.0175  0.0684  2667 C   A N3    
492 C C4    . C   A 21 ? 0.0996 0.1518 0.2267 0.0482  0.0298  0.0669  2667 C   A C4    
493 N N4    . C   A 21 ? 0.1049 0.1755 0.1888 0.0470  0.0077  0.0725  2667 C   A N4    
494 C C5    . C   A 21 ? 0.1157 0.1364 0.1707 0.0264  -0.0015 0.0574  2667 C   A C5    
495 C C6    . C   A 21 ? 0.1120 0.1516 0.1616 0.0412  0.0174  0.0496  2667 C   A C6    
496 P P     . G   A 22 ? 0.1710 0.1703 0.1899 0.0850  0.0045  0.0342  2668 G   A P     
497 O OP1   . G   A 22 ? 0.1570 0.1930 0.2012 0.0549  0.0041  0.0491  2668 G   A OP1   
498 O OP2   . G   A 22 ? 0.2126 0.1604 0.2416 0.0714  -0.0374 0.0169  2668 G   A OP2   
499 O "O5'" . G   A 22 ? 0.1626 0.1503 0.1672 0.0836  0.0076  0.0329  2668 G   A "O5'" 
500 C "C5'" . G   A 22 ? 0.1737 0.1583 0.1846 0.0941  0.0308  0.0241  2668 G   A "C5'" 
501 C "C4'" . G   A 22 ? 0.1922 0.1309 0.1660 0.0820  0.0543  0.0253  2668 G   A "C4'" 
502 O "O4'" . G   A 22 ? 0.1480 0.0986 0.1599 0.0460  0.0128  0.0189  2668 G   A "O4'" 
503 C "C3'" . G   A 22 ? 0.1231 0.1312 0.2370 0.0580  0.0518  0.0402  2668 G   A "C3'" 
504 O "O3'" . G   A 22 ? 0.2336 0.1558 0.2356 0.0818  0.0309  0.0344  2668 G   A "O3'" 
505 C "C2'" . G   A 22 ? 0.1391 0.1281 0.1848 0.0686  0.0499  0.0396  2668 G   A "C2'" 
506 O "O2'" . G   A 22 ? 0.2614 0.1623 0.1696 0.0964  0.0781  0.0228  2668 G   A "O2'" 
507 C "C1'" . G   A 22 ? 0.1587 0.0887 0.1576 0.0516  0.0228  0.0122  2668 G   A "C1'" 
508 N N9    . G   A 22 ? 0.1203 0.0888 0.1500 0.0421  -0.0024 0.0089  2668 G   A N9    
509 C C8    . G   A 22 ? 0.1373 0.0940 0.1217 0.0390  0.0076  0.0114  2668 G   A C8    
510 N N7    . G   A 22 ? 0.1232 0.0921 0.1336 0.0320  -0.0037 0.0159  2668 G   A N7    
511 C C5    . G   A 22 ? 0.1082 0.0835 0.1337 0.0242  -0.0023 -0.0078 2668 G   A C5    
512 C C6    . G   A 22 ? 0.1031 0.0813 0.1222 0.0185  -0.0064 0.0085  2668 G   A C6    
513 O O6    . G   A 22 ? 0.1256 0.0893 0.1216 0.0370  0.0034  0.0027  2668 G   A O6    
514 N N1    . G   A 22 ? 0.1079 0.0747 0.1293 0.0099  0.0048  -0.0004 2668 G   A N1    
515 C C2    . G   A 22 ? 0.0879 0.0727 0.1335 0.0068  0.0029  0.0015  2668 G   A C2    
516 N N2    . G   A 22 ? 0.1094 0.0757 0.1442 0.0047  -0.0055 0.0133  2668 G   A N2    
517 N N3    . G   A 22 ? 0.1023 0.0733 0.1444 0.0302  0.0038  -0.0014 2668 G   A N3    
518 C C4    . G   A 22 ? 0.0936 0.0800 0.1490 0.0296  -0.0098 -0.0016 2668 G   A C4    
519 P P     . G   A 23 ? 0.1494 0.1848 0.2667 0.0511  0.0098  0.0314  2669 G   A P     
520 O OP1   . G   A 23 ? 0.1622 0.1948 0.3310 0.0535  -0.0117 0.0163  2669 G   A OP1   
521 O OP2   . G   A 23 ? 0.1691 0.2349 0.2528 0.0008  -0.0368 0.0644  2669 G   A OP2   
522 O "O5'" . G   A 23 ? 0.1493 0.1562 0.2494 0.0434  0.0074  0.0390  2669 G   A "O5'" 
523 C "C5'" . G   A 23 ? 0.1591 0.1513 0.2875 0.0635  0.0625  0.0464  2669 G   A "C5'" 
524 C "C4'" . G   A 23 ? 0.1068 0.1134 0.2588 0.0173  0.0506  -0.0141 2669 G   A "C4'" 
525 O "O4'" . G   A 23 ? 0.1309 0.1015 0.1731 0.0048  0.0306  -0.0206 2669 G   A "O4'" 
526 C "C3'" . G   A 23 ? 0.1058 0.1217 0.2523 0.0199  0.0348  0.0388  2669 G   A "C3'" 
527 O "O3'" . G   A 23 ? 0.1206 0.1560 0.3070 0.0063  0.0428  0.0383  2669 G   A "O3'" 
528 C "C2'" . G   A 23 ? 0.1125 0.0985 0.2045 0.0151  0.0031  0.0233  2669 G   A "C2'" 
529 O "O2'" . G   A 23 ? 0.1097 0.1064 0.2039 0.0143  0.0292  0.0138  2669 G   A "O2'" 
530 C "C1'" . G   A 23 ? 0.1108 0.0796 0.1634 0.0044  0.0134  -0.0116 2669 G   A "C1'" 
531 N N9    . G   A 23 ? 0.1145 0.0904 0.1430 0.0110  -0.0040 -0.0052 2669 G   A N9    
532 C C8    . G   A 23 ? 0.1006 0.1088 0.1653 0.0230  0.0011  -0.0126 2669 G   A C8    
533 N N7    . G   A 23 ? 0.1196 0.1076 0.1571 0.0255  0.0011  -0.0095 2669 G   A N7    
534 C C5    . G   A 23 ? 0.0884 0.0991 0.1524 0.0241  -0.0112 0.0013  2669 G   A C5    
535 C C6    . G   A 23 ? 0.0828 0.1056 0.1583 0.0124  -0.0111 -0.0046 2669 G   A C6    
536 O O6    . G   A 23 ? 0.1441 0.1130 0.1374 0.0216  -0.0166 -0.0085 2669 G   A O6    
537 N N1    . G   A 23 ? 0.0941 0.0985 0.1483 0.0133  -0.0207 -0.0013 2669 G   A N1    
538 C C2    . G   A 23 ? 0.0902 0.0926 0.1527 0.0165  -0.0107 -0.0167 2669 G   A C2    
539 N N2    . G   A 23 ? 0.1038 0.0979 0.1626 0.0086  -0.0123 -0.0093 2669 G   A N2    
540 N N3    . G   A 23 ? 0.0967 0.0953 0.1549 0.0173  -0.0116 -0.0044 2669 G   A N3    
541 C C4    . G   A 23 ? 0.0883 0.0898 0.1561 0.0133  -0.0095 -0.0008 2669 G   A C4    
542 P P     . A   A 24 ? 0.1083 0.2082 0.4739 -0.0153 -0.0264 0.0903  2670 A   A P     
543 O OP1   . A   A 24 ? 0.1138 0.2479 0.6707 0.0003  0.0839  0.1327  2670 A   A OP1   
544 O OP2   . A   A 24 ? 0.1471 0.2437 0.5784 -0.0204 -0.1403 0.1656  2670 A   A OP2   
545 O "O5'" . A   A 24 ? 0.1842 0.1789 0.2838 -0.0567 -0.0454 0.0401  2670 A   A "O5'" 
546 C "C5'" . A   A 24 ? 0.2197 0.1676 0.2682 -0.0647 -0.0079 0.0475  2670 A   A "C5'" 
547 C "C4'" . A   A 24 ? 0.1615 0.1790 0.2209 -0.0555 -0.0251 0.0327  2670 A   A "C4'" 
548 O "O4'" . A   A 24 ? 0.1639 0.1783 0.1943 -0.0378 -0.0522 0.0238  2670 A   A "O4'" 
549 C "C3'" . A   A 24 ? 0.1735 0.1987 0.2380 -0.0816 -0.0767 0.0426  2670 A   A "C3'" 
550 O "O3'" . A   A 24 ? 0.1942 0.2105 0.3431 -0.0933 -0.0884 0.0379  2670 A   A "O3'" 
551 C "C2'" . A   A 24 ? 0.1787 0.2010 0.2285 -0.0607 -0.0781 0.0242  2670 A   A "C2'" 
552 O "O2'" . A   A 24 ? 0.2287 0.1687 0.1922 -0.0577 -0.0686 0.0308  2670 A   A "O2'" 
553 C "C1'" . A   A 24 ? 0.1710 0.1879 0.1520 -0.0515 -0.0334 0.0395  2670 A   A "C1'" 
554 N N9    . A   A 24 ? 0.1618 0.1671 0.1934 -0.0332 -0.0585 0.0023  2670 A   A N9    
555 C C8    . A   A 24 ? 0.2105 0.1665 0.1521 -0.0485 -0.0524 0.0143  2670 A   A C8    
556 N N7    . A   A 24 ? 0.1581 0.1700 0.1684 -0.0283 -0.0450 -0.0009 2670 A   A N7    
557 C C5    . A   A 24 ? 0.1438 0.1507 0.1684 -0.0217 -0.0410 -0.0031 2670 A   A C5    
558 C C6    . A   A 24 ? 0.1469 0.1482 0.1766 -0.0204 -0.0517 0.0019  2670 A   A C6    
559 N N6    . A   A 24 ? 0.1696 0.1340 0.1672 -0.0346 -0.0272 0.0078  2670 A   A N6    
560 N N1    . A   A 24 ? 0.1344 0.1507 0.1735 -0.0308 -0.0401 0.0030  2670 A   A N1    
561 C C2    . A   A 24 ? 0.1332 0.1524 0.1912 -0.0156 -0.0560 0.0097  2670 A   A C2    
562 N N3    . A   A 24 ? 0.1336 0.1507 0.1872 -0.0180 -0.0410 0.0172  2670 A   A N3    
563 C C4    . A   A 24 ? 0.1425 0.1414 0.2040 -0.0207 -0.0424 -0.0007 2670 A   A C4    
564 P P     . G   A 25 ? 0.2262 0.2760 0.4257 -0.1142 -0.0960 0.0218  2671 G   A P     
565 O OP1   . G   A 25 ? 0.1984 0.2673 0.5995 -0.1102 -0.0100 0.0336  2671 G   A OP1   
566 O OP2   . G   A 25 ? 0.2090 0.3088 0.4822 -0.0866 -0.0929 0.0254  2671 G   A OP2   
567 O "O5'" . G   A 25 ? 0.3342 0.3021 0.4005 -0.1540 -0.0885 0.1002  2671 G   A "O5'" 
568 C "C5'" . G   A 25 ? 0.3640 0.3515 0.2458 -0.2024 0.0055  0.0481  2671 G   A "C5'" 
569 C "C4'" . G   A 25 ? 0.3258 0.4118 0.1568 -0.2414 0.0588  -0.0730 2671 G   A "C4'" 
570 O "O4'" . G   A 25 ? 0.3662 0.4734 0.1543 -0.2918 0.0078  -0.0132 2671 G   A "O4'" 
571 C "C3'" . G   A 25 ? 0.2736 0.3942 0.1623 -0.1993 0.0400  -0.0719 2671 G   A "C3'" 
572 O "O3'" . G   A 25 ? 0.2223 0.3005 0.1863 -0.1364 0.0481  -0.0729 2671 G   A "O3'" 
573 C "C2'" . G   A 25 ? 0.2184 0.4985 0.1605 -0.1615 0.0140  -0.0507 2671 G   A "C2'" 
574 O "O2'" . G   A 25 ? 0.1867 0.5398 0.1539 -0.1313 0.0077  -0.0153 2671 G   A "O2'" 
575 C "C1'" . G   A 25 ? 0.2903 0.5052 0.1481 -0.2404 -0.0225 -0.0014 2671 G   A "C1'" 
576 N N9    . G   A 25 ? 0.2533 0.5275 0.1742 -0.2401 -0.0215 0.0071  2671 G   A N9    
577 C C8    . G   A 25 ? 0.3064 0.5228 0.1720 -0.2737 -0.0696 0.0354  2671 G   A C8    
578 N N7    . G   A 25 ? 0.2928 0.5492 0.1854 -0.2537 -0.0733 0.0136  2671 G   A N7    
579 C C5    . G   A 25 ? 0.2907 0.5489 0.2101 -0.2564 -0.0905 0.0440  2671 G   A C5    
580 C C6    . G   A 25 ? 0.2808 0.5937 0.2349 -0.1712 -0.1455 0.0754  2671 G   A C6    
581 O O6    . G   A 25 ? 0.2021 0.5571 0.2737 -0.1577 -0.0935 0.0401  2671 G   A O6    
582 N N1    . G   A 25 ? 0.1597 0.6428 0.1837 -0.1616 -0.0683 0.1362  2671 G   A N1    
583 C C2    . G   A 25 ? 0.1398 0.6413 0.2076 -0.1641 -0.0750 0.1956  2671 G   A C2    
584 N N2    . G   A 25 ? 0.1382 0.6822 0.1745 -0.1329 -0.0478 0.1561  2671 G   A N2    
585 N N3    . G   A 25 ? 0.1621 0.5970 0.2110 -0.1884 -0.0720 0.1417  2671 G   A N3    
586 C C4    . G   A 25 ? 0.2371 0.5492 0.2201 -0.2362 -0.0707 0.1017  2671 G   A C4    
587 P P     . U   A 26 ? 0.1847 0.2471 0.2643 -0.0883 0.0658  -0.0919 2672 U   A P     
588 O OP1   . U   A 26 ? 0.1943 0.2547 0.2995 -0.1162 0.0634  -0.0800 2672 U   A OP1   
589 O OP2   . U   A 26 ? 0.1845 0.2527 0.3593 -0.0656 0.0782  -0.0814 2672 U   A OP2   
590 O "O5'" . U   A 26 ? 0.1624 0.2412 0.2092 -0.0400 0.0181  -0.0660 2672 U   A "O5'" 
591 C "C5'" . U   A 26 ? 0.1818 0.2722 0.1613 -0.0062 -0.0016 -0.0533 2672 U   A "C5'" 
592 C "C4'" . U   A 26 ? 0.1447 0.3055 0.2161 0.0296  -0.0193 -0.0275 2672 U   A "C4'" 
593 O "O4'" . U   A 26 ? 0.1417 0.3457 0.1638 0.0502  -0.0187 -0.0135 2672 U   A "O4'" 
594 C "C3'" . U   A 26 ? 0.1741 0.2568 0.1869 0.0017  -0.0533 -0.0152 2672 U   A "C3'" 
595 O "O3'" . U   A 26 ? 0.2156 0.2433 0.2372 0.0749  -0.0828 -0.0593 2672 U   A "O3'" 
596 C "C2'" . U   A 26 ? 0.1658 0.3111 0.1747 0.0429  -0.0587 -0.0127 2672 U   A "C2'" 
597 O "O2'" . U   A 26 ? 0.2450 0.3509 0.1750 0.1476  -0.0203 -0.0478 2672 U   A "O2'" 
598 C "C1'" . U   A 26 ? 0.1681 0.3191 0.1593 0.0060  -0.0076 -0.0236 2672 U   A "C1'" 
599 N N1    . U   A 26 ? 0.1122 0.3379 0.1487 -0.0330 -0.0026 -0.0334 2672 U   A N1    
600 C C2    . U   A 26 ? 0.1282 0.3618 0.1532 -0.0558 -0.0169 -0.0144 2672 U   A C2    
601 O O2    . U   A 26 ? 0.1414 0.4081 0.1322 -0.0291 -0.0033 0.0059  2672 U   A O2    
602 N N3    . U   A 26 ? 0.1684 0.3276 0.1874 -0.0876 -0.0449 0.0134  2672 U   A N3    
603 C C4    . U   A 26 ? 0.1720 0.3113 0.1636 -0.0982 0.0222  -0.0193 2672 U   A C4    
604 O O4    . U   A 26 ? 0.2119 0.2938 0.2289 -0.1052 -0.0173 -0.0106 2672 U   A O4    
605 C C5    . U   A 26 ? 0.1640 0.3171 0.1806 -0.0940 0.0238  -0.0332 2672 U   A C5    
606 C C6    . U   A 26 ? 0.1225 0.3278 0.1909 -0.0830 -0.0260 -0.0445 2672 U   A C6    
607 P P     . G   A 27 ? 0.2127 0.1982 0.2812 0.0199  -0.0647 -0.0908 2673 G   A P     
608 O OP1   . G   A 27 ? 0.3033 0.2031 0.3290 -0.0107 -0.0779 -0.0729 2673 G   A OP1   
609 O OP2   . G   A 27 ? 0.1719 0.2183 0.4167 0.0272  -0.0533 -0.1171 2673 G   A OP2   
610 O "O5'" . G   A 27 ? 0.2234 0.1665 0.1894 0.0234  -0.0435 0.0046  2673 G   A "O5'" 
611 C "C5'" . G   A 27 ? 0.2512 0.1548 0.1887 0.0388  -0.0408 -0.0598 2673 G   A "C5'" 
612 C "C4'" . G   A 27 ? 0.2035 0.1392 0.2088 0.0373  -0.0591 -0.0271 2673 G   A "C4'" 
613 O "O4'" . G   A 27 ? 0.1682 0.1608 0.2032 0.0551  -0.0609 -0.0289 2673 G   A "O4'" 
614 C "C3'" . G   A 27 ? 0.1468 0.1382 0.2422 0.0253  -0.0745 -0.0381 2673 G   A "C3'" 
615 O "O3'" . G   A 27 ? 0.2391 0.1588 0.3629 0.0655  -0.1696 -0.0488 2673 G   A "O3'" 
616 C "C2'" . G   A 27 ? 0.1757 0.1661 0.2311 0.0467  -0.0883 -0.0456 2673 G   A "C2'" 
617 O "O2'" . G   A 27 ? 0.2657 0.1871 0.1771 0.0680  -0.0534 -0.0374 2673 G   A "O2'" 
618 C "C1'" . G   A 27 ? 0.1475 0.1900 0.1884 0.0715  -0.0528 -0.0545 2673 G   A "C1'" 
619 N N9    . G   A 27 ? 0.1093 0.1729 0.1915 0.0347  -0.0412 -0.0317 2673 G   A N9    
620 C C8    . G   A 27 ? 0.1372 0.1383 0.1584 0.0077  -0.0339 -0.0054 2673 G   A C8    
621 N N7    . G   A 27 ? 0.1191 0.1449 0.1778 0.0029  -0.0337 -0.0134 2673 G   A N7    
622 C C5    . G   A 27 ? 0.1017 0.1523 0.1624 -0.0092 -0.0167 -0.0155 2673 G   A C5    
623 C C6    . G   A 27 ? 0.1389 0.1565 0.1723 -0.0043 -0.0373 -0.0080 2673 G   A C6    
624 O O6    . G   A 27 ? 0.1609 0.1506 0.1849 -0.0065 -0.0215 -0.0099 2673 G   A O6    
625 N N1    . G   A 27 ? 0.1347 0.1453 0.1746 -0.0105 -0.0329 -0.0127 2673 G   A N1    
626 C C2    . G   A 27 ? 0.1149 0.1693 0.2121 0.0013  -0.0537 0.0169  2673 G   A C2    
627 N N2    . G   A 27 ? 0.1356 0.1970 0.1863 0.0171  -0.0304 0.0187  2673 G   A N2    
628 N N3    . G   A 27 ? 0.1231 0.2000 0.1434 0.0189  -0.0214 0.0238  2673 G   A N3    
629 C C4    . G   A 27 ? 0.1125 0.1770 0.2189 0.0316  -0.0613 -0.0366 2673 G   A C4    
630 C C1    . GOL B .  ? 0.2837 0.2222 0.2091 -0.0026 -0.0012 0.0287  1    GOL A C1    
631 O O1    . GOL B .  ? 0.2510 0.2382 0.2098 -0.0005 -0.0030 0.0295  1    GOL A O1    
632 C C2    . GOL B .  ? 0.2377 0.1914 0.2028 0.0019  -0.0206 0.0420  1    GOL A C2    
633 O O2    . GOL B .  ? 0.1655 0.1506 0.2136 -0.0261 -0.0011 -0.0154 1    GOL A O2    
634 C C3    . GOL B .  ? 0.1904 0.2281 0.2284 0.0237  -0.0206 0.0294  1    GOL A C3    
635 O O3    . GOL B .  ? 0.1680 0.2275 0.3013 -0.0421 -0.0268 0.0281  1    GOL A O3    
# 
loop_
_pdbx_poly_seq_scheme.asym_id 
_pdbx_poly_seq_scheme.entity_id 
_pdbx_poly_seq_scheme.seq_id 
_pdbx_poly_seq_scheme.mon_id 
_pdbx_poly_seq_scheme.ndb_seq_num 
_pdbx_poly_seq_scheme.pdb_seq_num 
_pdbx_poly_seq_scheme.auth_seq_num 
_pdbx_poly_seq_scheme.pdb_mon_id 
_pdbx_poly_seq_scheme.auth_mon_id 
_pdbx_poly_seq_scheme.pdb_strand_id 
_pdbx_poly_seq_scheme.pdb_ins_code 
_pdbx_poly_seq_scheme.hetero 
A 1 1  U 1  2647 2647 U U A . n 
A 1 2  G 2  2648 2648 G G A . n 
A 1 3  C 3  2649 2649 C C A . n 
A 1 4  U 4  2650 2650 U U A . n 
A 1 5  C 5  2651 2651 C C A . n 
A 1 6  C 6  2652 2652 C C A . n 
A 1 7  U 7  2653 2653 U U A . n 
A 1 8  A 8  2654 2654 A A A . n 
A 1 9  G 9  2655 2655 G G A . n 
A 1 10 U 10 2656 2656 U U A . n 
A 1 11 A 11 2657 2657 A A A . n 
A 1 12 C 12 2658 2658 C C A . n 
A 1 13 G 13 2659 2659 G G A . n 
A 1 14 A 14 2660 2660 A A A . n 
A 1 15 G 15 2661 2661 G G A . n 
A 1 16 A 16 2662 2662 A A A . n 
A 1 17 G 17 2663 2663 G G A . n 
A 1 18 G 18 2664 2664 G G A . n 
A 1 19 A 19 2665 2665 A A A . n 
A 1 20 C 20 2666 2666 C C A . n 
A 1 21 C 21 2667 2667 C C A . n 
A 1 22 G 22 2668 2668 G G A . n 
A 1 23 G 23 2669 2669 G G A . n 
A 1 24 A 24 2670 2670 A A A . n 
A 1 25 G 25 2671 2671 G G A . n 
A 1 26 U 26 2672 2672 U U A . n 
A 1 27 G 27 2673 2673 G G A . n 
# 
loop_
_pdbx_nonpoly_scheme.asym_id 
_pdbx_nonpoly_scheme.entity_id 
_pdbx_nonpoly_scheme.mon_id 
_pdbx_nonpoly_scheme.ndb_seq_num 
_pdbx_nonpoly_scheme.pdb_seq_num 
_pdbx_nonpoly_scheme.auth_seq_num 
_pdbx_nonpoly_scheme.pdb_mon_id 
_pdbx_nonpoly_scheme.auth_mon_id 
_pdbx_nonpoly_scheme.pdb_strand_id 
_pdbx_nonpoly_scheme.pdb_ins_code 
B 2 GOL 1   1    1   GOL GOL A . 
C 3 HOH 1   2674 1   HOH HOH A . 
C 3 HOH 2   2675 2   HOH HOH A . 
C 3 HOH 3   2676 3   HOH HOH A . 
C 3 HOH 4   2677 4   HOH HOH A . 
C 3 HOH 5   2678 5   HOH HOH A . 
C 3 HOH 6   2679 6   HOH HOH A . 
C 3 HOH 7   2680 7   HOH HOH A . 
C 3 HOH 8   2681 8   HOH HOH A . 
C 3 HOH 9   2682 9   HOH HOH A . 
C 3 HOH 10  2683 10  HOH HOH A . 
C 3 HOH 11  2684 11  HOH HOH A . 
C 3 HOH 12  2685 12  HOH HOH A . 
C 3 HOH 13  2686 13  HOH HOH A . 
C 3 HOH 14  2687 14  HOH HOH A . 
C 3 HOH 15  2688 15  HOH HOH A . 
C 3 HOH 16  2689 16  HOH HOH A . 
C 3 HOH 17  2690 17  HOH HOH A . 
C 3 HOH 18  2691 18  HOH HOH A . 
C 3 HOH 19  2692 19  HOH HOH A . 
C 3 HOH 20  2693 20  HOH HOH A . 
C 3 HOH 21  2694 21  HOH HOH A . 
C 3 HOH 22  2695 22  HOH HOH A . 
C 3 HOH 23  2696 23  HOH HOH A . 
C 3 HOH 24  2697 24  HOH HOH A . 
C 3 HOH 25  2698 25  HOH HOH A . 
C 3 HOH 26  2699 26  HOH HOH A . 
C 3 HOH 27  2700 27  HOH HOH A . 
C 3 HOH 28  2701 28  HOH HOH A . 
C 3 HOH 29  2702 29  HOH HOH A . 
C 3 HOH 30  2703 30  HOH HOH A . 
C 3 HOH 31  2704 31  HOH HOH A . 
C 3 HOH 32  2705 32  HOH HOH A . 
C 3 HOH 33  2706 33  HOH HOH A . 
C 3 HOH 34  2707 34  HOH HOH A . 
C 3 HOH 35  2708 35  HOH HOH A . 
C 3 HOH 36  2709 36  HOH HOH A . 
C 3 HOH 37  2710 37  HOH HOH A . 
C 3 HOH 38  2711 38  HOH HOH A . 
C 3 HOH 39  2712 39  HOH HOH A . 
C 3 HOH 40  2713 40  HOH HOH A . 
C 3 HOH 41  2714 41  HOH HOH A . 
C 3 HOH 42  2715 42  HOH HOH A . 
C 3 HOH 43  2716 43  HOH HOH A . 
C 3 HOH 44  2717 44  HOH HOH A . 
C 3 HOH 45  2718 45  HOH HOH A . 
C 3 HOH 46  2719 46  HOH HOH A . 
C 3 HOH 47  2720 47  HOH HOH A . 
C 3 HOH 48  2721 48  HOH HOH A . 
C 3 HOH 49  2722 49  HOH HOH A . 
C 3 HOH 50  2723 50  HOH HOH A . 
C 3 HOH 51  2724 51  HOH HOH A . 
C 3 HOH 52  2725 52  HOH HOH A . 
C 3 HOH 53  2726 53  HOH HOH A . 
C 3 HOH 54  2727 54  HOH HOH A . 
C 3 HOH 55  2728 55  HOH HOH A . 
C 3 HOH 56  2729 56  HOH HOH A . 
C 3 HOH 57  2730 57  HOH HOH A . 
C 3 HOH 58  2731 58  HOH HOH A . 
C 3 HOH 59  2732 59  HOH HOH A . 
C 3 HOH 60  2733 60  HOH HOH A . 
C 3 HOH 61  2734 61  HOH HOH A . 
C 3 HOH 62  2735 62  HOH HOH A . 
C 3 HOH 63  2736 63  HOH HOH A . 
C 3 HOH 64  2737 64  HOH HOH A . 
C 3 HOH 65  2738 65  HOH HOH A . 
C 3 HOH 66  2739 66  HOH HOH A . 
C 3 HOH 67  2740 67  HOH HOH A . 
C 3 HOH 68  2741 68  HOH HOH A . 
C 3 HOH 69  2742 69  HOH HOH A . 
C 3 HOH 70  2743 70  HOH HOH A . 
C 3 HOH 71  2744 71  HOH HOH A . 
C 3 HOH 72  2745 72  HOH HOH A . 
C 3 HOH 73  2746 73  HOH HOH A . 
C 3 HOH 74  2747 74  HOH HOH A . 
C 3 HOH 75  2748 75  HOH HOH A . 
C 3 HOH 76  2749 76  HOH HOH A . 
C 3 HOH 77  2750 77  HOH HOH A . 
C 3 HOH 78  2751 78  HOH HOH A . 
C 3 HOH 79  2752 79  HOH HOH A . 
C 3 HOH 80  2753 80  HOH HOH A . 
C 3 HOH 81  2754 81  HOH HOH A . 
C 3 HOH 82  2755 82  HOH HOH A . 
C 3 HOH 83  2756 83  HOH HOH A . 
C 3 HOH 84  2757 84  HOH HOH A . 
C 3 HOH 85  2758 85  HOH HOH A . 
C 3 HOH 86  2759 86  HOH HOH A . 
C 3 HOH 87  2760 87  HOH HOH A . 
C 3 HOH 88  2761 88  HOH HOH A . 
C 3 HOH 89  2762 89  HOH HOH A . 
C 3 HOH 90  2763 90  HOH HOH A . 
C 3 HOH 91  2764 91  HOH HOH A . 
C 3 HOH 92  2765 92  HOH HOH A . 
C 3 HOH 93  2766 93  HOH HOH A . 
C 3 HOH 94  2767 94  HOH HOH A . 
C 3 HOH 95  2768 95  HOH HOH A . 
C 3 HOH 96  2769 96  HOH HOH A . 
C 3 HOH 97  2770 97  HOH HOH A . 
C 3 HOH 98  2771 98  HOH HOH A . 
C 3 HOH 99  2772 99  HOH HOH A . 
C 3 HOH 100 2773 100 HOH HOH A . 
C 3 HOH 101 2774 101 HOH HOH A . 
C 3 HOH 102 2775 102 HOH HOH A . 
C 3 HOH 103 2776 103 HOH HOH A . 
C 3 HOH 104 2777 104 HOH HOH A . 
C 3 HOH 105 2778 105 HOH HOH A . 
C 3 HOH 106 2779 106 HOH HOH A . 
C 3 HOH 107 2780 107 HOH HOH A . 
C 3 HOH 108 2781 108 HOH HOH A . 
C 3 HOH 109 2782 109 HOH HOH A . 
C 3 HOH 110 2783 110 HOH HOH A . 
C 3 HOH 111 2784 111 HOH HOH A . 
C 3 HOH 112 2785 112 HOH HOH A . 
C 3 HOH 113 2786 113 HOH HOH A . 
C 3 HOH 114 2787 114 HOH HOH A . 
C 3 HOH 115 2788 115 HOH HOH A . 
C 3 HOH 116 2789 116 HOH HOH A . 
C 3 HOH 117 2790 117 HOH HOH A . 
C 3 HOH 118 2791 118 HOH HOH A . 
C 3 HOH 119 2792 119 HOH HOH A . 
C 3 HOH 120 2793 120 HOH HOH A . 
C 3 HOH 121 2794 121 HOH HOH A . 
C 3 HOH 122 2795 122 HOH HOH A . 
C 3 HOH 123 2796 123 HOH HOH A . 
C 3 HOH 124 2797 124 HOH HOH A . 
C 3 HOH 125 2798 125 HOH HOH A . 
C 3 HOH 126 2799 126 HOH HOH A . 
C 3 HOH 127 2800 127 HOH HOH A . 
C 3 HOH 128 2801 128 HOH HOH A . 
C 3 HOH 129 2802 129 HOH HOH A . 
C 3 HOH 130 2803 130 HOH HOH A . 
C 3 HOH 131 2804 131 HOH HOH A . 
C 3 HOH 132 2805 132 HOH HOH A . 
C 3 HOH 133 2806 133 HOH HOH A . 
C 3 HOH 134 2807 134 HOH HOH A . 
C 3 HOH 135 2808 135 HOH HOH A . 
C 3 HOH 136 2809 136 HOH HOH A . 
C 3 HOH 137 2810 137 HOH HOH A . 
C 3 HOH 138 2811 138 HOH HOH A . 
C 3 HOH 139 2812 139 HOH HOH A . 
C 3 HOH 140 2813 140 HOH HOH A . 
C 3 HOH 141 2814 141 HOH HOH A . 
C 3 HOH 142 2815 142 HOH HOH A . 
C 3 HOH 143 2816 143 HOH HOH A . 
C 3 HOH 144 2817 144 HOH HOH A . 
C 3 HOH 145 2818 145 HOH HOH A . 
C 3 HOH 146 2819 146 HOH HOH A . 
C 3 HOH 147 2820 147 HOH HOH A . 
C 3 HOH 148 2821 149 HOH HOH A . 
# 
_pdbx_struct_assembly.id                   1 
_pdbx_struct_assembly.details              author_and_software_defined_assembly 
_pdbx_struct_assembly.method_details       PISA 
_pdbx_struct_assembly.oligomeric_details   monomeric 
_pdbx_struct_assembly.oligomeric_count     1 
# 
_pdbx_struct_assembly_gen.assembly_id       1 
_pdbx_struct_assembly_gen.oper_expression   1 
_pdbx_struct_assembly_gen.asym_id_list      A,B,C 
# 
_pdbx_struct_oper_list.id                   1 
_pdbx_struct_oper_list.type                 'identity operation' 
_pdbx_struct_oper_list.name                 1_555 
_pdbx_struct_oper_list.symmetry_operation   x,y,z 
_pdbx_struct_oper_list.matrix[1][1]         1.0000000000 
_pdbx_struct_oper_list.matrix[1][2]         0.0000000000 
_pdbx_struct_oper_list.matrix[1][3]         0.0000000000 
_pdbx_struct_oper_list.vector[1]            0.0000000000 
_pdbx_struct_oper_list.matrix[2][1]         0.0000000000 
_pdbx_struct_oper_list.matrix[2][2]         1.0000000000 
_pdbx_struct_oper_list.matrix[2][3]         0.0000000000 
_pdbx_struct_oper_list.vector[2]            0.0000000000 
_pdbx_struct_oper_list.matrix[3][1]         0.0000000000 
_pdbx_struct_oper_list.matrix[3][2]         0.0000000000 
_pdbx_struct_oper_list.matrix[3][3]         1.0000000000 
_pdbx_struct_oper_list.vector[3]            0.0000000000 
# 
loop_
_pdbx_audit_revision_history.ordinal 
_pdbx_audit_revision_history.data_content_type 
_pdbx_audit_revision_history.major_revision 
_pdbx_audit_revision_history.minor_revision 
_pdbx_audit_revision_history.revision_date 
1 'Structure model' 1 0 2009-03-24 
2 'Structure model' 1 1 2011-07-13 
3 'Structure model' 1 2 2017-10-25 
4 'Structure model' 1 3 2023-08-30 
# 
_pdbx_audit_revision_details.ordinal             1 
_pdbx_audit_revision_details.revision_ordinal    1 
_pdbx_audit_revision_details.data_content_type   'Structure model' 
_pdbx_audit_revision_details.provider            repository 
_pdbx_audit_revision_details.type                'Initial release' 
_pdbx_audit_revision_details.description         ? 
_pdbx_audit_revision_details.details             ? 
# 
loop_
_pdbx_audit_revision_group.ordinal 
_pdbx_audit_revision_group.revision_ordinal 
_pdbx_audit_revision_group.data_content_type 
_pdbx_audit_revision_group.group 
1 2 'Structure model' 'Non-polymer description'   
2 2 'Structure model' 'Version format compliance' 
3 3 'Structure model' 'Refinement description'    
4 4 'Structure model' 'Data collection'           
5 4 'Structure model' 'Database references'       
6 4 'Structure model' 'Derived calculations'      
7 4 'Structure model' 'Refinement description'    
# 
loop_
_pdbx_audit_revision_category.ordinal 
_pdbx_audit_revision_category.revision_ordinal 
_pdbx_audit_revision_category.data_content_type 
_pdbx_audit_revision_category.category 
1 3 'Structure model' software                      
2 4 'Structure model' chem_comp_atom                
3 4 'Structure model' chem_comp_bond                
4 4 'Structure model' database_2                    
5 4 'Structure model' pdbx_initial_refinement_model 
6 4 'Structure model' struct_site                   
# 
loop_
_pdbx_audit_revision_item.ordinal 
_pdbx_audit_revision_item.revision_ordinal 
_pdbx_audit_revision_item.data_content_type 
_pdbx_audit_revision_item.item 
1 4 'Structure model' '_database_2.pdbx_DOI'                
2 4 'Structure model' '_database_2.pdbx_database_accession' 
3 4 'Structure model' '_struct_site.pdbx_auth_asym_id'      
4 4 'Structure model' '_struct_site.pdbx_auth_comp_id'      
5 4 'Structure model' '_struct_site.pdbx_auth_seq_id'       
# 
loop_
_software.name 
_software.version 
_software.date 
_software.type 
_software.contact_author 
_software.contact_author_email 
_software.classification 
_software.location 
_software.language 
_software.citation_id 
_software.pdbx_ordinal 
XSCALE      .     ?               package 'Wolfgang Kabsch' ?                     'data scaling'    
http://www.mpimf-heidelberg.mpg.de/~kabsch/xds/html_doc/xscale_program.html ?   ? 1 
PHENIX      .     ?               package 'Paul D. Adams'   PDAdams@lbl.gov       refinement        http://www.phenix-online.org/ 
C++ ? 2 
PDB_EXTRACT 3.006 'June 11, 2008' package PDB               help@deposit.rcsb.org 'data extraction' 
http://sw-tools.pdb.org/apps/PDB_EXTRACT/                                   C++ ? 3 
RemDAq      .     ?               ?       ?                 ?                     'data collection' ? ?   ? 4 
XDS         .     ?               ?       ?                 ?                     'data reduction'  ? ?   ? 5 
MOLREP      .     ?               ?       ?                 ?                     phasing           ? ?   ? 6 
# 
loop_
_chem_comp_atom.comp_id 
_chem_comp_atom.atom_id 
_chem_comp_atom.type_symbol 
_chem_comp_atom.pdbx_aromatic_flag 
_chem_comp_atom.pdbx_stereo_config 
_chem_comp_atom.pdbx_ordinal 
A   OP3    O N N 1   
A   P      P N N 2   
A   OP1    O N N 3   
A   OP2    O N N 4   
A   "O5'"  O N N 5   
A   "C5'"  C N N 6   
A   "C4'"  C N R 7   
A   "O4'"  O N N 8   
A   "C3'"  C N S 9   
A   "O3'"  O N N 10  
A   "C2'"  C N R 11  
A   "O2'"  O N N 12  
A   "C1'"  C N R 13  
A   N9     N Y N 14  
A   C8     C Y N 15  
A   N7     N Y N 16  
A   C5     C Y N 17  
A   C6     C Y N 18  
A   N6     N N N 19  
A   N1     N Y N 20  
A   C2     C Y N 21  
A   N3     N Y N 22  
A   C4     C Y N 23  
A   HOP3   H N N 24  
A   HOP2   H N N 25  
A   "H5'"  H N N 26  
A   "H5''" H N N 27  
A   "H4'"  H N N 28  
A   "H3'"  H N N 29  
A   "HO3'" H N N 30  
A   "H2'"  H N N 31  
A   "HO2'" H N N 32  
A   "H1'"  H N N 33  
A   H8     H N N 34  
A   H61    H N N 35  
A   H62    H N N 36  
A   H2     H N N 37  
C   OP3    O N N 38  
C   P      P N N 39  
C   OP1    O N N 40  
C   OP2    O N N 41  
C   "O5'"  O N N 42  
C   "C5'"  C N N 43  
C   "C4'"  C N R 44  
C   "O4'"  O N N 45  
C   "C3'"  C N S 46  
C   "O3'"  O N N 47  
C   "C2'"  C N R 48  
C   "O2'"  O N N 49  
C   "C1'"  C N R 50  
C   N1     N N N 51  
C   C2     C N N 52  
C   O2     O N N 53  
C   N3     N N N 54  
C   C4     C N N 55  
C   N4     N N N 56  
C   C5     C N N 57  
C   C6     C N N 58  
C   HOP3   H N N 59  
C   HOP2   H N N 60  
C   "H5'"  H N N 61  
C   "H5''" H N N 62  
C   "H4'"  H N N 63  
C   "H3'"  H N N 64  
C   "HO3'" H N N 65  
C   "H2'"  H N N 66  
C   "HO2'" H N N 67  
C   "H1'"  H N N 68  
C   H41    H N N 69  
C   H42    H N N 70  
C   H5     H N N 71  
C   H6     H N N 72  
G   OP3    O N N 73  
G   P      P N N 74  
G   OP1    O N N 75  
G   OP2    O N N 76  
G   "O5'"  O N N 77  
G   "C5'"  C N N 78  
G   "C4'"  C N R 79  
G   "O4'"  O N N 80  
G   "C3'"  C N S 81  
G   "O3'"  O N N 82  
G   "C2'"  C N R 83  
G   "O2'"  O N N 84  
G   "C1'"  C N R 85  
G   N9     N Y N 86  
G   C8     C Y N 87  
G   N7     N Y N 88  
G   C5     C Y N 89  
G   C6     C N N 90  
G   O6     O N N 91  
G   N1     N N N 92  
G   C2     C N N 93  
G   N2     N N N 94  
G   N3     N N N 95  
G   C4     C Y N 96  
G   HOP3   H N N 97  
G   HOP2   H N N 98  
G   "H5'"  H N N 99  
G   "H5''" H N N 100 
G   "H4'"  H N N 101 
G   "H3'"  H N N 102 
G   "HO3'" H N N 103 
G   "H2'"  H N N 104 
G   "HO2'" H N N 105 
G   "H1'"  H N N 106 
G   H8     H N N 107 
G   H1     H N N 108 
G   H21    H N N 109 
G   H22    H N N 110 
GOL C1     C N N 111 
GOL O1     O N N 112 
GOL C2     C N N 113 
GOL O2     O N N 114 
GOL C3     C N N 115 
GOL O3     O N N 116 
GOL H11    H N N 117 
GOL H12    H N N 118 
GOL HO1    H N N 119 
GOL H2     H N N 120 
GOL HO2    H N N 121 
GOL H31    H N N 122 
GOL H32    H N N 123 
GOL HO3    H N N 124 
HOH O      O N N 125 
HOH H1     H N N 126 
HOH H2     H N N 127 
U   OP3    O N N 128 
U   P      P N N 129 
U   OP1    O N N 130 
U   OP2    O N N 131 
U   "O5'"  O N N 132 
U   "C5'"  C N N 133 
U   "C4'"  C N R 134 
U   "O4'"  O N N 135 
U   "C3'"  C N S 136 
U   "O3'"  O N N 137 
U   "C2'"  C N R 138 
U   "O2'"  O N N 139 
U   "C1'"  C N R 140 
U   N1     N N N 141 
U   C2     C N N 142 
U   O2     O N N 143 
U   N3     N N N 144 
U   C4     C N N 145 
U   O4     O N N 146 
U   C5     C N N 147 
U   C6     C N N 148 
U   HOP3   H N N 149 
U   HOP2   H N N 150 
U   "H5'"  H N N 151 
U   "H5''" H N N 152 
U   "H4'"  H N N 153 
U   "H3'"  H N N 154 
U   "HO3'" H N N 155 
U   "H2'"  H N N 156 
U   "HO2'" H N N 157 
U   "H1'"  H N N 158 
U   H3     H N N 159 
U   H5     H N N 160 
U   H6     H N N 161 
# 
loop_
_chem_comp_bond.comp_id 
_chem_comp_bond.atom_id_1 
_chem_comp_bond.atom_id_2 
_chem_comp_bond.value_order 
_chem_comp_bond.pdbx_aromatic_flag 
_chem_comp_bond.pdbx_stereo_config 
_chem_comp_bond.pdbx_ordinal 
A   OP3   P      sing N N 1   
A   OP3   HOP3   sing N N 2   
A   P     OP1    doub N N 3   
A   P     OP2    sing N N 4   
A   P     "O5'"  sing N N 5   
A   OP2   HOP2   sing N N 6   
A   "O5'" "C5'"  sing N N 7   
A   "C5'" "C4'"  sing N N 8   
A   "C5'" "H5'"  sing N N 9   
A   "C5'" "H5''" sing N N 10  
A   "C4'" "O4'"  sing N N 11  
A   "C4'" "C3'"  sing N N 12  
A   "C4'" "H4'"  sing N N 13  
A   "O4'" "C1'"  sing N N 14  
A   "C3'" "O3'"  sing N N 15  
A   "C3'" "C2'"  sing N N 16  
A   "C3'" "H3'"  sing N N 17  
A   "O3'" "HO3'" sing N N 18  
A   "C2'" "O2'"  sing N N 19  
A   "C2'" "C1'"  sing N N 20  
A   "C2'" "H2'"  sing N N 21  
A   "O2'" "HO2'" sing N N 22  
A   "C1'" N9     sing N N 23  
A   "C1'" "H1'"  sing N N 24  
A   N9    C8     sing Y N 25  
A   N9    C4     sing Y N 26  
A   C8    N7     doub Y N 27  
A   C8    H8     sing N N 28  
A   N7    C5     sing Y N 29  
A   C5    C6     sing Y N 30  
A   C5    C4     doub Y N 31  
A   C6    N6     sing N N 32  
A   C6    N1     doub Y N 33  
A   N6    H61    sing N N 34  
A   N6    H62    sing N N 35  
A   N1    C2     sing Y N 36  
A   C2    N3     doub Y N 37  
A   C2    H2     sing N N 38  
A   N3    C4     sing Y N 39  
C   OP3   P      sing N N 40  
C   OP3   HOP3   sing N N 41  
C   P     OP1    doub N N 42  
C   P     OP2    sing N N 43  
C   P     "O5'"  sing N N 44  
C   OP2   HOP2   sing N N 45  
C   "O5'" "C5'"  sing N N 46  
C   "C5'" "C4'"  sing N N 47  
C   "C5'" "H5'"  sing N N 48  
C   "C5'" "H5''" sing N N 49  
C   "C4'" "O4'"  sing N N 50  
C   "C4'" "C3'"  sing N N 51  
C   "C4'" "H4'"  sing N N 52  
C   "O4'" "C1'"  sing N N 53  
C   "C3'" "O3'"  sing N N 54  
C   "C3'" "C2'"  sing N N 55  
C   "C3'" "H3'"  sing N N 56  
C   "O3'" "HO3'" sing N N 57  
C   "C2'" "O2'"  sing N N 58  
C   "C2'" "C1'"  sing N N 59  
C   "C2'" "H2'"  sing N N 60  
C   "O2'" "HO2'" sing N N 61  
C   "C1'" N1     sing N N 62  
C   "C1'" "H1'"  sing N N 63  
C   N1    C2     sing N N 64  
C   N1    C6     sing N N 65  
C   C2    O2     doub N N 66  
C   C2    N3     sing N N 67  
C   N3    C4     doub N N 68  
C   C4    N4     sing N N 69  
C   C4    C5     sing N N 70  
C   N4    H41    sing N N 71  
C   N4    H42    sing N N 72  
C   C5    C6     doub N N 73  
C   C5    H5     sing N N 74  
C   C6    H6     sing N N 75  
G   OP3   P      sing N N 76  
G   OP3   HOP3   sing N N 77  
G   P     OP1    doub N N 78  
G   P     OP2    sing N N 79  
G   P     "O5'"  sing N N 80  
G   OP2   HOP2   sing N N 81  
G   "O5'" "C5'"  sing N N 82  
G   "C5'" "C4'"  sing N N 83  
G   "C5'" "H5'"  sing N N 84  
G   "C5'" "H5''" sing N N 85  
G   "C4'" "O4'"  sing N N 86  
G   "C4'" "C3'"  sing N N 87  
G   "C4'" "H4'"  sing N N 88  
G   "O4'" "C1'"  sing N N 89  
G   "C3'" "O3'"  sing N N 90  
G   "C3'" "C2'"  sing N N 91  
G   "C3'" "H3'"  sing N N 92  
G   "O3'" "HO3'" sing N N 93  
G   "C2'" "O2'"  sing N N 94  
G   "C2'" "C1'"  sing N N 95  
G   "C2'" "H2'"  sing N N 96  
G   "O2'" "HO2'" sing N N 97  
G   "C1'" N9     sing N N 98  
G   "C1'" "H1'"  sing N N 99  
G   N9    C8     sing Y N 100 
G   N9    C4     sing Y N 101 
G   C8    N7     doub Y N 102 
G   C8    H8     sing N N 103 
G   N7    C5     sing Y N 104 
G   C5    C6     sing N N 105 
G   C5    C4     doub Y N 106 
G   C6    O6     doub N N 107 
G   C6    N1     sing N N 108 
G   N1    C2     sing N N 109 
G   N1    H1     sing N N 110 
G   C2    N2     sing N N 111 
G   C2    N3     doub N N 112 
G   N2    H21    sing N N 113 
G   N2    H22    sing N N 114 
G   N3    C4     sing N N 115 
GOL C1    O1     sing N N 116 
GOL C1    C2     sing N N 117 
GOL C1    H11    sing N N 118 
GOL C1    H12    sing N N 119 
GOL O1    HO1    sing N N 120 
GOL C2    O2     sing N N 121 
GOL C2    C3     sing N N 122 
GOL C2    H2     sing N N 123 
GOL O2    HO2    sing N N 124 
GOL C3    O3     sing N N 125 
GOL C3    H31    sing N N 126 
GOL C3    H32    sing N N 127 
GOL O3    HO3    sing N N 128 
HOH O     H1     sing N N 129 
HOH O     H2     sing N N 130 
U   OP3   P      sing N N 131 
U   OP3   HOP3   sing N N 132 
U   P     OP1    doub N N 133 
U   P     OP2    sing N N 134 
U   P     "O5'"  sing N N 135 
U   OP2   HOP2   sing N N 136 
U   "O5'" "C5'"  sing N N 137 
U   "C5'" "C4'"  sing N N 138 
U   "C5'" "H5'"  sing N N 139 
U   "C5'" "H5''" sing N N 140 
U   "C4'" "O4'"  sing N N 141 
U   "C4'" "C3'"  sing N N 142 
U   "C4'" "H4'"  sing N N 143 
U   "O4'" "C1'"  sing N N 144 
U   "C3'" "O3'"  sing N N 145 
U   "C3'" "C2'"  sing N N 146 
U   "C3'" "H3'"  sing N N 147 
U   "O3'" "HO3'" sing N N 148 
U   "C2'" "O2'"  sing N N 149 
U   "C2'" "C1'"  sing N N 150 
U   "C2'" "H2'"  sing N N 151 
U   "O2'" "HO2'" sing N N 152 
U   "C1'" N1     sing N N 153 
U   "C1'" "H1'"  sing N N 154 
U   N1    C2     sing N N 155 
U   N1    C6     sing N N 156 
U   C2    O2     doub N N 157 
U   C2    N3     sing N N 158 
U   N3    C4     sing N N 159 
U   N3    H3     sing N N 160 
U   C4    O4     doub N N 161 
U   C4    C5     sing N N 162 
U   C5    C6     doub N N 163 
U   C5    H5     sing N N 164 
U   C6    H6     sing N N 165 
# 
loop_
_ndb_struct_conf_na.entry_id 
_ndb_struct_conf_na.feature 
3DVZ 'double helix'         
3DVZ 'a-form double helix'  
3DVZ 'mismatched base pair' 
3DVZ 'triple helix'         
# 
loop_
_ndb_struct_na_base_pair.model_number 
_ndb_struct_na_base_pair.i_label_asym_id 
_ndb_struct_na_base_pair.i_label_comp_id 
_ndb_struct_na_base_pair.i_label_seq_id 
_ndb_struct_na_base_pair.i_symmetry 
_ndb_struct_na_base_pair.j_label_asym_id 
_ndb_struct_na_base_pair.j_label_comp_id 
_ndb_struct_na_base_pair.j_label_seq_id 
_ndb_struct_na_base_pair.j_symmetry 
_ndb_struct_na_base_pair.shear 
_ndb_struct_na_base_pair.stretch 
_ndb_struct_na_base_pair.stagger 
_ndb_struct_na_base_pair.buckle 
_ndb_struct_na_base_pair.propeller 
_ndb_struct_na_base_pair.opening 
_ndb_struct_na_base_pair.pair_number 
_ndb_struct_na_base_pair.pair_name 
_ndb_struct_na_base_pair.i_auth_asym_id 
_ndb_struct_na_base_pair.i_auth_seq_id 
_ndb_struct_na_base_pair.i_PDB_ins_code 
_ndb_struct_na_base_pair.j_auth_asym_id 
_ndb_struct_na_base_pair.j_auth_seq_id 
_ndb_struct_na_base_pair.j_PDB_ins_code 
_ndb_struct_na_base_pair.hbond_type_28 
_ndb_struct_na_base_pair.hbond_type_12 
1 A G 2  1_555 A U 26 1_555 -2.539 -0.741 0.396  -0.331 -16.089 1.867    1  A_G2648:U2672_A A 2648 ? A 2672 ? 28 1  
1 A C 3  1_555 A G 25 1_555 -0.847 0.190  0.609  -3.394 -14.989 4.304    2  A_C2649:G2671_A A 2649 ? A 2671 ? 19 1  
1 A U 4  1_555 A A 24 1_555 -0.152 -0.069 0.169  5.596  -11.883 -1.341   3  A_U2650:A2670_A A 2650 ? A 2670 ? 20 1  
1 A C 5  1_555 A G 23 1_555 0.292  -0.144 0.069  5.485  -17.659 2.875    4  A_C2651:G2669_A A 2651 ? A 2669 ? 19 1  
1 A C 6  1_555 A G 22 1_555 0.310  -0.166 0.072  -4.211 -11.371 -1.691   5  A_C2652:G2668_A A 2652 ? A 2668 ? 19 1  
1 A U 7  1_555 A C 21 1_555 5.809  -2.191 -0.214 -4.178 -12.425 -12.987  6  A_U2653:C2667_A A 2653 ? A 2667 ? ?  ?  
1 A U 10 1_555 A A 19 1_555 4.083  -1.814 -0.781 5.987  -19.715 -103.291 7  A_U2656:A2665_A A 2656 ? A 2665 ? 24 4  
1 A A 11 1_555 A G 18 1_555 -6.821 -4.283 -0.134 -2.147 4.457   -2.569   8  A_A2657:G2664_A A 2657 ? A 2664 ? 11 10 
1 A C 12 1_555 A G 17 1_555 0.172  -0.121 -0.242 7.151  -1.469  1.116    9  A_C2658:G2663_A A 2658 ? A 2663 ? 19 1  
1 A G 13 1_555 A A 16 1_555 7.186  -5.292 0.753  18.883 -2.919  -18.486  10 A_G2659:A2662_A A 2659 ? A 2662 ? ?  ?  
# 
loop_
_ndb_struct_na_base_pair_step.model_number 
_ndb_struct_na_base_pair_step.i_label_asym_id_1 
_ndb_struct_na_base_pair_step.i_label_comp_id_1 
_ndb_struct_na_base_pair_step.i_label_seq_id_1 
_ndb_struct_na_base_pair_step.i_symmetry_1 
_ndb_struct_na_base_pair_step.j_label_asym_id_1 
_ndb_struct_na_base_pair_step.j_label_comp_id_1 
_ndb_struct_na_base_pair_step.j_label_seq_id_1 
_ndb_struct_na_base_pair_step.j_symmetry_1 
_ndb_struct_na_base_pair_step.i_label_asym_id_2 
_ndb_struct_na_base_pair_step.i_label_comp_id_2 
_ndb_struct_na_base_pair_step.i_label_seq_id_2 
_ndb_struct_na_base_pair_step.i_symmetry_2 
_ndb_struct_na_base_pair_step.j_label_asym_id_2 
_ndb_struct_na_base_pair_step.j_label_comp_id_2 
_ndb_struct_na_base_pair_step.j_label_seq_id_2 
_ndb_struct_na_base_pair_step.j_symmetry_2 
_ndb_struct_na_base_pair_step.shift 
_ndb_struct_na_base_pair_step.slide 
_ndb_struct_na_base_pair_step.rise 
_ndb_struct_na_base_pair_step.tilt 
_ndb_struct_na_base_pair_step.roll 
_ndb_struct_na_base_pair_step.twist 
_ndb_struct_na_base_pair_step.x_displacement 
_ndb_struct_na_base_pair_step.y_displacement 
_ndb_struct_na_base_pair_step.helical_rise 
_ndb_struct_na_base_pair_step.inclination 
_ndb_struct_na_base_pair_step.tip 
_ndb_struct_na_base_pair_step.helical_twist 
_ndb_struct_na_base_pair_step.step_number 
_ndb_struct_na_base_pair_step.step_name 
_ndb_struct_na_base_pair_step.i_auth_asym_id_1 
_ndb_struct_na_base_pair_step.i_auth_seq_id_1 
_ndb_struct_na_base_pair_step.i_PDB_ins_code_1 
_ndb_struct_na_base_pair_step.j_auth_asym_id_1 
_ndb_struct_na_base_pair_step.j_auth_seq_id_1 
_ndb_struct_na_base_pair_step.j_PDB_ins_code_1 
_ndb_struct_na_base_pair_step.i_auth_asym_id_2 
_ndb_struct_na_base_pair_step.i_auth_seq_id_2 
_ndb_struct_na_base_pair_step.i_PDB_ins_code_2 
_ndb_struct_na_base_pair_step.j_auth_asym_id_2 
_ndb_struct_na_base_pair_step.j_auth_seq_id_2 
_ndb_struct_na_base_pair_step.j_PDB_ins_code_2 
1 A G 2  1_555 A U 26 1_555 A C 3  1_555 A G 25 1_555 -0.356 -1.254 3.187 -3.939 5.209  43.931  -2.122 0.121  3.046 6.917  5.231   
44.390  1 AA_G2648C2649:G2671U2672_AA A 2648 ? A 2672 ? A 2649 ? A 2671 ? 
1 A C 3  1_555 A G 25 1_555 A U 4  1_555 A A 24 1_555 -0.033 -2.185 2.873 1.370  4.977  27.032  -5.593 0.345  2.434 10.526 -2.897  
27.511  2 AA_C2649U2650:A2670G2671_AA A 2649 ? A 2671 ? A 2650 ? A 2670 ? 
1 A U 4  1_555 A A 24 1_555 A C 5  1_555 A G 23 1_555 0.616  -1.401 3.105 0.600  3.989  36.499  -2.731 -0.902 2.950 6.344  -0.955  
36.713  3 AA_U2650C2651:G2669A2670_AA A 2650 ? A 2670 ? A 2651 ? A 2669 ? 
1 A C 5  1_555 A G 23 1_555 A C 6  1_555 A G 22 1_555 -0.715 -1.910 3.365 -0.359 7.542  32.426  -4.552 1.191  2.868 13.281 0.633   
33.271  4 AA_C2651C2652:G2668G2669_AA A 2651 ? A 2669 ? A 2652 ? A 2668 ? 
1 A C 6  1_555 A G 22 1_555 A U 7  1_555 A C 21 1_555 -0.573 -1.027 3.442 7.427  9.133  54.282  -1.648 1.059  3.147 9.880  -8.035  
55.449  5 AA_C2652U2653:C2667G2668_AA A 2652 ? A 2668 ? A 2653 ? A 2667 ? 
1 A U 7  1_555 A C 21 1_555 A U 10 1_555 A A 19 1_555 0.491  -0.916 6.222 5.313  -4.400 32.559  -0.180 0.858  6.288 -7.740 -9.346  
33.262  6 AA_U2653U2656:A2665C2667_AA A 2653 ? A 2667 ? A 2656 ? A 2665 ? 
1 A U 10 1_555 A A 19 1_555 A A 11 1_555 A G 18 1_555 5.139  -1.393 3.548 -2.387 -1.495 -11.258 9.424  21.369 4.317 7.471  -11.922 
-11.604 7 AA_U2656A2657:G2664A2665_AA A 2656 ? A 2665 ? A 2657 ? A 2664 ? 
1 A A 11 1_555 A G 18 1_555 A C 12 1_555 A G 17 1_555 0.084  -1.140 3.156 -1.397 3.283  59.461  -1.305 -0.152 3.092 3.307  1.407   
59.558  8 AA_A2657C2658:G2663G2664_AA A 2657 ? A 2664 ? A 2658 ? A 2663 ? 
1 A C 12 1_555 A G 17 1_555 A G 13 1_555 A A 16 1_555 -2.734 -1.319 2.949 -7.210 7.650  50.074  -2.023 2.705  3.070 8.925  8.411   
51.096  9 AA_C2658G2659:A2662G2663_AA A 2658 ? A 2663 ? A 2659 ? A 2662 ? 
# 
loop_
_pdbx_entity_nonpoly.entity_id 
_pdbx_entity_nonpoly.name 
_pdbx_entity_nonpoly.comp_id 
2 GLYCEROL GOL 
3 water    HOH 
# 
_pdbx_initial_refinement_model.id               1 
_pdbx_initial_refinement_model.entity_id_list   ? 
_pdbx_initial_refinement_model.type             'experimental model' 
_pdbx_initial_refinement_model.source_name      PDB 
_pdbx_initial_refinement_model.accession_code   1Q9A 
_pdbx_initial_refinement_model.details          ? 
# 
